data_6WY8
#
_entry.id   6WY8
#
_cell.length_a   76.620
_cell.length_b   138.610
_cell.length_c   147.030
_cell.angle_alpha   90.000
_cell.angle_beta   90.000
_cell.angle_gamma   90.000
#
_symmetry.space_group_name_H-M   'P 2 21 21'
#
loop_
_entity.id
_entity.type
_entity.pdbx_description
1 polymer 'Acyl-CoA dehydrogenase domain protein Tcur3481'
2 polymer 'Acyl-CoA dehydrogenase domain protein Tcur3483'
3 non-polymer 'TRIETHYLENE GLYCOL'
4 non-polymer 'FLAVIN-ADENINE DINUCLEOTIDE'
5 non-polymer 'CHLORIDE ION'
6 non-polymer '2-(N-MORPHOLINO)-ETHANESULFONIC ACID'
7 non-polymer 'SULFATE ION'
8 water water
#
loop_
_entity_poly.entity_id
_entity_poly.type
_entity_poly.pdbx_seq_one_letter_code
_entity_poly.pdbx_strand_id
1 'polypeptide(L)'
;MDFTLGEELTELQGLARQIFTDHATHQRLRAVETSESRIDETLWRELAGAGLLGVALPEAAGGAGLGLGALCVLLEEQGR
HVAPVPLWPTLVAALAIAEHGTAEQRDLLPGVVDGSRRLTVALEEFGVGDVAAPGCTAVPDGDGWRLSGTKAVVPSITGA
AHLLVSATGPDGPGLFLVDADAPGLSWERTETTSRDMAGNLTLDAVPARALGPAALPWTLDVARTALAAVQLGVASGALH
ITASYLKEREQFGRPLGTFQAVQHQLADCYIEIEAMRVCLWQAVCAAEDGATDGKAALVAKWWADEGGLNVVHRTQHLHG
GIGVDVDYPIHRYFLWGKQISGTLGGASADLQRLGDLIAEGAAS
;
A,C
2 'polypeptide(L)'
;MGSSHHHHHHSSGLVPRGSHMDLREPAALSELRAELRAYFNGLLPADERRRVGEQGVGGERFREVVKMLGSDGWLGYGWP
KEYGGQGRSISEQYVLFDEVQRAGLPFPFVTVNTVGPTLMKYGTEEQKKKYLPGILSGDIVFAIGYTEPGAGTDLASLTT
RAVRDGDEFVIDGSKIFTSGANTADYIWLACRTDPEAPKHKGISIIIVPTDAEGFSWSPIQTVGGMVVTATYYSGVRVPV
SEVVGEINGGWKLITTQLNHERIGLAALGGRMIRLWEDVVAWARDNGVLEQPWVRRDLARTYAKLEAMRLLNWKMTIAVE
NDELTGADAGATKAYGTETHIDVQRTLTGILGAAGRIRPESPGAVLAGQIEQLSRQGIVNTFGGGVNEVLRDMVATLGLG
MPRSRRA
;
B,D
#
loop_
_chem_comp.id
_chem_comp.type
_chem_comp.name
_chem_comp.formula
CL non-polymer 'CHLORIDE ION' 'Cl -1'
FAD non-polymer 'FLAVIN-ADENINE DINUCLEOTIDE' 'C27 H33 N9 O15 P2'
MES non-polymer '2-(N-MORPHOLINO)-ETHANESULFONIC ACID' 'C6 H13 N O4 S'
PGE non-polymer 'TRIETHYLENE GLYCOL' 'C6 H14 O4'
SO4 non-polymer 'SULFATE ION' 'O4 S -2'
#
# COMPACT_ATOMS: atom_id res chain seq x y z
N MET A 1 3.04 -2.03 -32.00
CA MET A 1 1.69 -1.62 -31.64
C MET A 1 1.51 -0.10 -31.76
N ASP A 2 0.55 0.46 -31.02
CA ASP A 2 0.22 1.87 -31.12
C ASP A 2 -0.70 2.27 -29.95
N PHE A 3 -0.33 3.33 -29.22
CA PHE A 3 -1.05 3.72 -28.02
C PHE A 3 -1.74 5.09 -28.20
N THR A 4 -2.16 5.41 -29.42
CA THR A 4 -2.81 6.66 -29.74
C THR A 4 -4.19 6.40 -30.33
N LEU A 5 -5.14 7.25 -29.99
CA LEU A 5 -6.44 7.20 -30.66
C LEU A 5 -6.27 7.64 -32.10
N GLY A 6 -6.98 7.00 -33.02
CA GLY A 6 -6.98 7.47 -34.39
C GLY A 6 -7.73 8.78 -34.59
N GLU A 7 -7.86 9.13 -35.87
CA GLU A 7 -8.58 10.34 -36.29
C GLU A 7 -10.00 10.33 -35.69
N GLU A 8 -10.78 9.29 -35.99
CA GLU A 8 -12.21 9.30 -35.72
C GLU A 8 -12.48 9.40 -34.23
N LEU A 9 -11.82 8.57 -33.43
CA LEU A 9 -12.05 8.58 -31.99
C LEU A 9 -11.56 9.88 -31.36
N THR A 10 -10.54 10.52 -31.94
CA THR A 10 -10.10 11.80 -31.42
C THR A 10 -11.14 12.87 -31.68
N GLU A 11 -11.73 12.85 -32.87
CA GLU A 11 -12.86 13.71 -33.17
C GLU A 11 -14.02 13.44 -32.21
N LEU A 12 -14.36 12.17 -32.02
CA LEU A 12 -15.43 11.82 -31.08
C LEU A 12 -15.14 12.35 -29.69
N GLN A 13 -13.91 12.17 -29.22
CA GLN A 13 -13.52 12.67 -27.90
C GLN A 13 -13.74 14.19 -27.78
N GLY A 14 -13.37 14.96 -28.82
CA GLY A 14 -13.56 16.40 -28.76
C GLY A 14 -15.03 16.80 -28.73
N LEU A 15 -15.87 16.11 -29.49
CA LEU A 15 -17.30 16.37 -29.47
C LEU A 15 -17.91 16.01 -28.11
N ALA A 16 -17.50 14.88 -27.53
CA ALA A 16 -18.00 14.55 -26.20
C ALA A 16 -17.49 15.56 -25.17
N ARG A 17 -16.24 15.96 -25.28
CA ARG A 17 -15.72 16.92 -24.32
C ARG A 17 -16.52 18.21 -24.34
N GLN A 18 -16.86 18.69 -25.54
CA GLN A 18 -17.56 19.96 -25.65
C GLN A 18 -18.93 19.84 -25.01
N ILE A 19 -19.63 18.76 -25.29
CA ILE A 19 -21.00 18.64 -24.84
C ILE A 19 -21.05 18.49 -23.32
N PHE A 20 -20.16 17.67 -22.74
CA PHE A 20 -20.14 17.49 -21.28
C PHE A 20 -19.70 18.77 -20.59
N THR A 21 -18.73 19.45 -21.18
CA THR A 21 -18.30 20.74 -20.66
C THR A 21 -19.43 21.76 -20.67
N ASP A 22 -20.24 21.75 -21.72
CA ASP A 22 -21.32 22.72 -21.82
C ASP A 22 -22.36 22.52 -20.73
N HIS A 23 -22.60 21.26 -20.35
CA HIS A 23 -23.72 20.92 -19.50
C HIS A 23 -23.36 20.62 -18.05
N ALA A 24 -22.17 20.09 -17.78
CA ALA A 24 -21.85 19.63 -16.44
C ALA A 24 -21.20 20.75 -15.64
N THR A 25 -21.93 21.86 -15.56
CA THR A 25 -21.57 23.02 -14.77
C THR A 25 -21.99 22.81 -13.32
N HIS A 26 -21.45 23.63 -12.42
CA HIS A 26 -21.83 23.54 -11.02
C HIS A 26 -23.34 23.69 -10.83
N GLN A 27 -23.93 24.68 -11.51
CA GLN A 27 -25.36 24.93 -11.40
C GLN A 27 -26.17 23.73 -11.91
N ARG A 28 -25.87 23.20 -13.08
CA ARG A 28 -26.66 22.10 -13.61
C ARG A 28 -26.51 20.84 -12.75
N LEU A 29 -25.28 20.54 -12.29
CA LEU A 29 -25.09 19.35 -11.48
C LEU A 29 -25.92 19.44 -10.22
N ARG A 30 -25.91 20.61 -9.58
CA ARG A 30 -26.68 20.78 -8.35
C ARG A 30 -28.18 20.59 -8.61
N ALA A 31 -28.70 21.15 -9.70
CA ALA A 31 -30.12 20.94 -10.02
C ALA A 31 -30.38 19.45 -10.34
N VAL A 32 -29.52 18.82 -11.11
CA VAL A 32 -29.88 17.47 -11.54
C VAL A 32 -29.77 16.49 -10.37
N GLU A 33 -28.78 16.69 -9.49
CA GLU A 33 -28.53 15.81 -8.37
C GLU A 33 -29.54 15.98 -7.25
N THR A 34 -30.41 16.99 -7.32
CA THR A 34 -31.54 17.12 -6.43
C THR A 34 -32.88 16.94 -7.14
N SER A 35 -32.86 16.46 -8.37
CA SER A 35 -34.13 16.26 -9.08
C SER A 35 -34.67 14.86 -8.79
N GLU A 36 -35.86 14.57 -9.33
CA GLU A 36 -36.51 13.28 -9.07
C GLU A 36 -35.87 12.14 -9.85
N SER A 37 -35.44 12.39 -11.08
CA SER A 37 -34.81 11.35 -11.89
C SER A 37 -33.32 11.24 -11.64
N ARG A 38 -32.68 12.31 -11.17
CA ARG A 38 -31.22 12.40 -11.04
C ARG A 38 -30.51 12.24 -12.38
N ILE A 39 -31.21 12.45 -13.50
CA ILE A 39 -30.65 12.26 -14.84
C ILE A 39 -30.72 13.59 -15.59
N ASP A 40 -29.61 13.99 -16.23
CA ASP A 40 -29.61 15.23 -17.03
C ASP A 40 -30.23 14.99 -18.41
N GLU A 41 -31.52 15.30 -18.51
CA GLU A 41 -32.29 15.03 -19.72
C GLU A 41 -31.88 15.96 -20.87
N THR A 42 -31.54 17.21 -20.56
CA THR A 42 -30.99 18.11 -21.57
C THR A 42 -29.71 17.53 -22.17
N LEU A 43 -28.79 17.09 -21.31
CA LEU A 43 -27.54 16.51 -21.80
C LEU A 43 -27.82 15.29 -22.67
N TRP A 44 -28.73 14.41 -22.21
CA TRP A 44 -29.12 13.24 -23.01
C TRP A 44 -29.56 13.63 -24.40
N ARG A 45 -30.37 14.69 -24.51
CA ARG A 45 -30.84 15.12 -25.82
C ARG A 45 -29.70 15.67 -26.68
N GLU A 46 -28.74 16.38 -26.08
CA GLU A 46 -27.63 16.94 -26.87
C GLU A 46 -26.71 15.83 -27.35
N LEU A 47 -26.59 14.77 -26.55
CA LEU A 47 -25.79 13.62 -26.94
C LEU A 47 -26.41 12.94 -28.13
N ALA A 48 -27.74 12.80 -28.11
CA ALA A 48 -28.42 12.16 -29.21
C ALA A 48 -28.26 12.97 -30.47
N GLY A 49 -28.57 14.26 -30.40
CA GLY A 49 -28.47 15.11 -31.58
C GLY A 49 -27.07 15.15 -32.17
N ALA A 50 -26.05 15.11 -31.31
CA ALA A 50 -24.67 15.14 -31.76
C ALA A 50 -24.21 13.81 -32.36
N GLY A 51 -25.06 12.76 -32.37
CA GLY A 51 -24.67 11.45 -32.84
C GLY A 51 -23.95 10.59 -31.82
N LEU A 52 -23.76 11.06 -30.59
CA LEU A 52 -22.95 10.30 -29.66
C LEU A 52 -23.65 9.07 -29.08
N LEU A 53 -24.99 9.06 -29.03
CA LEU A 53 -25.64 7.82 -28.62
C LEU A 53 -25.48 6.74 -29.67
N GLY A 54 -25.35 7.13 -30.93
CA GLY A 54 -25.29 6.11 -31.97
C GLY A 54 -23.89 5.71 -32.41
N VAL A 55 -22.87 6.39 -31.89
CA VAL A 55 -21.54 6.21 -32.48
C VAL A 55 -21.01 4.79 -32.26
N ALA A 56 -21.34 4.16 -31.11
CA ALA A 56 -20.87 2.82 -30.84
C ALA A 56 -21.79 1.72 -31.40
N LEU A 57 -22.96 2.07 -31.95
N LEU A 57 -22.95 2.07 -31.94
CA LEU A 57 -23.97 1.11 -32.34
CA LEU A 57 -23.96 1.10 -32.34
C LEU A 57 -23.91 0.82 -33.83
C LEU A 57 -23.90 0.80 -33.83
N PRO A 58 -24.56 -0.25 -34.27
CA PRO A 58 -24.46 -0.65 -35.68
C PRO A 58 -25.05 0.36 -36.64
N GLU A 59 -24.50 0.36 -37.86
CA GLU A 59 -25.01 1.24 -38.90
C GLU A 59 -26.44 0.89 -39.28
N ALA A 60 -26.78 -0.40 -39.29
CA ALA A 60 -28.17 -0.80 -39.54
C ALA A 60 -29.16 0.00 -38.70
N ALA A 61 -28.78 0.31 -37.45
CA ALA A 61 -29.64 1.01 -36.51
C ALA A 61 -29.51 2.53 -36.62
N GLY A 62 -28.75 3.03 -37.58
CA GLY A 62 -28.54 4.45 -37.72
C GLY A 62 -27.37 5.01 -36.95
N GLY A 63 -26.56 4.16 -36.31
CA GLY A 63 -25.34 4.59 -35.66
C GLY A 63 -24.13 4.42 -36.57
N ALA A 64 -22.94 4.69 -35.99
CA ALA A 64 -21.73 4.81 -36.78
C ALA A 64 -20.95 3.49 -36.87
N GLY A 65 -21.24 2.53 -36.01
CA GLY A 65 -20.55 1.27 -36.07
C GLY A 65 -19.15 1.25 -35.54
N LEU A 66 -18.75 2.23 -34.73
CA LEU A 66 -17.41 2.30 -34.16
C LEU A 66 -17.20 1.37 -32.94
N GLY A 67 -18.24 0.79 -32.35
CA GLY A 67 -18.07 -0.28 -31.37
C GLY A 67 -17.56 0.14 -29.99
N LEU A 68 -16.91 -0.82 -29.34
CA LEU A 68 -16.62 -0.69 -27.92
C LEU A 68 -15.62 0.43 -27.64
N GLY A 69 -14.61 0.58 -28.50
CA GLY A 69 -13.63 1.64 -28.29
C GLY A 69 -14.26 3.02 -28.37
N ALA A 70 -15.19 3.21 -29.30
CA ALA A 70 -16.01 4.43 -29.32
C ALA A 70 -16.73 4.64 -27.99
N LEU A 71 -17.38 3.59 -27.48
CA LEU A 71 -18.08 3.75 -26.21
C LEU A 71 -17.11 4.17 -25.11
N CYS A 72 -15.92 3.55 -25.04
CA CYS A 72 -14.99 3.89 -23.96
C CYS A 72 -14.46 5.31 -24.06
N VAL A 73 -14.27 5.81 -25.29
CA VAL A 73 -13.84 7.20 -25.42
C VAL A 73 -14.92 8.12 -24.88
N LEU A 74 -16.17 7.81 -25.19
CA LEU A 74 -17.26 8.63 -24.70
C LEU A 74 -17.39 8.54 -23.18
N LEU A 75 -17.29 7.31 -22.63
CA LEU A 75 -17.44 7.11 -21.20
C LEU A 75 -16.30 7.73 -20.42
N GLU A 76 -15.07 7.72 -20.98
CA GLU A 76 -13.98 8.40 -20.32
C GLU A 76 -14.28 9.89 -20.20
N GLU A 77 -14.77 10.53 -21.29
CA GLU A 77 -15.12 11.95 -21.18
C GLU A 77 -16.25 12.17 -20.17
N GLN A 78 -17.25 11.31 -20.15
CA GLN A 78 -18.30 11.43 -19.13
C GLN A 78 -17.69 11.45 -17.74
N GLY A 79 -16.79 10.49 -17.46
CA GLY A 79 -16.23 10.39 -16.13
C GLY A 79 -15.42 11.61 -15.78
N ARG A 80 -14.71 12.16 -16.78
CA ARG A 80 -13.90 13.34 -16.55
C ARG A 80 -14.74 14.53 -16.10
N HIS A 81 -16.03 14.55 -16.47
CA HIS A 81 -16.96 15.61 -16.09
C HIS A 81 -18.01 15.15 -15.08
N VAL A 82 -17.89 13.96 -14.50
CA VAL A 82 -18.89 13.40 -13.60
C VAL A 82 -20.30 13.80 -14.04
N ALA A 83 -20.59 13.67 -15.36
CA ALA A 83 -21.88 14.15 -15.85
C ALA A 83 -22.97 13.08 -15.67
N PRO A 84 -24.15 13.43 -15.07
CA PRO A 84 -25.14 12.38 -14.74
C PRO A 84 -26.10 12.01 -15.87
N VAL A 85 -25.69 11.04 -16.69
CA VAL A 85 -26.56 10.41 -17.69
C VAL A 85 -26.23 8.94 -17.76
N PRO A 86 -27.22 8.13 -18.03
CA PRO A 86 -27.02 6.66 -18.00
C PRO A 86 -26.45 6.14 -19.30
N LEU A 87 -25.26 6.64 -19.64
CA LEU A 87 -24.58 6.20 -20.87
C LEU A 87 -24.19 4.73 -20.82
N TRP A 88 -23.53 4.30 -19.73
CA TRP A 88 -23.05 2.92 -19.80
C TRP A 88 -24.22 1.93 -19.65
N PRO A 89 -25.24 2.19 -18.82
CA PRO A 89 -26.34 1.21 -18.77
C PRO A 89 -27.12 1.14 -20.08
N THR A 90 -27.42 2.29 -20.71
CA THR A 90 -28.12 2.28 -21.99
C THR A 90 -27.25 1.69 -23.10
N LEU A 91 -25.99 2.12 -23.22
CA LEU A 91 -25.22 1.71 -24.38
C LEU A 91 -24.62 0.30 -24.22
N VAL A 92 -24.35 -0.15 -22.99
CA VAL A 92 -23.99 -1.56 -22.79
C VAL A 92 -25.18 -2.46 -23.13
N ALA A 93 -26.37 -2.13 -22.61
CA ALA A 93 -27.57 -2.84 -23.03
C ALA A 93 -27.74 -2.82 -24.55
N ALA A 94 -27.57 -1.66 -25.18
CA ALA A 94 -27.73 -1.58 -26.63
C ALA A 94 -26.74 -2.48 -27.35
N LEU A 95 -25.47 -2.51 -26.89
CA LEU A 95 -24.46 -3.38 -27.50
C LEU A 95 -24.80 -4.87 -27.31
N ALA A 96 -25.27 -5.26 -26.11
CA ALA A 96 -25.73 -6.62 -25.88
C ALA A 96 -26.80 -7.02 -26.90
N ILE A 97 -27.79 -6.14 -27.11
CA ILE A 97 -28.86 -6.44 -28.05
C ILE A 97 -28.32 -6.51 -29.47
N ALA A 98 -27.44 -5.57 -29.86
CA ALA A 98 -26.92 -5.61 -31.22
C ALA A 98 -26.20 -6.93 -31.48
N GLU A 99 -25.52 -7.45 -30.46
CA GLU A 99 -24.69 -8.64 -30.59
C GLU A 99 -25.47 -9.94 -30.39
N HIS A 100 -26.40 -9.99 -29.43
CA HIS A 100 -27.04 -11.24 -29.05
C HIS A 100 -28.57 -11.18 -29.09
N GLY A 101 -29.14 -10.10 -29.61
CA GLY A 101 -30.57 -9.97 -29.60
C GLY A 101 -31.24 -10.49 -30.85
N THR A 102 -32.53 -10.77 -30.74
CA THR A 102 -33.32 -11.13 -31.89
C THR A 102 -33.48 -9.91 -32.81
N ALA A 103 -33.89 -10.14 -34.05
CA ALA A 103 -34.24 -9.03 -34.93
C ALA A 103 -35.26 -8.11 -34.26
N GLU A 104 -36.25 -8.69 -33.57
CA GLU A 104 -37.25 -7.89 -32.88
C GLU A 104 -36.60 -6.97 -31.86
N GLN A 105 -35.68 -7.52 -31.06
CA GLN A 105 -35.05 -6.69 -30.06
C GLN A 105 -34.16 -5.62 -30.69
N ARG A 106 -33.51 -5.95 -31.80
CA ARG A 106 -32.69 -4.95 -32.49
C ARG A 106 -33.55 -3.83 -33.08
N ASP A 107 -34.86 -4.04 -33.20
CA ASP A 107 -35.71 -2.92 -33.59
C ASP A 107 -35.80 -1.84 -32.53
N LEU A 108 -35.38 -2.13 -31.29
CA LEU A 108 -35.34 -1.09 -30.27
C LEU A 108 -34.23 -0.07 -30.51
N LEU A 109 -33.20 -0.43 -31.28
CA LEU A 109 -31.97 0.37 -31.28
C LEU A 109 -32.08 1.71 -31.98
N PRO A 110 -32.88 1.85 -33.05
CA PRO A 110 -33.06 3.20 -33.60
C PRO A 110 -33.59 4.19 -32.56
N GLY A 111 -34.47 3.75 -31.65
CA GLY A 111 -34.95 4.66 -30.63
C GLY A 111 -33.86 5.06 -29.64
N VAL A 112 -32.89 4.17 -29.39
CA VAL A 112 -31.78 4.51 -28.53
C VAL A 112 -30.88 5.53 -29.21
N VAL A 113 -30.66 5.36 -30.51
CA VAL A 113 -29.78 6.25 -31.23
C VAL A 113 -30.36 7.65 -31.28
N ASP A 114 -31.67 7.79 -31.51
CA ASP A 114 -32.22 9.12 -31.65
C ASP A 114 -32.57 9.75 -30.31
N GLY A 115 -32.35 9.04 -29.21
CA GLY A 115 -32.44 9.61 -27.88
C GLY A 115 -33.79 9.48 -27.21
N SER A 116 -34.73 8.77 -27.83
CA SER A 116 -36.07 8.62 -27.29
C SER A 116 -36.23 7.38 -26.44
N ARG A 117 -35.28 6.45 -26.46
CA ARG A 117 -35.42 5.21 -25.71
C ARG A 117 -34.19 4.99 -24.84
N ARG A 118 -34.38 4.95 -23.53
CA ARG A 118 -33.27 4.63 -22.64
C ARG A 118 -33.47 3.22 -22.07
N LEU A 119 -32.34 2.60 -21.76
CA LEU A 119 -32.33 1.23 -21.25
C LEU A 119 -31.54 1.23 -19.95
N THR A 120 -31.64 0.14 -19.21
CA THR A 120 -30.69 -0.08 -18.14
C THR A 120 -30.46 -1.58 -18.02
N VAL A 121 -29.51 -1.95 -17.16
CA VAL A 121 -29.11 -3.34 -16.95
C VAL A 121 -29.25 -3.67 -15.47
N ALA A 122 -29.78 -4.85 -15.18
CA ALA A 122 -30.02 -5.33 -13.82
C ALA A 122 -29.16 -6.57 -13.65
N LEU A 123 -27.94 -6.35 -13.22
CA LEU A 123 -26.95 -7.41 -13.18
C LEU A 123 -26.54 -7.77 -11.77
N GLU A 124 -27.14 -7.15 -10.75
CA GLU A 124 -26.66 -7.32 -9.38
C GLU A 124 -27.79 -7.68 -8.44
N GLU A 125 -27.41 -8.36 -7.35
CA GLU A 125 -28.34 -8.80 -6.33
C GLU A 125 -27.71 -8.55 -4.97
N PHE A 126 -28.55 -8.51 -3.98
CA PHE A 126 -28.11 -8.34 -2.60
C PHE A 126 -27.52 -9.64 -2.08
N GLY A 127 -26.61 -9.52 -1.11
CA GLY A 127 -25.99 -10.67 -0.48
C GLY A 127 -24.75 -11.10 -1.26
N VAL A 128 -24.59 -12.40 -1.46
CA VAL A 128 -23.43 -12.88 -2.19
C VAL A 128 -23.31 -12.18 -3.54
N GLY A 129 -24.41 -12.11 -4.29
CA GLY A 129 -24.42 -11.33 -5.52
C GLY A 129 -23.39 -11.72 -6.56
N ASP A 130 -23.21 -13.01 -6.81
CA ASP A 130 -22.32 -13.46 -7.86
C ASP A 130 -22.90 -13.08 -9.22
N VAL A 131 -22.33 -12.07 -9.88
CA VAL A 131 -22.98 -11.59 -11.11
C VAL A 131 -23.01 -12.65 -12.20
N ALA A 132 -22.13 -13.67 -12.14
CA ALA A 132 -22.12 -14.71 -13.15
C ALA A 132 -23.13 -15.82 -12.87
N ALA A 133 -23.71 -15.83 -11.67
CA ALA A 133 -24.63 -16.89 -11.25
C ALA A 133 -25.83 -16.26 -10.56
N PRO A 134 -26.67 -15.52 -11.33
CA PRO A 134 -27.80 -14.78 -10.72
C PRO A 134 -28.74 -15.69 -9.96
N GLY A 135 -29.15 -15.24 -8.78
CA GLY A 135 -30.16 -15.98 -8.01
C GLY A 135 -31.55 -15.87 -8.62
N CYS A 136 -31.87 -14.71 -9.22
CA CYS A 136 -33.15 -14.46 -9.87
C CYS A 136 -33.42 -15.61 -10.85
N THR A 137 -34.63 -16.16 -10.83
CA THR A 137 -34.92 -17.33 -11.67
C THR A 137 -35.69 -16.95 -12.92
N ALA A 138 -35.48 -17.72 -14.00
CA ALA A 138 -36.24 -17.58 -15.22
C ALA A 138 -36.97 -18.89 -15.46
N VAL A 139 -38.28 -18.82 -15.60
CA VAL A 139 -39.13 -19.98 -15.79
C VAL A 139 -39.75 -19.90 -17.18
N PRO A 140 -39.66 -20.96 -18.00
CA PRO A 140 -40.26 -20.91 -19.33
C PRO A 140 -41.76 -20.65 -19.26
N ASP A 141 -42.24 -19.90 -20.22
CA ASP A 141 -43.67 -19.59 -20.32
C ASP A 141 -43.97 -19.72 -21.81
N GLY A 142 -44.19 -20.96 -22.24
CA GLY A 142 -44.37 -21.20 -23.65
C GLY A 142 -43.06 -20.87 -24.35
N ASP A 143 -43.11 -20.00 -25.34
CA ASP A 143 -41.89 -19.63 -26.07
C ASP A 143 -41.12 -18.48 -25.45
N GLY A 144 -41.71 -17.79 -24.49
CA GLY A 144 -41.08 -16.75 -23.71
C GLY A 144 -40.68 -17.23 -22.32
N TRP A 145 -40.50 -16.29 -21.38
CA TRP A 145 -40.03 -16.57 -20.03
C TRP A 145 -40.78 -15.68 -19.03
N ARG A 146 -40.76 -16.09 -17.77
CA ARG A 146 -41.18 -15.25 -16.66
C ARG A 146 -40.11 -15.28 -15.57
N LEU A 147 -39.79 -14.11 -15.03
CA LEU A 147 -38.73 -13.94 -14.05
C LEU A 147 -39.31 -13.67 -12.68
N SER A 148 -38.70 -14.27 -11.65
CA SER A 148 -39.07 -14.08 -10.25
C SER A 148 -37.81 -14.00 -9.42
N GLY A 149 -37.74 -12.99 -8.56
CA GLY A 149 -36.54 -12.69 -7.82
C GLY A 149 -36.43 -11.20 -7.58
N THR A 150 -35.27 -10.79 -7.08
N THR A 150 -35.27 -10.78 -7.05
CA THR A 150 -34.96 -9.39 -6.80
CA THR A 150 -34.98 -9.38 -6.78
C THR A 150 -33.63 -9.03 -7.44
C THR A 150 -33.64 -9.01 -7.42
N LYS A 151 -33.54 -7.80 -7.96
CA LYS A 151 -32.28 -7.25 -8.45
C LYS A 151 -32.00 -5.97 -7.65
N ALA A 152 -30.75 -5.79 -7.24
CA ALA A 152 -30.35 -4.69 -6.37
C ALA A 152 -29.83 -3.48 -7.16
N VAL A 153 -30.18 -2.27 -6.69
N VAL A 153 -30.25 -2.28 -6.73
CA VAL A 153 -29.67 -0.98 -7.19
CA VAL A 153 -29.70 -1.00 -7.17
C VAL A 153 -29.46 -0.97 -8.70
C VAL A 153 -29.47 -0.96 -8.68
N VAL A 154 -30.54 -1.15 -9.44
CA VAL A 154 -30.50 -1.07 -10.88
C VAL A 154 -30.31 0.40 -11.28
N PRO A 155 -29.27 0.75 -12.05
CA PRO A 155 -28.88 2.16 -12.17
C PRO A 155 -29.87 2.95 -13.00
N SER A 156 -30.01 4.24 -12.66
CA SER A 156 -30.72 5.22 -13.48
C SER A 156 -31.98 4.63 -14.07
N ILE A 157 -32.81 4.13 -13.16
CA ILE A 157 -34.01 3.44 -13.57
C ILE A 157 -35.10 4.40 -14.05
N THR A 158 -35.11 5.66 -13.59
CA THR A 158 -36.24 6.54 -13.94
C THR A 158 -36.27 6.84 -15.44
N GLY A 159 -37.42 6.61 -16.05
CA GLY A 159 -37.52 6.87 -17.48
C GLY A 159 -36.92 5.81 -18.37
N ALA A 160 -36.47 4.68 -17.82
CA ALA A 160 -35.95 3.61 -18.64
C ALA A 160 -37.13 2.84 -19.22
N ALA A 161 -37.13 2.66 -20.55
CA ALA A 161 -38.21 1.92 -21.17
C ALA A 161 -38.01 0.41 -21.11
N HIS A 162 -36.79 -0.06 -20.91
CA HIS A 162 -36.53 -1.50 -20.94
C HIS A 162 -35.35 -1.79 -20.06
N LEU A 163 -35.33 -3.00 -19.51
CA LEU A 163 -34.25 -3.48 -18.68
C LEU A 163 -33.73 -4.79 -19.25
N LEU A 164 -32.42 -4.99 -19.17
N LEU A 164 -32.42 -4.99 -19.16
CA LEU A 164 -31.80 -6.29 -19.37
CA LEU A 164 -31.78 -6.29 -19.36
C LEU A 164 -31.57 -6.88 -17.98
C LEU A 164 -31.57 -6.88 -17.98
N VAL A 165 -32.22 -8.00 -17.68
CA VAL A 165 -32.18 -8.62 -16.36
C VAL A 165 -31.45 -9.96 -16.48
N SER A 166 -30.41 -10.18 -15.67
CA SER A 166 -29.74 -11.48 -15.64
C SER A 166 -30.49 -12.44 -14.72
N ALA A 167 -30.66 -13.67 -15.18
CA ALA A 167 -31.37 -14.65 -14.37
C ALA A 167 -30.96 -16.05 -14.82
N THR A 168 -31.27 -17.02 -13.95
CA THR A 168 -30.90 -18.41 -14.16
C THR A 168 -32.11 -19.20 -14.62
N GLY A 169 -31.99 -19.81 -15.77
CA GLY A 169 -33.03 -20.64 -16.32
C GLY A 169 -32.65 -22.10 -16.22
N PRO A 170 -33.45 -22.98 -16.82
CA PRO A 170 -33.12 -24.41 -16.76
C PRO A 170 -31.81 -24.74 -17.45
N ASP A 171 -31.32 -23.90 -18.36
CA ASP A 171 -30.06 -24.16 -19.03
C ASP A 171 -28.92 -23.27 -18.54
N GLY A 172 -29.07 -22.67 -17.35
CA GLY A 172 -28.02 -21.85 -16.78
C GLY A 172 -28.33 -20.37 -16.79
N PRO A 173 -27.32 -19.56 -16.47
CA PRO A 173 -27.51 -18.10 -16.40
C PRO A 173 -27.77 -17.52 -17.78
N GLY A 174 -28.66 -16.52 -17.83
CA GLY A 174 -28.94 -15.85 -19.09
C GLY A 174 -29.28 -14.39 -18.91
N LEU A 175 -29.58 -13.73 -20.03
CA LEU A 175 -29.89 -12.31 -20.01
C LEU A 175 -31.22 -12.11 -20.74
N PHE A 176 -32.16 -11.40 -20.11
CA PHE A 176 -33.54 -11.30 -20.56
C PHE A 176 -33.94 -9.84 -20.66
N LEU A 177 -34.65 -9.50 -21.75
CA LEU A 177 -35.23 -8.18 -21.93
C LEU A 177 -36.60 -8.11 -21.28
N VAL A 178 -36.79 -7.06 -20.46
CA VAL A 178 -38.02 -6.79 -19.73
C VAL A 178 -38.43 -5.36 -20.02
N ASP A 179 -39.70 -5.14 -20.32
CA ASP A 179 -40.22 -3.78 -20.46
C ASP A 179 -40.47 -3.20 -19.08
N ALA A 180 -40.25 -1.89 -18.95
CA ALA A 180 -40.32 -1.31 -17.61
C ALA A 180 -41.77 -1.24 -17.08
N ASP A 181 -42.77 -1.38 -17.94
CA ASP A 181 -44.15 -1.41 -17.49
C ASP A 181 -44.70 -2.83 -17.37
N ALA A 182 -43.85 -3.84 -17.38
CA ALA A 182 -44.32 -5.21 -17.46
C ALA A 182 -45.07 -5.57 -16.18
N PRO A 183 -46.08 -6.43 -16.28
CA PRO A 183 -46.85 -6.81 -15.09
C PRO A 183 -46.00 -7.62 -14.13
N GLY A 184 -46.23 -7.42 -12.83
CA GLY A 184 -45.43 -8.08 -11.82
C GLY A 184 -44.12 -7.41 -11.51
N LEU A 185 -43.72 -6.39 -12.25
CA LEU A 185 -42.46 -5.71 -12.02
C LEU A 185 -42.71 -4.45 -11.19
N SER A 186 -41.96 -4.28 -10.12
CA SER A 186 -41.97 -3.04 -9.36
C SER A 186 -40.57 -2.75 -8.85
N TRP A 187 -40.34 -1.50 -8.44
CA TRP A 187 -39.08 -1.19 -7.77
C TRP A 187 -39.27 -0.10 -6.73
N GLU A 188 -38.31 -0.01 -5.83
CA GLU A 188 -38.22 1.04 -4.84
C GLU A 188 -37.07 1.95 -5.22
N ARG A 189 -37.34 3.24 -5.33
CA ARG A 189 -36.27 4.17 -5.66
C ARG A 189 -35.27 4.18 -4.51
N THR A 190 -33.99 4.15 -4.84
CA THR A 190 -32.98 4.17 -3.79
C THR A 190 -31.80 5.01 -4.22
N GLU A 191 -31.42 5.95 -3.36
CA GLU A 191 -30.34 6.87 -3.68
C GLU A 191 -28.98 6.23 -3.42
N THR A 192 -28.06 6.37 -4.37
CA THR A 192 -26.73 5.78 -4.22
C THR A 192 -25.66 6.85 -3.92
N THR A 193 -24.46 6.35 -3.60
CA THR A 193 -23.29 7.20 -3.36
C THR A 193 -23.13 8.30 -4.41
N SER A 194 -23.19 7.97 -5.70
CA SER A 194 -23.02 8.96 -6.75
C SER A 194 -24.20 9.96 -6.84
N ARG A 195 -25.28 9.74 -6.08
CA ARG A 195 -26.45 10.61 -6.08
C ARG A 195 -27.35 10.18 -7.23
N ASP A 196 -27.00 9.08 -7.90
CA ASP A 196 -27.94 8.52 -8.85
C ASP A 196 -29.16 8.04 -8.09
N MET A 197 -30.27 7.91 -8.81
CA MET A 197 -31.47 7.26 -8.27
C MET A 197 -31.57 5.89 -8.92
N ALA A 198 -31.30 4.87 -8.14
CA ALA A 198 -31.37 3.50 -8.59
C ALA A 198 -32.71 2.88 -8.19
N GLY A 199 -32.96 1.69 -8.67
CA GLY A 199 -34.15 0.94 -8.27
C GLY A 199 -33.82 -0.46 -7.78
N ASN A 200 -34.41 -0.82 -6.65
CA ASN A 200 -34.39 -2.21 -6.17
C ASN A 200 -35.60 -2.90 -6.81
N LEU A 201 -35.35 -3.87 -7.68
CA LEU A 201 -36.39 -4.44 -8.52
C LEU A 201 -36.94 -5.69 -7.88
N THR A 202 -38.28 -5.77 -7.82
CA THR A 202 -39.01 -6.99 -7.48
C THR A 202 -39.66 -7.54 -8.74
N LEU A 203 -39.42 -8.83 -9.02
CA LEU A 203 -39.99 -9.48 -10.20
C LEU A 203 -40.88 -10.62 -9.72
N ASP A 204 -42.18 -10.49 -9.96
CA ASP A 204 -43.16 -11.53 -9.64
C ASP A 204 -43.65 -12.14 -10.96
N ALA A 205 -42.96 -13.19 -11.43
CA ALA A 205 -43.30 -13.85 -12.70
C ALA A 205 -43.49 -12.83 -13.84
N VAL A 206 -42.46 -12.01 -14.05
CA VAL A 206 -42.51 -10.90 -15.00
C VAL A 206 -42.22 -11.45 -16.40
N PRO A 207 -43.04 -11.16 -17.41
CA PRO A 207 -42.75 -11.69 -18.74
C PRO A 207 -41.48 -11.09 -19.30
N ALA A 208 -40.70 -11.91 -20.02
CA ALA A 208 -39.40 -11.48 -20.52
C ALA A 208 -39.04 -12.28 -21.77
N ARG A 209 -38.12 -11.71 -22.57
CA ARG A 209 -37.61 -12.35 -23.78
C ARG A 209 -36.11 -12.58 -23.64
N ALA A 210 -35.66 -13.80 -23.92
CA ALA A 210 -34.24 -14.12 -23.78
C ALA A 210 -33.44 -13.52 -24.92
N LEU A 211 -32.22 -13.05 -24.59
CA LEU A 211 -31.21 -12.85 -25.59
C LEU A 211 -30.50 -14.17 -25.89
N GLY A 212 -29.52 -14.12 -26.79
CA GLY A 212 -28.75 -15.29 -27.18
C GLY A 212 -28.02 -15.96 -26.03
N PRO A 213 -27.71 -17.24 -26.20
CA PRO A 213 -27.12 -18.01 -25.08
C PRO A 213 -25.79 -17.47 -24.56
N ALA A 214 -24.99 -16.78 -25.38
CA ALA A 214 -23.74 -16.22 -24.88
C ALA A 214 -23.88 -14.83 -24.28
N ALA A 215 -25.09 -14.27 -24.23
CA ALA A 215 -25.23 -12.85 -23.92
C ALA A 215 -24.64 -12.48 -22.56
N LEU A 216 -24.86 -13.29 -21.51
CA LEU A 216 -24.52 -12.81 -20.17
C LEU A 216 -23.02 -12.71 -19.93
N PRO A 217 -22.21 -13.76 -20.13
CA PRO A 217 -20.75 -13.56 -19.94
C PRO A 217 -20.18 -12.45 -20.82
N TRP A 218 -20.60 -12.37 -22.08
CA TRP A 218 -20.18 -11.25 -22.95
C TRP A 218 -20.55 -9.90 -22.33
N THR A 219 -21.78 -9.77 -21.84
CA THR A 219 -22.24 -8.46 -21.37
C THR A 219 -21.51 -8.05 -20.10
N LEU A 220 -21.23 -9.02 -19.22
CA LEU A 220 -20.51 -8.73 -17.98
C LEU A 220 -19.11 -8.21 -18.29
N ASP A 221 -18.46 -8.80 -19.30
CA ASP A 221 -17.14 -8.32 -19.71
C ASP A 221 -17.21 -6.94 -20.36
N VAL A 222 -18.22 -6.70 -21.20
CA VAL A 222 -18.33 -5.36 -21.78
C VAL A 222 -18.64 -4.33 -20.67
N ALA A 223 -19.52 -4.69 -19.72
CA ALA A 223 -19.86 -3.75 -18.65
C ALA A 223 -18.64 -3.44 -17.77
N ARG A 224 -17.83 -4.47 -17.49
CA ARG A 224 -16.62 -4.24 -16.73
C ARG A 224 -15.70 -3.29 -17.46
N THR A 225 -15.59 -3.44 -18.78
CA THR A 225 -14.73 -2.56 -19.55
C THR A 225 -15.26 -1.13 -19.57
N ALA A 226 -16.58 -0.98 -19.77
CA ALA A 226 -17.21 0.34 -19.78
C ALA A 226 -17.04 1.05 -18.43
N LEU A 227 -17.28 0.33 -17.34
CA LEU A 227 -17.07 0.90 -16.00
C LEU A 227 -15.61 1.32 -15.81
N ALA A 228 -14.64 0.55 -16.32
CA ALA A 228 -13.23 0.95 -16.26
C ALA A 228 -13.00 2.25 -17.00
N ALA A 229 -13.66 2.42 -18.13
CA ALA A 229 -13.53 3.64 -18.93
C ALA A 229 -14.10 4.87 -18.19
N VAL A 230 -15.25 4.73 -17.52
CA VAL A 230 -15.77 5.84 -16.73
C VAL A 230 -14.76 6.21 -15.64
N GLN A 231 -14.28 5.19 -14.90
CA GLN A 231 -13.37 5.40 -13.78
C GLN A 231 -12.06 6.03 -14.20
N LEU A 232 -11.57 5.70 -15.40
CA LEU A 232 -10.37 6.35 -15.92
C LEU A 232 -10.60 7.84 -16.10
N GLY A 233 -11.79 8.21 -16.62
CA GLY A 233 -12.13 9.63 -16.73
C GLY A 233 -12.29 10.30 -15.38
N VAL A 234 -12.99 9.63 -14.44
CA VAL A 234 -13.09 10.16 -13.08
C VAL A 234 -11.69 10.42 -12.50
N ALA A 235 -10.84 9.39 -12.49
CA ALA A 235 -9.51 9.58 -11.88
C ALA A 235 -8.72 10.68 -12.59
N SER A 236 -8.81 10.72 -13.93
N SER A 236 -8.81 10.71 -13.93
CA SER A 236 -8.04 11.73 -14.66
CA SER A 236 -8.09 11.71 -14.71
C SER A 236 -8.55 13.14 -14.37
C SER A 236 -8.55 13.12 -14.35
N GLY A 237 -9.87 13.34 -14.34
CA GLY A 237 -10.38 14.67 -14.04
C GLY A 237 -10.02 15.08 -12.63
N ALA A 238 -10.09 14.13 -11.70
CA ALA A 238 -9.76 14.41 -10.31
C ALA A 238 -8.32 14.86 -10.17
N LEU A 239 -7.37 14.11 -10.75
CA LEU A 239 -5.97 14.51 -10.71
C LEU A 239 -5.77 15.90 -11.33
N HIS A 240 -6.37 16.15 -12.47
CA HIS A 240 -6.22 17.46 -13.12
C HIS A 240 -6.67 18.60 -12.19
N ILE A 241 -7.82 18.45 -11.53
CA ILE A 241 -8.34 19.51 -10.68
C ILE A 241 -7.40 19.75 -9.51
N THR A 242 -6.93 18.66 -8.89
CA THR A 242 -6.08 18.72 -7.72
C THR A 242 -4.74 19.37 -8.06
N ALA A 243 -4.12 18.93 -9.16
CA ALA A 243 -2.90 19.55 -9.64
C ALA A 243 -3.06 21.06 -9.75
N SER A 244 -4.08 21.52 -10.46
N SER A 244 -4.08 21.53 -10.47
CA SER A 244 -4.28 22.97 -10.61
CA SER A 244 -4.25 22.98 -10.60
C SER A 244 -4.47 23.64 -9.25
C SER A 244 -4.46 23.64 -9.24
N TYR A 245 -5.18 22.97 -8.34
CA TYR A 245 -5.42 23.55 -7.03
C TYR A 245 -4.12 23.73 -6.27
N LEU A 246 -3.27 22.71 -6.28
CA LEU A 246 -2.06 22.72 -5.46
C LEU A 246 -1.00 23.63 -6.03
N LYS A 247 -1.08 23.97 -7.33
CA LYS A 247 -0.12 24.94 -7.88
C LYS A 247 -0.37 26.33 -7.30
N GLU A 248 -1.62 26.62 -6.91
CA GLU A 248 -2.06 27.94 -6.47
C GLU A 248 -2.15 28.07 -4.95
N ARG A 249 -2.58 27.01 -4.25
CA ARG A 249 -2.80 27.10 -2.82
C ARG A 249 -1.47 27.17 -2.09
N GLU A 250 -1.25 28.24 -1.35
CA GLU A 250 -0.01 28.43 -0.61
C GLU A 250 -0.23 28.34 0.89
N GLN A 251 0.68 27.61 1.53
CA GLN A 251 0.83 27.58 2.98
C GLN A 251 2.33 27.59 3.27
N PHE A 252 2.71 28.18 4.40
CA PHE A 252 4.12 28.29 4.75
C PHE A 252 4.92 29.05 3.67
N GLY A 253 4.25 30.00 3.00
CA GLY A 253 4.91 30.87 2.05
C GLY A 253 5.23 30.28 0.70
N ARG A 254 4.65 29.15 0.34
CA ARG A 254 4.91 28.56 -0.98
C ARG A 254 3.73 27.71 -1.38
N PRO A 255 3.60 27.39 -2.66
CA PRO A 255 2.51 26.49 -3.07
C PRO A 255 2.61 25.13 -2.40
N LEU A 256 1.45 24.56 -2.09
CA LEU A 256 1.41 23.21 -1.55
C LEU A 256 2.09 22.22 -2.49
N GLY A 257 2.00 22.44 -3.80
CA GLY A 257 2.63 21.55 -4.76
C GLY A 257 4.16 21.57 -4.75
N THR A 258 4.78 22.39 -3.90
CA THR A 258 6.23 22.34 -3.72
C THR A 258 6.65 21.36 -2.61
N PHE A 259 5.71 20.80 -1.85
CA PHE A 259 6.08 19.85 -0.81
C PHE A 259 6.34 18.49 -1.42
N GLN A 260 7.47 17.89 -1.07
CA GLN A 260 7.82 16.63 -1.70
C GLN A 260 6.74 15.57 -1.44
N ALA A 261 6.15 15.54 -0.24
CA ALA A 261 5.13 14.52 0.01
C ALA A 261 3.92 14.72 -0.89
N VAL A 262 3.55 15.98 -1.15
CA VAL A 262 2.47 16.30 -2.08
C VAL A 262 2.83 15.85 -3.50
N GLN A 263 4.04 16.18 -3.95
CA GLN A 263 4.44 15.77 -5.29
C GLN A 263 4.40 14.24 -5.47
N HIS A 264 4.80 13.49 -4.44
CA HIS A 264 4.77 12.04 -4.57
C HIS A 264 3.35 11.48 -4.58
N GLN A 265 2.42 12.08 -3.84
CA GLN A 265 1.06 11.57 -3.93
C GLN A 265 0.50 11.83 -5.33
N LEU A 266 0.83 12.99 -5.89
CA LEU A 266 0.36 13.30 -7.24
C LEU A 266 0.97 12.34 -8.23
N ALA A 267 2.28 12.07 -8.09
CA ALA A 267 2.97 11.17 -8.99
C ALA A 267 2.38 9.77 -8.91
N ASP A 268 1.98 9.33 -7.71
CA ASP A 268 1.38 8.00 -7.58
C ASP A 268 0.05 7.92 -8.31
N CYS A 269 -0.72 9.02 -8.28
CA CYS A 269 -1.98 9.13 -9.02
C CYS A 269 -1.72 8.98 -10.51
N TYR A 270 -0.77 9.78 -10.99
CA TYR A 270 -0.35 9.75 -12.39
C TYR A 270 0.02 8.33 -12.83
N ILE A 271 0.80 7.62 -12.02
CA ILE A 271 1.19 6.25 -12.34
C ILE A 271 -0.04 5.34 -12.39
N GLU A 272 -0.91 5.42 -11.36
CA GLU A 272 -2.10 4.58 -11.37
C GLU A 272 -2.96 4.83 -12.62
N ILE A 273 -3.17 6.10 -12.98
CA ILE A 273 -3.96 6.42 -14.17
C ILE A 273 -3.32 5.85 -15.45
N GLU A 274 -1.99 5.95 -15.58
CA GLU A 274 -1.36 5.38 -16.79
C GLU A 274 -1.59 3.87 -16.86
N ALA A 275 -1.40 3.18 -15.72
CA ALA A 275 -1.65 1.75 -15.66
C ALA A 275 -3.12 1.42 -15.99
N MET A 276 -4.05 2.16 -15.38
CA MET A 276 -5.47 2.00 -15.68
C MET A 276 -5.74 2.11 -17.17
N ARG A 277 -5.11 3.09 -17.83
CA ARG A 277 -5.40 3.37 -19.23
C ARG A 277 -4.93 2.24 -20.12
N VAL A 278 -3.68 1.76 -19.95
CA VAL A 278 -3.21 0.72 -20.86
C VAL A 278 -4.02 -0.56 -20.65
N CYS A 279 -4.40 -0.81 -19.42
CA CYS A 279 -5.11 -2.04 -19.12
C CYS A 279 -6.57 -1.95 -19.67
N LEU A 280 -7.15 -0.74 -19.68
CA LEU A 280 -8.46 -0.51 -20.33
C LEU A 280 -8.38 -0.84 -21.83
N TRP A 281 -7.39 -0.27 -22.53
CA TRP A 281 -7.36 -0.48 -23.99
C TRP A 281 -6.97 -1.91 -24.36
N GLN A 282 -6.18 -2.57 -23.52
CA GLN A 282 -5.96 -4.01 -23.72
C GLN A 282 -7.27 -4.78 -23.66
N ALA A 283 -8.14 -4.42 -22.72
CA ALA A 283 -9.46 -5.06 -22.64
C ALA A 283 -10.30 -4.73 -23.88
N VAL A 284 -10.20 -3.50 -24.37
CA VAL A 284 -10.94 -3.18 -25.60
C VAL A 284 -10.42 -4.03 -26.76
N CYS A 285 -9.09 -4.12 -26.92
CA CYS A 285 -8.52 -4.92 -28.01
C CYS A 285 -8.85 -6.39 -27.87
N ALA A 286 -8.90 -6.89 -26.64
CA ALA A 286 -9.28 -8.27 -26.44
C ALA A 286 -10.72 -8.48 -26.86
N ALA A 287 -11.59 -7.53 -26.53
CA ALA A 287 -12.98 -7.67 -26.97
C ALA A 287 -13.08 -7.66 -28.50
N GLU A 288 -12.24 -6.87 -29.17
CA GLU A 288 -12.28 -6.81 -30.63
C GLU A 288 -11.92 -8.16 -31.25
N ASP A 289 -10.85 -8.81 -30.75
CA ASP A 289 -10.42 -10.12 -31.21
C ASP A 289 -11.33 -11.24 -30.75
N GLY A 290 -12.50 -10.98 -30.18
CA GLY A 290 -13.38 -12.04 -29.76
C GLY A 290 -12.90 -12.89 -28.59
N ALA A 291 -12.00 -12.37 -27.75
CA ALA A 291 -11.55 -13.13 -26.58
C ALA A 291 -12.73 -13.42 -25.66
N THR A 292 -12.75 -14.63 -25.10
CA THR A 292 -13.82 -14.99 -24.19
C THR A 292 -13.34 -15.49 -22.83
N ASP A 293 -12.04 -15.49 -22.55
CA ASP A 293 -11.62 -16.01 -21.25
C ASP A 293 -11.84 -15.02 -20.12
N GLY A 294 -12.19 -13.77 -20.43
CA GLY A 294 -12.54 -12.77 -19.44
C GLY A 294 -11.41 -12.17 -18.63
N LYS A 295 -10.15 -12.59 -18.84
CA LYS A 295 -9.07 -12.06 -18.01
C LYS A 295 -8.86 -10.57 -18.23
N ALA A 296 -8.77 -10.13 -19.48
CA ALA A 296 -8.35 -8.75 -19.74
C ALA A 296 -9.36 -7.76 -19.17
N ALA A 297 -10.67 -8.08 -19.26
CA ALA A 297 -11.68 -7.20 -18.72
C ALA A 297 -11.55 -7.09 -17.20
N LEU A 298 -11.19 -8.19 -16.54
CA LEU A 298 -11.03 -8.16 -15.08
C LEU A 298 -9.76 -7.44 -14.65
N VAL A 299 -8.68 -7.58 -15.42
CA VAL A 299 -7.48 -6.77 -15.16
C VAL A 299 -7.85 -5.29 -15.23
N ALA A 300 -8.56 -4.92 -16.29
CA ALA A 300 -8.93 -3.53 -16.47
C ALA A 300 -9.82 -3.06 -15.33
N LYS A 301 -10.80 -3.89 -14.95
CA LYS A 301 -11.75 -3.49 -13.91
C LYS A 301 -11.09 -3.44 -12.55
N TRP A 302 -10.13 -4.37 -12.30
CA TRP A 302 -9.40 -4.30 -11.04
C TRP A 302 -8.61 -3.00 -10.93
N TRP A 303 -7.93 -2.61 -12.01
CA TRP A 303 -7.20 -1.35 -11.97
C TRP A 303 -8.15 -0.21 -11.69
N ALA A 304 -9.35 -0.26 -12.27
CA ALA A 304 -10.33 0.77 -11.95
C ALA A 304 -10.72 0.73 -10.48
N ASP A 305 -10.93 -0.47 -9.95
CA ASP A 305 -11.49 -0.67 -8.59
C ASP A 305 -10.47 -0.42 -7.50
N GLU A 306 -9.19 -0.64 -7.78
CA GLU A 306 -8.13 -0.41 -6.81
C GLU A 306 -7.41 0.92 -7.07
N GLY A 307 -6.79 1.05 -8.25
CA GLY A 307 -6.06 2.27 -8.52
C GLY A 307 -6.97 3.48 -8.57
N GLY A 308 -8.12 3.34 -9.24
CA GLY A 308 -9.04 4.47 -9.36
C GLY A 308 -9.59 4.94 -8.03
N LEU A 309 -9.96 4.00 -7.14
CA LEU A 309 -10.35 4.42 -5.79
C LEU A 309 -9.17 5.03 -5.02
N ASN A 310 -7.95 4.53 -5.24
CA ASN A 310 -6.77 5.16 -4.63
C ASN A 310 -6.66 6.64 -5.03
N VAL A 311 -6.77 6.91 -6.33
CA VAL A 311 -6.65 8.29 -6.83
C VAL A 311 -7.64 9.22 -6.12
N VAL A 312 -8.94 8.87 -6.12
CA VAL A 312 -9.91 9.84 -5.57
C VAL A 312 -9.79 9.97 -4.04
N HIS A 313 -9.28 8.95 -3.34
CA HIS A 313 -8.94 9.15 -1.94
C HIS A 313 -7.78 10.12 -1.78
N ARG A 314 -6.73 10.01 -2.62
CA ARG A 314 -5.62 10.96 -2.50
C ARG A 314 -6.09 12.39 -2.82
N THR A 315 -6.86 12.55 -3.90
CA THR A 315 -7.29 13.89 -4.28
C THR A 315 -8.22 14.50 -3.24
N GLN A 316 -8.95 13.67 -2.47
CA GLN A 316 -9.70 14.20 -1.32
C GLN A 316 -8.75 14.69 -0.23
N HIS A 317 -7.77 13.89 0.16
CA HIS A 317 -6.89 14.27 1.26
C HIS A 317 -6.08 15.50 0.90
N LEU A 318 -5.64 15.61 -0.35
CA LEU A 318 -4.73 16.69 -0.73
C LEU A 318 -5.44 18.04 -0.74
N HIS A 319 -6.76 18.05 -0.83
CA HIS A 319 -7.47 19.33 -0.82
C HIS A 319 -7.71 19.87 0.59
N GLY A 320 -7.59 19.05 1.62
CA GLY A 320 -7.91 19.55 2.96
C GLY A 320 -9.37 19.97 3.03
N GLY A 321 -9.63 21.02 3.79
CA GLY A 321 -11.00 21.37 4.13
C GLY A 321 -11.88 21.67 2.92
N ILE A 322 -11.34 22.40 1.95
CA ILE A 322 -12.19 22.83 0.83
C ILE A 322 -12.73 21.63 0.07
N GLY A 323 -12.07 20.47 0.16
CA GLY A 323 -12.53 19.34 -0.63
C GLY A 323 -13.75 18.65 -0.07
N VAL A 324 -14.10 18.88 1.19
CA VAL A 324 -15.36 18.34 1.71
C VAL A 324 -16.58 19.16 1.29
N ASP A 325 -16.37 20.35 0.73
CA ASP A 325 -17.48 21.28 0.44
C ASP A 325 -18.20 20.84 -0.83
N VAL A 326 -19.49 20.51 -0.71
CA VAL A 326 -20.24 20.08 -1.90
C VAL A 326 -20.38 21.20 -2.95
N ASP A 327 -20.02 22.44 -2.63
CA ASP A 327 -20.01 23.47 -3.65
C ASP A 327 -18.66 23.57 -4.36
N TYR A 328 -17.67 22.77 -3.96
CA TYR A 328 -16.42 22.64 -4.67
C TYR A 328 -16.41 21.32 -5.43
N PRO A 329 -15.75 21.23 -6.59
CA PRO A 329 -16.03 20.09 -7.50
C PRO A 329 -15.46 18.73 -7.08
N ILE A 330 -14.42 18.68 -6.24
CA ILE A 330 -13.63 17.44 -6.18
C ILE A 330 -14.41 16.34 -5.48
N HIS A 331 -15.31 16.68 -4.53
CA HIS A 331 -16.02 15.64 -3.81
C HIS A 331 -16.82 14.73 -4.74
N ARG A 332 -17.27 15.25 -5.88
CA ARG A 332 -18.08 14.46 -6.80
C ARG A 332 -17.27 13.32 -7.42
N TYR A 333 -15.99 13.57 -7.66
CA TYR A 333 -15.12 12.53 -8.19
C TYR A 333 -14.93 11.43 -7.17
N PHE A 334 -14.80 11.80 -5.88
CA PHE A 334 -14.76 10.79 -4.84
C PHE A 334 -16.03 9.94 -4.87
N LEU A 335 -17.20 10.61 -4.91
CA LEU A 335 -18.47 9.90 -4.99
C LEU A 335 -18.51 8.93 -6.18
N TRP A 336 -18.19 9.42 -7.37
CA TRP A 336 -18.23 8.56 -8.56
C TRP A 336 -17.24 7.42 -8.44
N GLY A 337 -15.99 7.73 -8.08
CA GLY A 337 -14.96 6.69 -8.04
C GLY A 337 -15.28 5.66 -6.98
N LYS A 338 -15.79 6.11 -5.84
CA LYS A 338 -16.25 5.20 -4.81
C LYS A 338 -17.33 4.25 -5.34
N GLN A 339 -18.38 4.77 -5.99
CA GLN A 339 -19.46 3.89 -6.43
C GLN A 339 -19.00 2.96 -7.56
N ILE A 340 -18.27 3.49 -8.54
CA ILE A 340 -17.86 2.66 -9.68
C ILE A 340 -16.96 1.50 -9.22
N SER A 341 -16.14 1.74 -8.19
CA SER A 341 -15.18 0.73 -7.75
C SER A 341 -15.84 -0.47 -7.08
N GLY A 342 -17.10 -0.36 -6.65
CA GLY A 342 -17.86 -1.51 -6.22
C GLY A 342 -18.90 -2.03 -7.18
N THR A 343 -19.02 -1.46 -8.37
CA THR A 343 -20.09 -1.85 -9.29
C THR A 343 -19.72 -3.16 -9.97
N LEU A 344 -20.61 -4.15 -9.87
CA LEU A 344 -20.38 -5.54 -10.26
C LEU A 344 -19.33 -6.23 -9.40
N GLY A 345 -19.13 -5.80 -8.16
CA GLY A 345 -18.16 -6.31 -7.20
C GLY A 345 -16.92 -5.42 -7.12
N GLY A 346 -16.28 -5.43 -5.96
CA GLY A 346 -15.11 -4.62 -5.73
C GLY A 346 -13.81 -5.32 -6.12
N ALA A 347 -12.70 -4.72 -5.70
CA ALA A 347 -11.37 -5.16 -6.09
C ALA A 347 -11.10 -6.59 -5.62
N SER A 348 -11.48 -6.88 -4.38
CA SER A 348 -11.19 -8.21 -3.85
C SER A 348 -12.02 -9.24 -4.59
N ALA A 349 -13.26 -8.91 -4.91
CA ALA A 349 -14.07 -9.89 -5.66
C ALA A 349 -13.46 -10.13 -7.02
N ASP A 350 -12.99 -9.07 -7.68
CA ASP A 350 -12.34 -9.20 -9.00
C ASP A 350 -11.09 -10.09 -8.92
N LEU A 351 -10.23 -9.88 -7.91
CA LEU A 351 -9.02 -10.69 -7.80
C LEU A 351 -9.37 -12.16 -7.61
N GLN A 352 -10.44 -12.44 -6.85
CA GLN A 352 -10.82 -13.83 -6.68
C GLN A 352 -11.29 -14.42 -8.00
N ARG A 353 -12.14 -13.68 -8.72
CA ARG A 353 -12.65 -14.14 -10.00
C ARG A 353 -11.52 -14.31 -10.99
N LEU A 354 -10.59 -13.33 -11.04
CA LEU A 354 -9.44 -13.42 -11.94
C LEU A 354 -8.53 -14.60 -11.58
N GLY A 355 -8.30 -14.83 -10.28
CA GLY A 355 -7.43 -15.94 -9.88
C GLY A 355 -8.00 -17.30 -10.25
N ASP A 356 -9.34 -17.43 -10.24
CA ASP A 356 -9.95 -18.70 -10.67
C ASP A 356 -9.80 -18.91 -12.17
N LEU A 357 -9.93 -17.82 -12.96
CA LEU A 357 -9.69 -17.95 -14.40
C LEU A 357 -8.25 -18.34 -14.69
N ILE A 358 -7.31 -17.77 -13.93
CA ILE A 358 -5.91 -18.13 -14.12
C ILE A 358 -5.67 -19.59 -13.78
N ALA A 359 -6.24 -20.04 -12.66
CA ALA A 359 -6.06 -21.44 -12.28
C ALA A 359 -6.70 -22.37 -13.29
N GLU A 360 -7.93 -22.05 -13.71
CA GLU A 360 -8.59 -22.90 -14.69
C GLU A 360 -7.88 -22.85 -16.04
N GLY A 361 -7.35 -21.69 -16.42
CA GLY A 361 -6.54 -21.68 -17.65
C GLY A 361 -5.23 -22.42 -17.52
N ALA A 362 -4.76 -22.67 -16.30
CA ALA A 362 -3.49 -23.36 -16.13
C ALA A 362 -3.64 -24.84 -16.45
N ALA A 363 -4.77 -25.42 -16.08
CA ALA A 363 -5.05 -26.83 -16.28
C ALA A 363 -5.51 -27.07 -17.71
N MET B 21 -5.77 2.20 -31.67
CA MET B 21 -5.13 1.69 -30.46
C MET B 21 -4.93 0.19 -30.51
N ASP B 22 -3.84 -0.26 -31.11
CA ASP B 22 -3.55 -1.68 -31.30
C ASP B 22 -2.46 -2.07 -30.32
N LEU B 23 -2.81 -2.87 -29.31
CA LEU B 23 -1.89 -3.25 -28.24
C LEU B 23 -1.23 -4.60 -28.47
N ARG B 24 -1.23 -5.09 -29.70
CA ARG B 24 -0.80 -6.44 -30.03
C ARG B 24 0.59 -6.39 -30.66
N GLU B 25 1.46 -7.33 -30.23
CA GLU B 25 2.75 -7.58 -30.88
C GLU B 25 2.56 -7.96 -32.33
N PRO B 26 3.23 -7.30 -33.27
CA PRO B 26 3.16 -7.77 -34.66
C PRO B 26 3.74 -9.17 -34.80
N ALA B 27 3.17 -9.94 -35.74
CA ALA B 27 3.64 -11.30 -35.99
C ALA B 27 5.14 -11.33 -36.28
N ALA B 28 5.69 -10.28 -36.88
CA ALA B 28 7.14 -10.28 -37.09
C ALA B 28 7.89 -10.31 -35.76
N LEU B 29 7.42 -9.56 -34.77
CA LEU B 29 8.13 -9.52 -33.50
C LEU B 29 8.00 -10.82 -32.74
N SER B 30 6.90 -11.56 -32.92
CA SER B 30 6.73 -12.82 -32.22
C SER B 30 7.66 -13.91 -32.76
N GLU B 31 7.91 -13.89 -34.07
CA GLU B 31 8.86 -14.81 -34.65
C GLU B 31 10.27 -14.47 -34.17
N LEU B 32 10.66 -13.20 -34.26
CA LEU B 32 11.94 -12.80 -33.72
C LEU B 32 12.07 -13.25 -32.28
N ARG B 33 11.02 -13.03 -31.49
CA ARG B 33 11.07 -13.33 -30.07
C ARG B 33 11.34 -14.81 -29.83
N ALA B 34 10.57 -15.67 -30.49
CA ALA B 34 10.73 -17.10 -30.23
C ALA B 34 12.09 -17.59 -30.70
N GLU B 35 12.66 -16.93 -31.70
CA GLU B 35 13.99 -17.32 -32.16
C GLU B 35 15.09 -16.84 -31.21
N LEU B 36 15.03 -15.58 -30.80
CA LEU B 36 15.96 -15.13 -29.77
C LEU B 36 15.83 -15.95 -28.50
N ARG B 37 14.60 -16.25 -28.09
CA ARG B 37 14.40 -17.02 -26.87
C ARG B 37 15.18 -18.34 -26.91
N ALA B 38 15.07 -19.05 -28.03
CA ALA B 38 15.76 -20.34 -28.15
C ALA B 38 17.27 -20.14 -28.23
N TYR B 39 17.71 -19.14 -28.99
CA TYR B 39 19.13 -18.87 -29.10
C TYR B 39 19.74 -18.62 -27.72
N PHE B 40 19.17 -17.68 -26.96
CA PHE B 40 19.72 -17.30 -25.65
C PHE B 40 19.67 -18.46 -24.66
N ASN B 41 18.56 -19.20 -24.63
CA ASN B 41 18.47 -20.36 -23.76
C ASN B 41 19.44 -21.46 -24.19
N GLY B 42 19.83 -21.49 -25.48
CA GLY B 42 20.74 -22.48 -25.99
C GLY B 42 22.22 -22.16 -25.86
N LEU B 43 22.59 -20.94 -25.49
CA LEU B 43 24.02 -20.62 -25.41
C LEU B 43 24.73 -21.39 -24.29
N LEU B 44 24.03 -21.65 -23.18
CA LEU B 44 24.60 -22.23 -21.98
C LEU B 44 23.56 -23.17 -21.36
N PRO B 45 24.00 -24.25 -20.71
CA PRO B 45 23.04 -25.08 -19.97
C PRO B 45 22.35 -24.26 -18.88
N ALA B 46 21.13 -24.68 -18.52
CA ALA B 46 20.30 -23.87 -17.63
C ALA B 46 21.00 -23.56 -16.30
N ASP B 47 21.65 -24.55 -15.69
CA ASP B 47 22.29 -24.26 -14.41
C ASP B 47 23.46 -23.28 -14.59
N GLU B 48 24.18 -23.38 -15.70
CA GLU B 48 25.31 -22.47 -15.93
C GLU B 48 24.80 -21.08 -16.27
N ARG B 49 23.68 -21.03 -16.99
CA ARG B 49 23.06 -19.75 -17.34
C ARG B 49 22.54 -19.04 -16.10
N ARG B 50 21.95 -19.79 -15.14
CA ARG B 50 21.53 -19.15 -13.88
C ARG B 50 22.71 -18.46 -13.21
N ARG B 51 23.86 -19.14 -13.14
CA ARG B 51 25.01 -18.58 -12.44
C ARG B 51 25.49 -17.32 -13.12
N VAL B 52 25.54 -17.31 -14.45
CA VAL B 52 26.09 -16.14 -15.13
CA VAL B 52 26.08 -16.15 -15.14
C VAL B 52 25.14 -14.96 -14.97
N GLY B 53 23.83 -15.21 -14.90
CA GLY B 53 22.90 -14.12 -14.67
C GLY B 53 23.09 -13.50 -13.29
N GLU B 54 23.23 -14.35 -12.27
CA GLU B 54 23.51 -13.83 -10.93
C GLU B 54 24.78 -12.98 -10.90
N GLN B 55 25.81 -13.41 -11.60
CA GLN B 55 27.09 -12.77 -11.47
C GLN B 55 27.16 -11.48 -12.28
N GLY B 56 26.33 -11.34 -13.31
CA GLY B 56 26.24 -10.02 -13.91
C GLY B 56 27.54 -9.61 -14.60
N VAL B 57 27.73 -8.29 -14.72
CA VAL B 57 28.92 -7.82 -15.41
C VAL B 57 30.19 -8.03 -14.59
N GLY B 58 30.09 -8.36 -13.31
CA GLY B 58 31.31 -8.65 -12.57
C GLY B 58 31.85 -10.06 -12.69
N GLY B 59 31.11 -10.99 -13.33
CA GLY B 59 31.46 -12.39 -13.24
C GLY B 59 32.58 -12.79 -14.22
N GLU B 60 33.14 -13.97 -13.97
CA GLU B 60 34.29 -14.47 -14.73
C GLU B 60 33.92 -15.07 -16.10
N ARG B 61 32.63 -15.22 -16.40
CA ARG B 61 32.09 -15.64 -17.71
C ARG B 61 31.39 -14.50 -18.47
N PHE B 62 31.34 -13.28 -17.90
CA PHE B 62 30.73 -12.15 -18.58
C PHE B 62 31.38 -11.88 -19.93
N ARG B 63 32.70 -11.72 -19.95
CA ARG B 63 33.40 -11.39 -21.19
C ARG B 63 33.24 -12.50 -22.24
N GLU B 64 33.22 -13.76 -21.79
CA GLU B 64 32.92 -14.89 -22.66
C GLU B 64 31.55 -14.71 -23.34
N VAL B 65 30.49 -14.50 -22.54
CA VAL B 65 29.15 -14.21 -23.09
C VAL B 65 29.20 -13.02 -24.04
N VAL B 66 29.82 -11.92 -23.61
CA VAL B 66 29.86 -10.73 -24.47
C VAL B 66 30.48 -11.08 -25.83
N LYS B 67 31.54 -11.92 -25.82
CA LYS B 67 32.23 -12.28 -27.07
C LYS B 67 31.34 -13.14 -27.96
N MET B 68 30.60 -14.08 -27.37
CA MET B 68 29.65 -14.87 -28.13
C MET B 68 28.60 -13.97 -28.80
N LEU B 69 27.95 -13.10 -28.01
CA LEU B 69 26.98 -12.17 -28.58
C LEU B 69 27.61 -11.33 -29.70
N GLY B 70 28.84 -10.86 -29.49
CA GLY B 70 29.43 -9.98 -30.49
C GLY B 70 29.71 -10.74 -31.77
N SER B 71 30.26 -11.94 -31.64
CA SER B 71 30.55 -12.77 -32.80
C SER B 71 29.28 -13.08 -33.60
N ASP B 72 28.15 -13.27 -32.93
CA ASP B 72 26.92 -13.59 -33.66
C ASP B 72 26.16 -12.33 -34.07
N GLY B 73 26.69 -11.13 -33.84
CA GLY B 73 26.14 -9.91 -34.39
C GLY B 73 25.11 -9.22 -33.53
N TRP B 74 24.86 -9.70 -32.32
CA TRP B 74 23.80 -9.12 -31.50
C TRP B 74 24.22 -7.82 -30.82
N LEU B 75 25.51 -7.48 -30.73
CA LEU B 75 25.85 -6.32 -29.91
C LEU B 75 25.48 -5.03 -30.63
N GLY B 76 25.62 -5.00 -31.95
CA GLY B 76 25.24 -3.79 -32.66
C GLY B 76 23.91 -3.95 -33.37
N TYR B 77 23.05 -4.83 -32.83
CA TYR B 77 21.74 -5.09 -33.43
C TYR B 77 21.00 -3.79 -33.72
N GLY B 78 20.98 -2.90 -32.75
CA GLY B 78 20.34 -1.61 -32.82
C GLY B 78 21.21 -0.47 -33.32
N TRP B 79 22.50 -0.71 -33.57
CA TRP B 79 23.37 0.38 -34.02
C TRP B 79 23.10 0.73 -35.49
N PRO B 80 23.31 1.99 -35.89
CA PRO B 80 23.10 2.35 -37.29
C PRO B 80 24.05 1.56 -38.18
N LYS B 81 23.60 1.30 -39.40
CA LYS B 81 24.40 0.52 -40.33
C LYS B 81 25.69 1.24 -40.72
N GLU B 82 25.70 2.58 -40.68
CA GLU B 82 26.89 3.32 -41.07
C GLU B 82 28.00 3.13 -40.06
N TYR B 83 27.68 2.61 -38.86
CA TYR B 83 28.64 2.25 -37.83
C TYR B 83 28.77 0.74 -37.68
N GLY B 84 28.39 -0.02 -38.70
CA GLY B 84 28.55 -1.46 -38.65
C GLY B 84 27.41 -2.21 -37.97
N GLY B 85 26.33 -1.54 -37.60
CA GLY B 85 25.23 -2.16 -36.89
C GLY B 85 24.21 -2.75 -37.85
N GLN B 86 23.21 -3.43 -37.29
CA GLN B 86 22.16 -3.92 -38.17
C GLN B 86 21.04 -2.91 -38.38
N GLY B 87 21.04 -1.81 -37.63
CA GLY B 87 20.05 -0.76 -37.85
C GLY B 87 18.62 -1.19 -37.58
N ARG B 88 18.42 -2.14 -36.67
CA ARG B 88 17.05 -2.60 -36.42
C ARG B 88 16.26 -1.56 -35.64
N SER B 89 14.95 -1.68 -35.66
CA SER B 89 14.08 -0.70 -35.02
C SER B 89 14.12 -0.81 -33.48
N ILE B 90 13.70 0.28 -32.85
CA ILE B 90 13.66 0.34 -31.39
C ILE B 90 12.82 -0.80 -30.83
N SER B 91 11.68 -1.11 -31.48
CA SER B 91 10.85 -2.26 -31.07
C SER B 91 11.61 -3.58 -31.12
N GLU B 92 12.44 -3.78 -32.15
CA GLU B 92 13.18 -5.05 -32.25
C GLU B 92 14.33 -5.08 -31.23
N GLN B 93 14.97 -3.93 -31.01
CA GLN B 93 15.96 -3.84 -29.94
C GLN B 93 15.35 -4.18 -28.59
N TYR B 94 14.12 -3.70 -28.34
CA TYR B 94 13.45 -3.95 -27.07
C TYR B 94 13.21 -5.45 -26.86
N VAL B 95 12.73 -6.14 -27.91
CA VAL B 95 12.54 -7.59 -27.84
C VAL B 95 13.87 -8.29 -27.53
N LEU B 96 14.95 -7.84 -28.18
N LEU B 96 14.96 -7.85 -28.17
CA LEU B 96 16.27 -8.41 -27.90
CA LEU B 96 16.25 -8.45 -27.88
C LEU B 96 16.65 -8.23 -26.45
C LEU B 96 16.63 -8.25 -26.41
N PHE B 97 16.53 -7.00 -25.94
CA PHE B 97 16.89 -6.72 -24.54
C PHE B 97 16.02 -7.53 -23.60
N ASP B 98 14.73 -7.64 -23.91
CA ASP B 98 13.81 -8.45 -23.14
C ASP B 98 14.28 -9.90 -23.09
N GLU B 99 14.52 -10.50 -24.27
CA GLU B 99 14.79 -11.93 -24.30
C GLU B 99 16.15 -12.29 -23.71
N VAL B 100 17.16 -11.42 -23.85
CA VAL B 100 18.43 -11.77 -23.24
C VAL B 100 18.30 -11.76 -21.72
N GLN B 101 17.57 -10.79 -21.15
CA GLN B 101 17.44 -10.80 -19.71
C GLN B 101 16.45 -11.84 -19.23
N ARG B 102 15.43 -12.13 -20.03
CA ARG B 102 14.52 -13.19 -19.67
C ARG B 102 15.26 -14.54 -19.54
N ALA B 103 16.31 -14.77 -20.35
CA ALA B 103 17.11 -15.98 -20.27
C ALA B 103 18.08 -15.94 -19.09
N GLY B 104 18.14 -14.83 -18.38
CA GLY B 104 19.10 -14.74 -17.30
C GLY B 104 20.52 -14.53 -17.76
N LEU B 105 20.72 -13.93 -18.92
CA LEU B 105 22.08 -13.66 -19.38
C LEU B 105 22.44 -12.21 -19.11
N PRO B 106 23.70 -11.95 -18.77
CA PRO B 106 24.17 -10.57 -18.72
C PRO B 106 24.35 -10.06 -20.14
N PHE B 107 24.35 -8.73 -20.30
CA PHE B 107 24.43 -8.10 -21.60
C PHE B 107 25.17 -6.79 -21.35
N PRO B 108 26.09 -6.41 -22.22
CA PRO B 108 26.89 -5.22 -21.93
C PRO B 108 26.12 -3.91 -22.18
N PHE B 109 25.09 -3.65 -21.36
CA PHE B 109 24.17 -2.54 -21.60
C PHE B 109 24.90 -1.20 -21.65
N VAL B 110 25.76 -0.94 -20.66
CA VAL B 110 26.33 0.40 -20.61
C VAL B 110 27.20 0.65 -21.82
N THR B 111 27.87 -0.40 -22.32
CA THR B 111 28.73 -0.22 -23.49
C THR B 111 27.93 -0.02 -24.77
N VAL B 112 26.89 -0.83 -24.97
N VAL B 112 26.89 -0.82 -24.98
CA VAL B 112 26.14 -0.82 -26.22
CA VAL B 112 26.17 -0.78 -26.24
C VAL B 112 25.11 0.31 -26.24
C VAL B 112 25.12 0.33 -26.25
N ASN B 113 24.59 0.72 -25.07
CA ASN B 113 23.50 1.69 -25.01
C ASN B 113 23.92 3.08 -24.55
N THR B 114 25.00 3.21 -23.80
CA THR B 114 25.51 4.53 -23.41
C THR B 114 26.77 4.91 -24.16
N VAL B 115 27.83 4.08 -24.05
CA VAL B 115 29.14 4.47 -24.57
C VAL B 115 29.10 4.58 -26.10
N GLY B 116 28.63 3.54 -26.78
CA GLY B 116 28.58 3.55 -28.22
C GLY B 116 27.84 4.74 -28.76
N PRO B 117 26.57 4.91 -28.38
CA PRO B 117 25.79 6.02 -28.93
C PRO B 117 26.38 7.38 -28.62
N THR B 118 26.91 7.60 -27.40
CA THR B 118 27.53 8.90 -27.13
C THR B 118 28.73 9.12 -28.02
N LEU B 119 29.57 8.10 -28.20
CA LEU B 119 30.72 8.22 -29.11
C LEU B 119 30.28 8.54 -30.54
N MET B 120 29.19 7.93 -31.01
CA MET B 120 28.73 8.23 -32.36
C MET B 120 28.36 9.70 -32.51
N LYS B 121 27.77 10.30 -31.48
CA LYS B 121 27.30 11.67 -31.56
C LYS B 121 28.39 12.68 -31.20
N TYR B 122 29.16 12.42 -30.15
CA TYR B 122 30.15 13.35 -29.63
C TYR B 122 31.59 12.93 -29.93
N GLY B 123 31.81 11.70 -30.38
CA GLY B 123 33.17 11.21 -30.59
C GLY B 123 33.83 11.83 -31.81
N THR B 124 35.13 12.09 -31.67
CA THR B 124 35.96 12.34 -32.85
C THR B 124 35.92 11.15 -33.80
N GLU B 125 36.36 11.36 -35.05
CA GLU B 125 36.48 10.24 -35.96
C GLU B 125 37.52 9.23 -35.44
N GLU B 126 38.58 9.72 -34.81
CA GLU B 126 39.59 8.82 -34.23
C GLU B 126 39.04 8.06 -33.03
N GLN B 127 38.26 8.72 -32.17
CA GLN B 127 37.65 8.02 -31.05
C GLN B 127 36.72 6.91 -31.56
N LYS B 128 35.93 7.23 -32.59
CA LYS B 128 35.00 6.26 -33.13
C LYS B 128 35.74 5.07 -33.72
N LYS B 129 36.79 5.33 -34.49
CA LYS B 129 37.55 4.23 -35.08
C LYS B 129 38.18 3.36 -34.01
N LYS B 130 38.55 3.95 -32.89
CA LYS B 130 39.28 3.20 -31.90
C LYS B 130 38.36 2.28 -31.10
N TYR B 131 37.17 2.75 -30.74
CA TYR B 131 36.31 2.02 -29.82
C TYR B 131 35.15 1.28 -30.48
N LEU B 132 34.52 1.85 -31.51
CA LEU B 132 33.25 1.27 -31.97
C LEU B 132 33.44 -0.13 -32.54
N PRO B 133 34.41 -0.39 -33.43
CA PRO B 133 34.50 -1.75 -34.00
C PRO B 133 34.72 -2.81 -32.93
N GLY B 134 35.56 -2.51 -31.92
CA GLY B 134 35.80 -3.46 -30.86
C GLY B 134 34.57 -3.68 -29.98
N ILE B 135 33.79 -2.61 -29.75
CA ILE B 135 32.56 -2.79 -28.98
C ILE B 135 31.65 -3.75 -29.72
N LEU B 136 31.49 -3.52 -31.02
CA LEU B 136 30.62 -4.34 -31.85
C LEU B 136 31.01 -5.82 -31.78
N SER B 137 32.31 -6.13 -31.87
CA SER B 137 32.70 -7.53 -31.89
C SER B 137 32.74 -8.15 -30.50
N GLY B 138 32.53 -7.38 -29.43
CA GLY B 138 32.67 -7.88 -28.08
C GLY B 138 34.08 -7.89 -27.52
N ASP B 139 35.04 -7.27 -28.20
CA ASP B 139 36.39 -7.22 -27.67
C ASP B 139 36.63 -6.06 -26.74
N ILE B 140 35.79 -5.05 -26.74
CA ILE B 140 35.97 -3.89 -25.88
C ILE B 140 34.73 -3.73 -25.03
N VAL B 141 34.91 -3.67 -23.71
CA VAL B 141 33.83 -3.42 -22.78
C VAL B 141 34.19 -2.25 -21.89
N PHE B 142 33.22 -1.38 -21.62
CA PHE B 142 33.37 -0.22 -20.74
C PHE B 142 32.69 -0.50 -19.40
N ALA B 143 33.14 0.20 -18.37
CA ALA B 143 32.37 0.39 -17.16
C ALA B 143 32.18 1.89 -16.93
N ILE B 144 31.09 2.25 -16.28
CA ILE B 144 30.70 3.65 -16.07
C ILE B 144 31.20 4.09 -14.72
N GLY B 145 32.03 5.13 -14.71
CA GLY B 145 32.54 5.68 -13.47
C GLY B 145 31.92 7.02 -13.14
N TYR B 146 30.72 7.02 -12.55
CA TYR B 146 30.03 8.26 -12.23
C TYR B 146 30.03 8.48 -10.73
N THR B 147 29.44 7.52 -10.02
CA THR B 147 29.13 7.61 -8.61
C THR B 147 30.40 7.57 -7.76
N GLU B 148 30.36 8.33 -6.67
CA GLU B 148 31.41 8.50 -5.69
C GLU B 148 30.80 8.33 -4.31
N PRO B 149 31.60 7.96 -3.30
CA PRO B 149 31.09 7.94 -1.93
C PRO B 149 30.35 9.21 -1.53
N GLY B 150 30.84 10.38 -1.92
CA GLY B 150 30.16 11.62 -1.63
C GLY B 150 29.24 12.17 -2.71
N ALA B 151 29.00 11.43 -3.81
CA ALA B 151 28.17 12.00 -4.88
C ALA B 151 27.44 10.85 -5.58
N GLY B 152 26.20 10.59 -5.14
CA GLY B 152 25.42 9.51 -5.72
C GLY B 152 24.21 10.06 -6.46
N THR B 153 23.08 10.21 -5.75
CA THR B 153 21.96 10.94 -6.33
C THR B 153 22.39 12.35 -6.74
N ASP B 154 23.27 12.96 -5.95
CA ASP B 154 23.75 14.31 -6.30
C ASP B 154 25.06 14.20 -7.07
N LEU B 155 24.98 13.57 -8.25
CA LEU B 155 26.18 13.32 -9.04
C LEU B 155 26.88 14.62 -9.43
N ALA B 156 26.14 15.69 -9.67
CA ALA B 156 26.81 16.92 -10.11
C ALA B 156 27.73 17.49 -9.05
N SER B 157 27.76 16.89 -7.86
CA SER B 157 28.67 17.32 -6.80
C SER B 157 29.93 16.49 -6.78
N LEU B 158 30.16 15.68 -7.82
CA LEU B 158 31.34 14.79 -7.83
C LEU B 158 32.63 15.59 -7.66
N THR B 159 33.65 14.95 -7.11
CA THR B 159 34.93 15.62 -6.87
C THR B 159 36.15 14.92 -7.45
N THR B 160 36.02 13.75 -8.06
CA THR B 160 37.17 13.16 -8.76
C THR B 160 37.76 14.18 -9.70
N ARG B 161 39.04 14.45 -9.55
CA ARG B 161 39.68 15.61 -10.16
C ARG B 161 40.48 15.22 -11.39
N ALA B 162 40.39 16.04 -12.43
CA ALA B 162 41.18 15.89 -13.65
C ALA B 162 41.84 17.24 -13.94
N VAL B 163 43.14 17.32 -13.69
CA VAL B 163 43.89 18.56 -13.81
C VAL B 163 44.69 18.52 -15.10
N ARG B 164 44.58 19.57 -15.89
CA ARG B 164 45.24 19.59 -17.19
C ARG B 164 46.72 19.86 -17.00
N ASP B 165 47.55 19.01 -17.59
CA ASP B 165 49.01 19.19 -17.59
C ASP B 165 49.43 19.14 -19.07
N GLY B 166 49.47 20.30 -19.73
CA GLY B 166 49.80 20.30 -21.15
C GLY B 166 48.77 19.52 -21.96
N ASP B 167 49.23 18.52 -22.72
CA ASP B 167 48.33 17.67 -23.50
C ASP B 167 47.77 16.49 -22.72
N GLU B 168 47.97 16.44 -21.40
CA GLU B 168 47.48 15.34 -20.57
C GLU B 168 46.56 15.87 -19.49
N PHE B 169 45.67 14.99 -19.03
CA PHE B 169 44.95 15.17 -17.79
C PHE B 169 45.55 14.25 -16.73
N VAL B 170 45.71 14.78 -15.51
CA VAL B 170 46.16 14.00 -14.36
C VAL B 170 44.96 13.81 -13.44
N ILE B 171 44.56 12.55 -13.20
CA ILE B 171 43.28 12.24 -12.57
C ILE B 171 43.54 11.67 -11.17
N ASP B 172 42.88 12.25 -10.18
CA ASP B 172 42.98 11.82 -8.79
C ASP B 172 41.59 11.76 -8.19
N GLY B 173 41.23 10.61 -7.65
CA GLY B 173 39.95 10.46 -6.99
C GLY B 173 39.60 8.98 -6.85
N SER B 174 38.32 8.75 -6.59
CA SER B 174 37.78 7.41 -6.46
C SER B 174 36.31 7.44 -6.81
N LYS B 175 35.86 6.30 -7.34
CA LYS B 175 34.50 6.04 -7.69
C LYS B 175 34.05 4.80 -6.92
N ILE B 176 32.74 4.64 -6.77
CA ILE B 176 32.21 3.51 -6.05
C ILE B 176 31.01 3.00 -6.83
N PHE B 177 30.77 1.70 -6.71
CA PHE B 177 29.73 1.04 -7.49
C PHE B 177 30.05 1.15 -8.99
N THR B 178 31.34 1.03 -9.33
CA THR B 178 31.77 0.98 -10.75
C THR B 178 31.55 -0.44 -11.25
N SER B 179 30.30 -0.70 -11.66
CA SER B 179 29.90 -2.06 -12.04
C SER B 179 30.69 -2.50 -13.25
N GLY B 180 31.34 -3.65 -13.15
CA GLY B 180 32.07 -4.22 -14.26
C GLY B 180 33.47 -3.67 -14.44
N ALA B 181 33.93 -2.81 -13.53
CA ALA B 181 35.29 -2.30 -13.64
C ALA B 181 36.29 -3.44 -13.62
N ASN B 182 35.97 -4.56 -12.96
CA ASN B 182 36.92 -5.67 -12.84
C ASN B 182 37.02 -6.51 -14.09
N THR B 183 36.07 -6.40 -15.02
CA THR B 183 36.12 -7.09 -16.31
C THR B 183 36.16 -6.13 -17.49
N ALA B 184 36.21 -4.83 -17.25
CA ALA B 184 36.17 -3.84 -18.31
C ALA B 184 37.55 -3.53 -18.84
N ASP B 185 37.59 -3.05 -20.08
CA ASP B 185 38.82 -2.54 -20.69
C ASP B 185 38.98 -1.04 -20.50
N TYR B 186 37.89 -0.30 -20.31
CA TYR B 186 37.97 1.15 -20.20
C TYR B 186 36.91 1.61 -19.23
N ILE B 187 37.18 2.73 -18.55
CA ILE B 187 36.21 3.40 -17.67
C ILE B 187 35.71 4.63 -18.39
N TRP B 188 34.39 4.81 -18.40
CA TRP B 188 33.77 6.04 -18.85
C TRP B 188 33.68 6.91 -17.61
N LEU B 189 34.68 7.77 -17.41
CA LEU B 189 34.91 8.43 -16.15
C LEU B 189 34.41 9.88 -16.16
N ALA B 190 33.60 10.25 -15.17
CA ALA B 190 33.17 11.64 -15.00
C ALA B 190 34.07 12.34 -13.98
N CYS B 191 34.65 13.49 -14.38
CA CYS B 191 35.67 14.21 -13.61
C CYS B 191 35.38 15.69 -13.49
N ARG B 192 35.85 16.28 -12.40
CA ARG B 192 35.82 17.73 -12.21
C ARG B 192 37.02 18.32 -12.90
N THR B 193 36.80 19.02 -14.02
CA THR B 193 37.89 19.66 -14.73
C THR B 193 37.99 21.16 -14.46
N ASP B 194 37.00 21.73 -13.76
CA ASP B 194 37.00 23.16 -13.44
C ASP B 194 36.41 23.35 -12.04
N PRO B 195 37.26 23.41 -11.02
CA PRO B 195 36.76 23.56 -9.65
C PRO B 195 36.03 24.86 -9.38
N GLU B 196 36.23 25.90 -10.18
CA GLU B 196 35.58 27.17 -9.89
C GLU B 196 34.20 27.29 -10.53
N ALA B 197 33.97 26.60 -11.64
CA ALA B 197 32.71 26.73 -12.36
C ALA B 197 31.54 26.28 -11.47
N PRO B 198 30.34 26.79 -11.72
CA PRO B 198 29.14 26.18 -11.14
C PRO B 198 29.15 24.68 -11.37
N LYS B 199 28.56 23.92 -10.44
CA LYS B 199 28.76 22.46 -10.42
C LYS B 199 28.47 21.82 -11.77
N HIS B 200 27.41 22.28 -12.46
CA HIS B 200 27.00 21.66 -13.71
C HIS B 200 27.92 22.04 -14.86
N LYS B 201 28.76 23.05 -14.71
CA LYS B 201 29.57 23.52 -15.83
C LYS B 201 31.05 23.17 -15.63
N GLY B 202 31.33 22.09 -14.89
CA GLY B 202 32.70 21.86 -14.49
C GLY B 202 33.12 20.43 -14.64
N ILE B 203 32.37 19.64 -15.39
CA ILE B 203 32.58 18.19 -15.46
C ILE B 203 32.94 17.84 -16.90
N SER B 204 33.81 16.85 -17.03
CA SER B 204 34.15 16.28 -18.31
C SER B 204 34.05 14.76 -18.22
N ILE B 205 33.65 14.12 -19.33
CA ILE B 205 33.79 12.67 -19.47
C ILE B 205 35.14 12.38 -20.08
N ILE B 206 35.88 11.46 -19.48
CA ILE B 206 37.22 11.08 -19.92
C ILE B 206 37.30 9.56 -19.91
N ILE B 207 37.95 9.00 -20.93
CA ILE B 207 38.06 7.56 -21.08
C ILE B 207 39.40 7.13 -20.53
N VAL B 208 39.38 6.21 -19.56
CA VAL B 208 40.54 5.77 -18.80
C VAL B 208 40.74 4.28 -19.05
N PRO B 209 41.89 3.83 -19.57
CA PRO B 209 42.11 2.38 -19.69
C PRO B 209 42.26 1.74 -18.31
N THR B 210 41.63 0.58 -18.14
CA THR B 210 41.80 -0.12 -16.86
C THR B 210 43.19 -0.71 -16.68
N ASP B 211 44.10 -0.57 -17.64
CA ASP B 211 45.47 -0.98 -17.36
C ASP B 211 46.39 0.23 -17.16
N ALA B 212 45.83 1.42 -16.97
CA ALA B 212 46.62 2.62 -16.77
C ALA B 212 47.31 2.56 -15.41
N GLU B 213 48.57 3.00 -15.37
CA GLU B 213 49.28 3.13 -14.10
C GLU B 213 48.55 4.11 -13.18
N GLY B 214 48.42 3.74 -11.91
CA GLY B 214 47.66 4.56 -10.98
C GLY B 214 46.19 4.21 -10.86
N PHE B 215 45.68 3.35 -11.74
CA PHE B 215 44.34 2.81 -11.61
C PHE B 215 44.35 1.51 -10.81
N SER B 216 43.35 1.36 -9.92
CA SER B 216 43.09 0.06 -9.30
C SER B 216 41.62 -0.04 -8.90
N TRP B 217 41.21 -1.25 -8.50
CA TRP B 217 39.84 -1.50 -8.07
C TRP B 217 39.83 -2.49 -6.91
N SER B 218 38.75 -2.47 -6.14
CA SER B 218 38.56 -3.46 -5.10
C SER B 218 37.13 -3.99 -5.14
N PRO B 219 36.93 -5.26 -4.80
CA PRO B 219 35.58 -5.84 -4.92
C PRO B 219 34.63 -5.31 -3.86
N ILE B 220 33.37 -5.21 -4.25
CA ILE B 220 32.28 -5.04 -3.30
C ILE B 220 31.30 -6.16 -3.59
N GLN B 221 31.20 -7.09 -2.66
CA GLN B 221 30.28 -8.20 -2.79
C GLN B 221 28.89 -7.68 -2.43
N THR B 222 27.93 -7.86 -3.34
CA THR B 222 26.57 -7.43 -3.03
C THR B 222 25.74 -8.58 -2.47
N VAL B 223 24.66 -8.21 -1.74
CA VAL B 223 23.78 -9.21 -1.15
C VAL B 223 23.11 -10.06 -2.23
N GLY B 224 22.92 -9.51 -3.43
CA GLY B 224 22.35 -10.27 -4.52
C GLY B 224 23.29 -11.27 -5.14
N GLY B 225 24.58 -11.24 -4.81
CA GLY B 225 25.57 -12.16 -5.33
C GLY B 225 26.52 -11.52 -6.33
N MET B 226 26.05 -10.57 -7.14
CA MET B 226 27.04 -9.99 -8.03
C MET B 226 28.11 -9.25 -7.24
N VAL B 227 29.28 -9.14 -7.84
CA VAL B 227 30.38 -8.34 -7.30
C VAL B 227 30.45 -7.04 -8.10
N VAL B 228 30.36 -5.89 -7.43
CA VAL B 228 30.69 -4.63 -8.10
C VAL B 228 32.05 -4.17 -7.56
N THR B 229 32.41 -2.89 -7.77
CA THR B 229 33.72 -2.41 -7.37
C THR B 229 33.68 -0.98 -6.86
N ALA B 230 34.70 -0.63 -6.06
CA ALA B 230 35.22 0.74 -5.98
C ALA B 230 36.42 0.87 -6.91
N THR B 231 36.61 2.05 -7.51
CA THR B 231 37.78 2.25 -8.36
C THR B 231 38.53 3.49 -7.88
N TYR B 232 39.88 3.45 -7.97
CA TYR B 232 40.77 4.48 -7.44
C TYR B 232 41.69 4.98 -8.53
N TYR B 233 41.93 6.29 -8.54
CA TYR B 233 42.74 6.94 -9.57
C TYR B 233 43.77 7.77 -8.84
N SER B 234 45.02 7.29 -8.88
CA SER B 234 46.15 7.92 -8.22
C SER B 234 47.13 8.36 -9.29
N GLY B 235 47.10 9.65 -9.63
CA GLY B 235 48.02 10.17 -10.64
C GLY B 235 47.86 9.56 -12.01
N VAL B 236 46.67 9.06 -12.35
CA VAL B 236 46.44 8.46 -13.67
C VAL B 236 46.56 9.54 -14.75
N ARG B 237 47.35 9.27 -15.79
CA ARG B 237 47.55 10.23 -16.88
C ARG B 237 46.96 9.70 -18.18
N VAL B 238 46.07 10.49 -18.78
CA VAL B 238 45.45 10.19 -20.06
C VAL B 238 45.59 11.39 -20.99
N PRO B 239 45.65 11.18 -22.30
CA PRO B 239 45.74 12.33 -23.20
C PRO B 239 44.45 13.14 -23.21
N VAL B 240 44.59 14.44 -23.46
CA VAL B 240 43.43 15.32 -23.55
C VAL B 240 42.47 14.82 -24.63
N SER B 241 43.00 14.18 -25.66
CA SER B 241 42.16 13.70 -26.74
C SER B 241 41.22 12.58 -26.31
N GLU B 242 41.38 12.03 -25.08
CA GLU B 242 40.45 11.02 -24.58
C GLU B 242 39.27 11.63 -23.84
N VAL B 243 39.13 12.96 -23.84
CA VAL B 243 37.90 13.58 -23.40
C VAL B 243 36.82 13.34 -24.45
N VAL B 244 35.59 13.05 -24.01
CA VAL B 244 34.46 12.93 -24.91
C VAL B 244 33.66 14.22 -24.85
N GLY B 245 33.47 14.85 -26.00
CA GLY B 245 32.65 16.04 -26.04
C GLY B 245 33.43 17.27 -25.57
N GLU B 246 32.71 18.18 -24.94
CA GLU B 246 33.26 19.46 -24.53
C GLU B 246 33.86 19.37 -23.14
N ILE B 247 35.11 19.82 -23.01
N ILE B 247 35.10 19.85 -23.01
CA ILE B 247 35.70 19.96 -21.68
CA ILE B 247 35.70 19.98 -21.68
C ILE B 247 34.83 20.91 -20.87
C ILE B 247 34.85 20.93 -20.86
N ASN B 248 34.40 20.45 -19.69
CA ASN B 248 33.52 21.15 -18.79
C ASN B 248 32.08 21.06 -19.28
N GLY B 249 31.81 20.34 -20.36
CA GLY B 249 30.45 20.13 -20.81
C GLY B 249 29.98 18.69 -20.67
N GLY B 250 30.57 17.93 -19.76
CA GLY B 250 30.18 16.53 -19.63
C GLY B 250 28.85 16.31 -18.94
N TRP B 251 28.39 17.27 -18.14
CA TRP B 251 27.05 17.12 -17.57
C TRP B 251 26.00 17.02 -18.68
N LYS B 252 26.27 17.64 -19.83
CA LYS B 252 25.34 17.56 -20.96
C LYS B 252 25.32 16.18 -21.59
N LEU B 253 26.39 15.38 -21.41
CA LEU B 253 26.35 14.00 -21.86
C LEU B 253 25.67 13.12 -20.83
N ILE B 254 25.91 13.37 -19.56
CA ILE B 254 25.37 12.51 -18.51
C ILE B 254 23.86 12.56 -18.51
N THR B 255 23.28 13.71 -18.82
CA THR B 255 21.83 13.90 -18.74
C THR B 255 21.12 13.74 -20.07
N THR B 256 21.79 13.33 -21.14
CA THR B 256 21.12 13.13 -22.42
C THR B 256 21.42 11.75 -22.99
N GLN B 257 20.75 11.44 -24.11
CA GLN B 257 20.85 10.14 -24.78
C GLN B 257 20.56 8.98 -23.82
N LEU B 258 19.47 9.11 -23.06
CA LEU B 258 19.09 8.13 -22.06
C LEU B 258 18.06 7.12 -22.54
N ASN B 259 17.56 7.26 -23.76
CA ASN B 259 16.38 6.48 -24.13
C ASN B 259 16.71 5.00 -24.26
N HIS B 260 17.88 4.67 -24.81
CA HIS B 260 18.27 3.27 -24.86
C HIS B 260 18.45 2.67 -23.47
N GLU B 261 19.12 3.41 -22.57
CA GLU B 261 19.23 2.95 -21.19
C GLU B 261 17.86 2.70 -20.58
N ARG B 262 16.90 3.55 -20.91
CA ARG B 262 15.57 3.38 -20.31
C ARG B 262 14.91 2.10 -20.81
N ILE B 263 14.91 1.85 -22.12
CA ILE B 263 14.22 0.64 -22.55
C ILE B 263 15.00 -0.62 -22.12
N GLY B 264 16.33 -0.54 -22.05
CA GLY B 264 17.10 -1.64 -21.50
C GLY B 264 16.65 -2.02 -20.10
N LEU B 265 16.51 -1.03 -19.21
CA LEU B 265 16.04 -1.36 -17.86
C LEU B 265 14.60 -1.87 -17.87
N ALA B 266 13.70 -1.26 -18.67
CA ALA B 266 12.32 -1.73 -18.72
C ALA B 266 12.23 -3.19 -19.18
N ALA B 267 13.10 -3.59 -20.11
CA ALA B 267 13.16 -4.97 -20.61
C ALA B 267 13.42 -6.00 -19.51
N LEU B 268 13.94 -5.61 -18.36
CA LEU B 268 14.11 -6.58 -17.28
C LEU B 268 12.79 -7.19 -16.83
N GLY B 269 11.67 -6.53 -17.10
CA GLY B 269 10.38 -7.03 -16.69
C GLY B 269 10.03 -8.37 -17.31
N GLY B 270 10.53 -8.64 -18.51
CA GLY B 270 10.27 -9.92 -19.14
C GLY B 270 10.61 -11.11 -18.25
N ARG B 271 11.68 -10.98 -17.47
CA ARG B 271 12.08 -12.13 -16.64
C ARG B 271 11.08 -12.38 -15.52
N MET B 272 10.50 -11.32 -14.96
CA MET B 272 9.54 -11.51 -13.89
C MET B 272 8.25 -12.14 -14.42
N ILE B 273 7.91 -11.87 -15.69
CA ILE B 273 6.74 -12.49 -16.30
C ILE B 273 7.02 -13.97 -16.52
N ARG B 274 8.23 -14.30 -16.97
CA ARG B 274 8.61 -15.69 -17.10
C ARG B 274 8.49 -16.41 -15.76
N LEU B 275 8.99 -15.79 -14.70
CA LEU B 275 8.99 -16.48 -13.42
C LEU B 275 7.58 -16.55 -12.84
N TRP B 276 6.74 -15.54 -13.09
CA TRP B 276 5.34 -15.67 -12.73
C TRP B 276 4.73 -16.89 -13.40
N GLU B 277 4.95 -17.04 -14.71
CA GLU B 277 4.39 -18.18 -15.42
C GLU B 277 4.97 -19.49 -14.89
N ASP B 278 6.25 -19.49 -14.56
CA ASP B 278 6.83 -20.72 -14.04
C ASP B 278 6.26 -21.07 -12.67
N VAL B 279 5.98 -20.07 -11.84
CA VAL B 279 5.37 -20.38 -10.55
C VAL B 279 3.97 -20.95 -10.73
N VAL B 280 3.19 -20.40 -11.67
CA VAL B 280 1.85 -20.93 -11.87
C VAL B 280 1.93 -22.42 -12.22
N ALA B 281 2.85 -22.77 -13.12
CA ALA B 281 3.02 -24.16 -13.53
C ALA B 281 3.49 -25.02 -12.35
N TRP B 282 4.41 -24.46 -11.55
CA TRP B 282 4.87 -25.17 -10.37
C TRP B 282 3.71 -25.42 -9.41
N ALA B 283 2.88 -24.41 -9.21
CA ALA B 283 1.80 -24.50 -8.24
C ALA B 283 0.68 -25.39 -8.76
N ARG B 284 0.44 -25.36 -10.08
CA ARG B 284 -0.55 -26.27 -10.65
C ARG B 284 -0.17 -27.73 -10.37
N ASP B 285 1.12 -28.04 -10.52
CA ASP B 285 1.53 -29.43 -10.48
C ASP B 285 1.56 -30.00 -9.05
N ASN B 286 1.76 -29.17 -8.04
CA ASN B 286 1.83 -29.74 -6.69
C ASN B 286 0.61 -29.41 -5.86
N GLY B 287 -0.41 -28.75 -6.45
CA GLY B 287 -1.64 -28.46 -5.74
C GLY B 287 -1.66 -27.15 -4.97
N VAL B 288 -0.53 -26.45 -4.89
CA VAL B 288 -0.52 -25.17 -4.20
C VAL B 288 -1.53 -24.21 -4.84
N LEU B 289 -1.77 -24.37 -6.16
CA LEU B 289 -2.67 -23.49 -6.90
C LEU B 289 -4.12 -23.60 -6.45
N GLU B 290 -4.48 -24.67 -5.74
CA GLU B 290 -5.85 -24.80 -5.24
C GLU B 290 -6.15 -23.78 -4.14
N GLN B 291 -5.15 -23.27 -3.43
CA GLN B 291 -5.41 -22.38 -2.29
C GLN B 291 -6.00 -21.06 -2.75
N PRO B 292 -7.10 -20.58 -2.13
CA PRO B 292 -7.64 -19.27 -2.54
C PRO B 292 -6.61 -18.17 -2.40
N TRP B 293 -5.77 -18.18 -1.37
CA TRP B 293 -4.84 -17.08 -1.23
C TRP B 293 -3.78 -17.09 -2.31
N VAL B 294 -3.33 -18.26 -2.77
CA VAL B 294 -2.40 -18.32 -3.90
C VAL B 294 -3.05 -17.72 -5.14
N ARG B 295 -4.29 -18.15 -5.45
CA ARG B 295 -4.99 -17.64 -6.64
C ARG B 295 -5.18 -16.12 -6.60
N ARG B 296 -5.60 -15.59 -5.45
CA ARG B 296 -5.68 -14.14 -5.31
C ARG B 296 -4.32 -13.50 -5.60
N ASP B 297 -3.25 -14.04 -4.98
CA ASP B 297 -1.92 -13.44 -5.12
C ASP B 297 -1.42 -13.52 -6.56
N LEU B 298 -1.68 -14.63 -7.24
CA LEU B 298 -1.35 -14.74 -8.66
C LEU B 298 -2.15 -13.76 -9.50
N ALA B 299 -3.43 -13.54 -9.15
CA ALA B 299 -4.29 -12.61 -9.89
C ALA B 299 -3.78 -11.17 -9.77
N ARG B 300 -3.44 -10.74 -8.53
CA ARG B 300 -2.98 -9.39 -8.29
C ARG B 300 -1.64 -9.12 -8.98
N THR B 301 -0.72 -10.09 -8.93
CA THR B 301 0.55 -9.90 -9.62
C THR B 301 0.39 -9.95 -11.13
N TYR B 302 -0.50 -10.80 -11.64
CA TYR B 302 -0.85 -10.78 -13.07
C TYR B 302 -1.33 -9.39 -13.51
N ALA B 303 -2.30 -8.81 -12.78
CA ALA B 303 -2.80 -7.49 -13.15
C ALA B 303 -1.68 -6.45 -13.12
N LYS B 304 -0.78 -6.52 -12.13
CA LYS B 304 0.29 -5.54 -12.07
C LYS B 304 1.34 -5.77 -13.16
N LEU B 305 1.58 -7.04 -13.51
CA LEU B 305 2.53 -7.35 -14.59
C LEU B 305 1.98 -6.95 -15.96
N GLU B 306 0.67 -7.10 -16.16
CA GLU B 306 0.03 -6.62 -17.38
C GLU B 306 0.27 -5.13 -17.58
N ALA B 307 0.02 -4.34 -16.53
CA ALA B 307 0.22 -2.90 -16.67
C ALA B 307 1.68 -2.62 -16.96
N MET B 308 2.57 -3.30 -16.23
CA MET B 308 4.00 -3.11 -16.43
C MET B 308 4.38 -3.44 -17.87
N ARG B 309 3.91 -4.59 -18.36
CA ARG B 309 4.24 -5.02 -19.71
C ARG B 309 3.77 -4.02 -20.73
N LEU B 310 2.57 -3.47 -20.55
CA LEU B 310 2.00 -2.52 -21.51
C LEU B 310 2.63 -1.13 -21.36
N LEU B 311 2.87 -0.66 -20.13
CA LEU B 311 3.55 0.62 -19.95
C LEU B 311 4.96 0.56 -20.54
N ASN B 312 5.62 -0.60 -20.39
CA ASN B 312 6.96 -0.75 -20.97
C ASN B 312 6.89 -0.67 -22.48
N TRP B 313 5.94 -1.37 -23.10
CA TRP B 313 5.79 -1.22 -24.56
C TRP B 313 5.43 0.22 -24.94
N LYS B 314 4.59 0.88 -24.15
CA LYS B 314 4.18 2.24 -24.51
C LYS B 314 5.37 3.18 -24.51
N MET B 315 6.23 3.07 -23.50
CA MET B 315 7.49 3.81 -23.49
C MET B 315 8.33 3.47 -24.72
N THR B 316 8.47 2.18 -25.01
CA THR B 316 9.28 1.77 -26.18
C THR B 316 8.73 2.39 -27.45
N ILE B 317 7.41 2.32 -27.66
CA ILE B 317 6.84 2.92 -28.88
C ILE B 317 7.09 4.42 -28.89
N ALA B 318 6.95 5.08 -27.75
CA ALA B 318 7.27 6.51 -27.68
C ALA B 318 8.71 6.80 -28.10
N VAL B 319 9.68 6.04 -27.56
CA VAL B 319 11.09 6.18 -27.98
C VAL B 319 11.19 6.00 -29.49
N GLU B 320 10.49 5.01 -30.03
CA GLU B 320 10.54 4.77 -31.48
C GLU B 320 10.02 5.97 -32.26
N ASN B 321 9.06 6.71 -31.71
CA ASN B 321 8.50 7.87 -32.40
C ASN B 321 9.11 9.19 -31.91
N ASP B 322 10.12 9.14 -31.04
CA ASP B 322 10.73 10.35 -30.44
C ASP B 322 9.73 11.21 -29.69
N GLU B 323 8.91 10.58 -28.85
CA GLU B 323 7.82 11.26 -28.16
C GLU B 323 7.79 10.94 -26.67
N LEU B 324 8.90 10.47 -26.12
CA LEU B 324 8.93 10.06 -24.73
C LEU B 324 9.13 11.27 -23.82
N THR B 325 8.15 11.54 -22.96
CA THR B 325 8.36 12.60 -21.96
C THR B 325 9.12 12.06 -20.76
N GLY B 326 9.85 12.97 -20.09
CA GLY B 326 10.51 12.60 -18.85
C GLY B 326 9.54 12.12 -17.79
N ALA B 327 8.35 12.72 -17.74
CA ALA B 327 7.29 12.26 -16.85
C ALA B 327 6.91 10.80 -17.15
N ASP B 328 6.65 10.46 -18.41
CA ASP B 328 6.28 9.08 -18.71
C ASP B 328 7.45 8.13 -18.46
N ALA B 329 8.67 8.57 -18.80
CA ALA B 329 9.86 7.75 -18.52
C ALA B 329 9.98 7.44 -17.04
N GLY B 330 9.98 8.46 -16.20
CA GLY B 330 10.17 8.24 -14.79
C GLY B 330 9.00 7.50 -14.17
N ALA B 331 7.76 7.81 -14.61
CA ALA B 331 6.60 7.07 -14.13
C ALA B 331 6.72 5.59 -14.45
N THR B 332 7.10 5.28 -15.70
CA THR B 332 7.21 3.89 -16.09
C THR B 332 8.31 3.17 -15.32
N LYS B 333 9.46 3.83 -15.13
CA LYS B 333 10.58 3.21 -14.42
C LYS B 333 10.20 2.95 -12.94
N ALA B 334 9.60 3.94 -12.26
CA ALA B 334 9.27 3.76 -10.85
C ALA B 334 8.25 2.64 -10.66
N TYR B 335 7.21 2.63 -11.49
CA TYR B 335 6.20 1.59 -11.37
C TYR B 335 6.81 0.21 -11.66
N GLY B 336 7.64 0.11 -12.71
CA GLY B 336 8.16 -1.20 -13.10
C GLY B 336 9.06 -1.79 -12.03
N THR B 337 10.02 -0.99 -11.53
CA THR B 337 10.93 -1.53 -10.53
C THR B 337 10.23 -1.79 -9.22
N GLU B 338 9.24 -0.99 -8.86
CA GLU B 338 8.51 -1.34 -7.65
C GLU B 338 7.66 -2.58 -7.86
N THR B 339 7.18 -2.81 -9.10
CA THR B 339 6.40 -4.02 -9.40
C THR B 339 7.26 -5.27 -9.39
N HIS B 340 8.52 -5.17 -9.80
CA HIS B 340 9.42 -6.31 -9.68
C HIS B 340 9.51 -6.75 -8.22
N ILE B 341 9.70 -5.78 -7.31
CA ILE B 341 9.81 -6.13 -5.89
C ILE B 341 8.53 -6.76 -5.41
N ASP B 342 7.39 -6.16 -5.74
CA ASP B 342 6.09 -6.72 -5.35
C ASP B 342 5.95 -8.17 -5.81
N VAL B 343 6.25 -8.43 -7.08
CA VAL B 343 6.11 -9.77 -7.61
C VAL B 343 7.08 -10.73 -6.92
N GLN B 344 8.32 -10.27 -6.66
CA GLN B 344 9.30 -11.12 -5.98
C GLN B 344 8.84 -11.51 -4.59
N ARG B 345 8.35 -10.52 -3.82
CA ARG B 345 7.78 -10.77 -2.50
C ARG B 345 6.63 -11.76 -2.60
N THR B 346 5.71 -11.50 -3.53
CA THR B 346 4.50 -12.29 -3.55
C THR B 346 4.77 -13.71 -4.00
N LEU B 347 5.56 -13.86 -5.05
CA LEU B 347 5.88 -15.20 -5.55
C LEU B 347 6.64 -16.02 -4.49
N THR B 348 7.60 -15.39 -3.79
CA THR B 348 8.28 -16.03 -2.67
C THR B 348 7.28 -16.58 -1.66
N GLY B 349 6.21 -15.82 -1.40
CA GLY B 349 5.21 -16.29 -0.48
C GLY B 349 4.52 -17.53 -1.01
N ILE B 350 4.27 -17.57 -2.32
CA ILE B 350 3.61 -18.73 -2.91
C ILE B 350 4.49 -19.98 -2.84
N LEU B 351 5.82 -19.82 -2.95
CA LEU B 351 6.76 -20.95 -2.86
C LEU B 351 6.77 -21.62 -1.48
N GLY B 352 6.20 -21.00 -0.46
CA GLY B 352 6.14 -21.68 0.83
C GLY B 352 7.54 -21.88 1.39
N ALA B 353 7.75 -23.04 2.02
CA ALA B 353 9.03 -23.30 2.71
C ALA B 353 10.22 -23.28 1.75
N ALA B 354 10.03 -23.69 0.49
CA ALA B 354 11.09 -23.61 -0.51
C ALA B 354 11.49 -22.19 -0.87
N GLY B 355 10.67 -21.19 -0.52
CA GLY B 355 10.97 -19.83 -0.92
C GLY B 355 12.21 -19.24 -0.28
N ARG B 356 12.65 -19.79 0.85
CA ARG B 356 13.86 -19.30 1.50
C ARG B 356 15.15 -20.05 1.09
N ILE B 357 15.09 -20.99 0.16
CA ILE B 357 16.25 -21.80 -0.15
C ILE B 357 17.05 -21.14 -1.28
N ARG B 358 18.35 -20.90 -1.03
CA ARG B 358 19.22 -20.22 -1.98
C ARG B 358 19.54 -21.13 -3.17
N PRO B 359 19.88 -20.53 -4.31
CA PRO B 359 20.35 -21.32 -5.46
C PRO B 359 21.47 -22.24 -5.04
N GLU B 360 21.55 -23.40 -5.70
CA GLU B 360 22.56 -24.43 -5.51
C GLU B 360 22.26 -25.26 -4.28
N SER B 361 21.19 -24.98 -3.51
CA SER B 361 20.90 -25.78 -2.34
C SER B 361 19.76 -26.75 -2.63
N PRO B 362 19.72 -27.87 -1.93
CA PRO B 362 18.64 -28.83 -2.22
C PRO B 362 17.31 -28.28 -1.77
N GLY B 363 16.27 -28.66 -2.52
CA GLY B 363 14.92 -28.21 -2.31
C GLY B 363 14.61 -26.89 -2.98
N ALA B 364 15.60 -26.23 -3.58
CA ALA B 364 15.34 -24.93 -4.19
C ALA B 364 14.29 -25.11 -5.28
N VAL B 365 13.45 -24.12 -5.46
CA VAL B 365 12.38 -24.20 -6.48
C VAL B 365 12.77 -23.30 -7.61
N LEU B 366 12.58 -23.76 -8.86
CA LEU B 366 13.01 -22.97 -10.01
C LEU B 366 14.44 -22.51 -9.83
N ALA B 367 15.26 -23.43 -9.30
CA ALA B 367 16.68 -23.28 -9.05
C ALA B 367 17.02 -22.16 -8.08
N GLY B 368 16.08 -21.69 -7.26
CA GLY B 368 16.32 -20.53 -6.39
C GLY B 368 16.34 -19.16 -7.08
N GLN B 369 15.91 -19.08 -8.34
CA GLN B 369 15.95 -17.79 -9.03
C GLN B 369 15.16 -16.72 -8.28
N ILE B 370 13.98 -17.06 -7.74
CA ILE B 370 13.17 -16.02 -7.14
C ILE B 370 13.79 -15.58 -5.82
N GLU B 371 14.32 -16.54 -5.06
CA GLU B 371 15.05 -16.18 -3.85
C GLU B 371 16.21 -15.25 -4.19
N GLN B 372 16.96 -15.57 -5.24
CA GLN B 372 18.11 -14.74 -5.57
C GLN B 372 17.67 -13.37 -6.09
N LEU B 373 16.65 -13.33 -6.95
CA LEU B 373 16.19 -12.05 -7.51
C LEU B 373 15.62 -11.12 -6.43
N SER B 374 14.98 -11.68 -5.41
CA SER B 374 14.53 -10.83 -4.31
C SER B 374 15.67 -10.05 -3.71
N ARG B 375 16.88 -10.65 -3.65
CA ARG B 375 18.04 -9.96 -3.11
C ARG B 375 18.68 -9.03 -4.13
N GLN B 376 18.22 -9.03 -5.38
CA GLN B 376 18.70 -8.12 -6.41
C GLN B 376 17.71 -7.02 -6.72
N GLY B 377 16.41 -7.33 -6.76
CA GLY B 377 15.42 -6.35 -7.15
C GLY B 377 15.46 -5.13 -6.26
N ILE B 378 15.90 -5.31 -5.02
CA ILE B 378 15.97 -4.24 -4.03
C ILE B 378 17.01 -3.18 -4.37
N VAL B 379 17.83 -3.36 -5.42
CA VAL B 379 18.73 -2.29 -5.86
C VAL B 379 18.15 -1.43 -6.99
N ASN B 380 17.22 -1.96 -7.79
CA ASN B 380 16.82 -1.24 -8.99
C ASN B 380 15.89 -0.06 -8.72
N THR B 381 15.37 0.07 -7.50
CA THR B 381 14.58 1.27 -7.16
C THR B 381 15.44 2.52 -7.01
N PHE B 382 16.76 2.37 -6.82
CA PHE B 382 17.68 3.50 -6.90
C PHE B 382 18.71 3.42 -8.02
N GLY B 383 18.76 2.34 -8.79
CA GLY B 383 19.56 2.33 -10.01
C GLY B 383 18.73 2.81 -11.20
N GLY B 384 19.39 3.35 -12.22
CA GLY B 384 18.64 3.91 -13.36
C GLY B 384 17.75 5.08 -13.00
N GLY B 385 18.16 5.89 -12.03
CA GLY B 385 17.34 6.99 -11.56
C GLY B 385 16.75 6.65 -10.20
N VAL B 386 16.92 7.52 -9.22
CA VAL B 386 16.35 7.27 -7.89
C VAL B 386 14.85 7.56 -7.92
N ASN B 387 14.05 6.57 -7.50
CA ASN B 387 12.59 6.65 -7.63
C ASN B 387 12.00 7.90 -6.97
N GLU B 388 12.58 8.39 -5.88
CA GLU B 388 12.05 9.62 -5.31
C GLU B 388 12.30 10.80 -6.23
N VAL B 389 13.46 10.83 -6.88
CA VAL B 389 13.71 11.90 -7.82
C VAL B 389 12.78 11.77 -9.01
N LEU B 390 12.52 10.54 -9.44
CA LEU B 390 11.66 10.34 -10.58
C LEU B 390 10.23 10.80 -10.27
N ARG B 391 9.76 10.59 -9.02
CA ARG B 391 8.41 11.05 -8.68
C ARG B 391 8.34 12.58 -8.62
N ASP B 392 9.42 13.23 -8.17
CA ASP B 392 9.50 14.70 -8.24
C ASP B 392 9.35 15.15 -9.69
N MET B 393 10.06 14.49 -10.60
CA MET B 393 10.00 14.86 -12.02
C MET B 393 8.62 14.62 -12.61
N VAL B 394 7.96 13.52 -12.24
CA VAL B 394 6.59 13.29 -12.70
C VAL B 394 5.68 14.44 -12.30
N ALA B 395 5.80 14.89 -11.05
CA ALA B 395 4.96 15.98 -10.57
C ALA B 395 5.32 17.29 -11.23
N THR B 396 6.63 17.57 -11.38
N THR B 396 6.62 17.57 -11.37
CA THR B 396 7.04 18.84 -11.98
CA THR B 396 7.05 18.83 -11.96
C THR B 396 6.80 18.85 -13.47
C THR B 396 6.81 18.85 -13.47
N LEU B 397 7.44 17.93 -14.21
CA LEU B 397 7.27 17.93 -15.67
C LEU B 397 5.95 17.33 -16.10
N GLY B 398 5.40 16.40 -15.33
CA GLY B 398 4.15 15.77 -15.74
C GLY B 398 2.89 16.54 -15.38
N LEU B 399 2.87 17.24 -14.27
CA LEU B 399 1.66 17.91 -13.83
C LEU B 399 1.89 19.40 -13.65
N GLY B 400 3.08 19.90 -13.99
CA GLY B 400 3.37 21.32 -13.90
C GLY B 400 3.54 21.83 -12.50
N MET B 401 3.75 20.96 -11.50
CA MET B 401 4.03 21.43 -10.15
C MET B 401 5.33 22.25 -10.12
N PRO B 402 5.42 23.29 -9.30
CA PRO B 402 6.71 23.97 -9.11
C PRO B 402 7.66 23.07 -8.33
N ARG B 403 8.98 23.28 -8.52
CA ARG B 403 9.98 22.32 -8.03
C ARG B 403 10.03 22.33 -6.50
N SER B 404 10.17 21.14 -5.90
CA SER B 404 10.22 20.99 -4.44
C SER B 404 11.59 21.35 -3.87
N MET C 1 -4.40 -1.28 32.36
CA MET C 1 -3.36 -1.87 31.55
C MET C 1 -2.03 -1.17 31.74
N ASP C 2 -1.00 -1.68 31.05
CA ASP C 2 0.36 -1.18 31.16
C ASP C 2 1.14 -1.60 29.94
N PHE C 3 1.90 -0.68 29.36
CA PHE C 3 2.68 -0.93 28.15
C PHE C 3 4.16 -0.78 28.41
N THR C 4 4.67 -1.26 29.54
CA THR C 4 6.09 -1.17 29.82
C THR C 4 6.61 -2.48 30.40
N LEU C 5 7.89 -2.76 30.12
CA LEU C 5 8.52 -3.95 30.70
C LEU C 5 8.65 -3.79 32.20
N GLY C 6 8.43 -4.88 32.92
CA GLY C 6 8.74 -4.85 34.34
C GLY C 6 10.22 -4.65 34.56
N GLU C 7 10.60 -4.47 35.84
CA GLU C 7 12.02 -4.28 36.12
C GLU C 7 12.85 -5.56 35.92
N GLU C 8 12.23 -6.73 36.01
CA GLU C 8 12.97 -7.96 35.70
C GLU C 8 13.21 -8.11 34.20
N LEU C 9 12.20 -7.83 33.39
CA LEU C 9 12.36 -7.91 31.94
C LEU C 9 13.27 -6.82 31.41
N THR C 10 13.25 -5.64 32.05
CA THR C 10 14.19 -4.59 31.71
C THR C 10 15.64 -5.01 32.02
N GLU C 11 15.89 -5.60 33.19
CA GLU C 11 17.22 -6.09 33.50
C GLU C 11 17.65 -7.14 32.50
N LEU C 12 16.74 -8.06 32.16
CA LEU C 12 17.05 -9.12 31.21
C LEU C 12 17.37 -8.52 29.83
N GLN C 13 16.58 -7.55 29.42
CA GLN C 13 16.80 -6.89 28.14
C GLN C 13 18.21 -6.30 28.06
N GLY C 14 18.63 -5.59 29.11
CA GLY C 14 19.93 -4.95 29.08
C GLY C 14 21.07 -5.95 29.08
N LEU C 15 20.92 -7.05 29.82
CA LEU C 15 21.92 -8.10 29.83
C LEU C 15 22.04 -8.75 28.45
N ALA C 16 20.90 -9.09 27.83
CA ALA C 16 20.99 -9.69 26.50
C ALA C 16 21.54 -8.70 25.48
N ARG C 17 21.13 -7.44 25.56
CA ARG C 17 21.66 -6.45 24.62
C ARG C 17 23.18 -6.36 24.72
N GLN C 18 23.73 -6.47 25.92
CA GLN C 18 25.19 -6.34 26.07
C GLN C 18 25.91 -7.56 25.49
N ILE C 19 25.35 -8.75 25.68
CA ILE C 19 25.98 -9.95 25.15
C ILE C 19 25.96 -9.97 23.62
N PHE C 20 24.79 -9.69 23.02
CA PHE C 20 24.70 -9.68 21.56
C PHE C 20 25.59 -8.60 20.96
N THR C 21 25.64 -7.44 21.61
CA THR C 21 26.51 -6.37 21.13
C THR C 21 27.95 -6.82 21.13
N ASP C 22 28.33 -7.64 22.12
CA ASP C 22 29.71 -8.08 22.24
C ASP C 22 30.10 -9.05 21.13
N HIS C 23 29.18 -9.94 20.75
CA HIS C 23 29.48 -11.06 19.88
C HIS C 23 29.04 -10.85 18.44
N ALA C 24 28.05 -10.01 18.21
CA ALA C 24 27.52 -9.88 16.85
C ALA C 24 28.19 -8.71 16.10
N THR C 25 29.52 -8.74 16.05
CA THR C 25 30.34 -7.80 15.31
C THR C 25 30.44 -8.20 13.84
N HIS C 26 30.85 -7.26 13.01
CA HIS C 26 31.09 -7.58 11.62
C HIS C 26 32.02 -8.82 11.46
N GLN C 27 33.17 -8.82 12.12
CA GLN C 27 34.09 -9.96 11.98
C GLN C 27 33.43 -11.27 12.36
N ARG C 28 32.73 -11.30 13.51
CA ARG C 28 32.14 -12.56 13.96
C ARG C 28 30.99 -13.00 13.06
N LEU C 29 30.12 -12.08 12.65
CA LEU C 29 29.02 -12.48 11.79
C LEU C 29 29.54 -13.07 10.48
N ARG C 30 30.55 -12.44 9.87
CA ARG C 30 31.14 -12.96 8.63
C ARG C 30 31.70 -14.36 8.82
N ALA C 31 32.46 -14.58 9.88
CA ALA C 31 33.00 -15.92 10.16
C ALA C 31 31.90 -16.93 10.41
N VAL C 32 30.94 -16.62 11.28
CA VAL C 32 29.90 -17.59 11.56
C VAL C 32 29.10 -17.92 10.29
N GLU C 33 28.78 -16.92 9.49
CA GLU C 33 27.91 -17.16 8.33
C GLU C 33 28.63 -17.89 7.21
N THR C 34 29.94 -18.11 7.34
CA THR C 34 30.68 -18.94 6.40
C THR C 34 31.15 -20.25 7.02
N SER C 35 30.69 -20.59 8.23
CA SER C 35 31.10 -21.79 8.93
C SER C 35 30.24 -22.98 8.52
N GLU C 36 30.58 -24.15 9.05
CA GLU C 36 29.82 -25.35 8.77
C GLU C 36 28.45 -25.30 9.40
N SER C 37 28.39 -24.90 10.66
CA SER C 37 27.10 -24.93 11.35
C SER C 37 26.30 -23.65 11.17
N ARG C 38 26.93 -22.52 10.84
CA ARG C 38 26.26 -21.22 10.77
C ARG C 38 25.68 -20.78 12.12
N ILE C 39 26.14 -21.41 13.21
CA ILE C 39 25.70 -21.09 14.56
C ILE C 39 26.87 -20.53 15.35
N ASP C 40 26.64 -19.43 16.08
CA ASP C 40 27.71 -18.82 16.89
C ASP C 40 27.73 -19.52 18.23
N GLU C 41 28.59 -20.54 18.32
CA GLU C 41 28.72 -21.37 19.52
C GLU C 41 29.31 -20.60 20.71
N THR C 42 30.19 -19.63 20.46
CA THR C 42 30.67 -18.82 21.59
C THR C 42 29.51 -18.05 22.19
N LEU C 43 28.66 -17.47 21.34
CA LEU C 43 27.54 -16.67 21.82
C LEU C 43 26.54 -17.57 22.55
N TRP C 44 26.28 -18.78 22.02
CA TRP C 44 25.45 -19.74 22.72
C TRP C 44 25.95 -19.95 24.14
N ARG C 45 27.25 -20.20 24.28
CA ARG C 45 27.81 -20.49 25.59
C ARG C 45 27.71 -19.30 26.53
N GLU C 46 27.94 -18.08 26.02
CA GLU C 46 27.79 -16.88 26.87
C GLU C 46 26.35 -16.69 27.30
N LEU C 47 25.40 -16.97 26.42
CA LEU C 47 24.00 -16.81 26.81
C LEU C 47 23.65 -17.82 27.89
N ALA C 48 24.19 -19.04 27.77
CA ALA C 48 23.94 -20.08 28.76
C ALA C 48 24.49 -19.64 30.11
N GLY C 49 25.76 -19.24 30.13
CA GLY C 49 26.39 -18.89 31.38
C GLY C 49 25.81 -17.64 32.01
N ALA C 50 25.23 -16.75 31.21
CA ALA C 50 24.52 -15.59 31.74
C ALA C 50 23.10 -15.93 32.20
N GLY C 51 22.67 -17.18 32.08
CA GLY C 51 21.36 -17.57 32.53
C GLY C 51 20.24 -17.25 31.57
N LEU C 52 20.55 -16.80 30.34
CA LEU C 52 19.53 -16.35 29.40
C LEU C 52 18.85 -17.48 28.64
N LEU C 53 19.47 -18.68 28.56
CA LEU C 53 18.74 -19.84 28.05
C LEU C 53 17.73 -20.38 29.06
N GLY C 54 17.89 -20.09 30.36
CA GLY C 54 16.97 -20.62 31.35
C GLY C 54 15.88 -19.63 31.75
N VAL C 55 16.04 -18.39 31.28
CA VAL C 55 15.24 -17.31 31.84
C VAL C 55 13.78 -17.56 31.58
N ALA C 56 13.44 -18.11 30.41
CA ALA C 56 12.05 -18.43 30.09
C ALA C 56 11.60 -19.81 30.55
N LEU C 57 12.50 -20.66 31.05
CA LEU C 57 12.13 -22.06 31.34
C LEU C 57 11.82 -22.25 32.81
N PRO C 58 11.19 -23.36 33.18
CA PRO C 58 10.70 -23.50 34.56
C PRO C 58 11.83 -23.62 35.58
N GLU C 59 11.49 -23.28 36.83
CA GLU C 59 12.45 -23.40 37.92
C GLU C 59 12.95 -24.83 38.07
N ALA C 60 12.04 -25.81 37.99
CA ALA C 60 12.43 -27.22 38.06
C ALA C 60 13.63 -27.51 37.16
N ALA C 61 13.64 -26.94 35.95
CA ALA C 61 14.72 -27.17 34.99
C ALA C 61 16.00 -26.41 35.34
N GLY C 62 15.99 -25.60 36.39
CA GLY C 62 17.08 -24.69 36.63
C GLY C 62 16.86 -23.33 36.03
N GLY C 63 15.70 -23.09 35.44
CA GLY C 63 15.41 -21.82 34.81
C GLY C 63 14.83 -20.82 35.79
N ALA C 64 14.59 -19.61 35.27
CA ALA C 64 13.99 -18.56 36.09
C ALA C 64 12.47 -18.59 36.12
N GLY C 65 11.80 -19.29 35.21
CA GLY C 65 10.35 -19.37 35.23
C GLY C 65 9.62 -18.13 34.73
N LEU C 66 10.25 -17.33 33.90
CA LEU C 66 9.63 -16.08 33.45
C LEU C 66 8.90 -16.20 32.12
N GLY C 67 8.89 -17.37 31.50
CA GLY C 67 7.89 -17.66 30.48
C GLY C 67 8.03 -16.87 29.18
N LEU C 68 6.95 -16.90 28.41
CA LEU C 68 6.97 -16.42 27.02
C LEU C 68 7.42 -14.96 26.93
N GLY C 69 6.99 -14.13 27.89
CA GLY C 69 7.36 -12.72 27.84
C GLY C 69 8.86 -12.52 27.95
N ALA C 70 9.52 -13.33 28.76
CA ALA C 70 10.99 -13.27 28.84
C ALA C 70 11.64 -13.75 27.55
N LEU C 71 11.11 -14.84 26.96
CA LEU C 71 11.63 -15.31 25.69
C LEU C 71 11.49 -14.25 24.60
N CYS C 72 10.34 -13.55 24.55
CA CYS C 72 10.18 -12.52 23.52
C CYS C 72 11.10 -11.34 23.74
N VAL C 73 11.34 -10.94 24.97
CA VAL C 73 12.32 -9.90 25.21
C VAL C 73 13.69 -10.34 24.69
N LEU C 74 14.08 -11.57 25.02
CA LEU C 74 15.36 -12.07 24.52
C LEU C 74 15.38 -12.12 23.00
N LEU C 75 14.29 -12.58 22.38
CA LEU C 75 14.27 -12.76 20.93
C LEU C 75 14.31 -11.42 20.21
N GLU C 76 13.60 -10.40 20.73
CA GLU C 76 13.67 -9.07 20.13
C GLU C 76 15.10 -8.53 20.15
N GLU C 77 15.82 -8.67 21.27
CA GLU C 77 17.23 -8.29 21.28
C GLU C 77 18.03 -9.08 20.25
N GLN C 78 17.76 -10.37 20.09
CA GLN C 78 18.51 -11.14 19.09
C GLN C 78 18.26 -10.56 17.70
N GLY C 79 16.99 -10.28 17.37
CA GLY C 79 16.68 -9.69 16.09
C GLY C 79 17.35 -8.35 15.91
N ARG C 80 17.41 -7.54 16.98
CA ARG C 80 18.02 -6.21 16.84
C ARG C 80 19.48 -6.33 16.38
N HIS C 81 20.13 -7.47 16.69
CA HIS C 81 21.55 -7.69 16.39
C HIS C 81 21.78 -8.77 15.31
N VAL C 82 20.72 -9.32 14.74
CA VAL C 82 20.78 -10.34 13.71
C VAL C 82 21.85 -11.36 14.07
N ALA C 83 21.84 -11.80 15.36
CA ALA C 83 22.87 -12.66 15.93
C ALA C 83 22.52 -14.13 15.68
N PRO C 84 23.40 -14.91 15.01
CA PRO C 84 23.02 -16.25 14.56
C PRO C 84 23.17 -17.32 15.64
N VAL C 85 22.10 -17.50 16.41
CA VAL C 85 21.96 -18.62 17.35
C VAL C 85 20.54 -19.12 17.30
N PRO C 86 20.33 -20.41 17.43
CA PRO C 86 18.98 -20.94 17.25
C PRO C 86 18.15 -20.83 18.53
N LEU C 87 17.95 -19.59 18.98
CA LEU C 87 17.17 -19.35 20.18
C LEU C 87 15.70 -19.78 20.00
N TRP C 88 15.05 -19.34 18.92
CA TRP C 88 13.62 -19.65 18.90
C TRP C 88 13.40 -21.14 18.62
N PRO C 89 14.13 -21.82 17.74
CA PRO C 89 13.88 -23.27 17.61
C PRO C 89 14.18 -24.06 18.88
N THR C 90 15.22 -23.70 19.63
CA THR C 90 15.56 -24.43 20.85
C THR C 90 14.59 -24.10 21.98
N LEU C 91 14.30 -22.81 22.17
CA LEU C 91 13.51 -22.43 23.32
C LEU C 91 11.99 -22.59 23.08
N VAL C 92 11.51 -22.46 21.84
CA VAL C 92 10.12 -22.85 21.60
C VAL C 92 9.94 -24.35 21.82
N ALA C 93 10.90 -25.16 21.37
CA ALA C 93 10.83 -26.59 21.64
C ALA C 93 10.91 -26.86 23.14
N ALA C 94 11.72 -26.10 23.87
CA ALA C 94 11.80 -26.31 25.31
C ALA C 94 10.48 -25.94 25.99
N LEU C 95 9.85 -24.85 25.53
CA LEU C 95 8.57 -24.46 26.12
C LEU C 95 7.50 -25.49 25.81
N ALA C 96 7.51 -26.06 24.60
CA ALA C 96 6.53 -27.09 24.28
C ALA C 96 6.71 -28.31 25.18
N ILE C 97 7.96 -28.77 25.33
CA ILE C 97 8.24 -29.89 26.22
C ILE C 97 7.84 -29.57 27.65
N ALA C 98 8.17 -28.37 28.12
CA ALA C 98 7.80 -27.99 29.49
C ALA C 98 6.30 -28.05 29.67
N GLU C 99 5.54 -27.61 28.68
CA GLU C 99 4.10 -27.48 28.81
C GLU C 99 3.36 -28.74 28.41
N HIS C 100 3.86 -29.48 27.42
CA HIS C 100 3.12 -30.63 26.90
C HIS C 100 3.93 -31.91 26.87
N GLY C 101 5.17 -31.90 27.35
CA GLY C 101 6.04 -33.05 27.25
C GLY C 101 5.84 -34.00 28.41
N THR C 102 6.32 -35.23 28.22
CA THR C 102 6.35 -36.19 29.31
C THR C 102 7.44 -35.82 30.32
N ALA C 103 7.49 -36.53 31.45
CA ALA C 103 8.54 -36.30 32.42
C ALA C 103 9.93 -36.57 31.82
N GLU C 104 10.06 -37.61 30.97
CA GLU C 104 11.37 -37.91 30.40
C GLU C 104 11.78 -36.87 29.36
N GLN C 105 10.81 -36.26 28.67
CA GLN C 105 11.14 -35.16 27.78
C GLN C 105 11.62 -33.96 28.59
N ARG C 106 10.98 -33.72 29.74
CA ARG C 106 11.36 -32.60 30.59
C ARG C 106 12.75 -32.77 31.17
N ASP C 107 13.21 -34.02 31.35
CA ASP C 107 14.59 -34.27 31.78
C ASP C 107 15.63 -33.73 30.78
N LEU C 108 15.22 -33.43 29.55
CA LEU C 108 16.16 -32.76 28.62
C LEU C 108 16.41 -31.30 28.97
N LEU C 109 15.51 -30.67 29.73
CA LEU C 109 15.53 -29.22 29.88
C LEU C 109 16.75 -28.72 30.65
N PRO C 110 17.24 -29.41 31.67
CA PRO C 110 18.46 -28.90 32.33
C PRO C 110 19.66 -28.74 31.37
N GLY C 111 19.82 -29.65 30.41
CA GLY C 111 20.88 -29.48 29.43
C GLY C 111 20.67 -28.33 28.46
N VAL C 112 19.39 -27.94 28.22
CA VAL C 112 19.12 -26.74 27.44
C VAL C 112 19.55 -25.52 28.22
N VAL C 113 19.13 -25.47 29.49
CA VAL C 113 19.39 -24.32 30.35
C VAL C 113 20.90 -24.07 30.45
N ASP C 114 21.68 -25.13 30.60
CA ASP C 114 23.08 -24.95 30.87
C ASP C 114 23.92 -24.90 29.61
N GLY C 115 23.28 -24.95 28.43
CA GLY C 115 23.95 -24.68 27.17
C GLY C 115 24.49 -25.89 26.42
N SER C 116 24.39 -27.09 27.00
CA SER C 116 24.97 -28.28 26.38
C SER C 116 24.03 -29.02 25.44
N ARG C 117 22.75 -28.66 25.35
CA ARG C 117 21.78 -29.39 24.55
C ARG C 117 20.97 -28.41 23.73
N ARG C 118 20.97 -28.59 22.41
N ARG C 118 20.96 -28.59 22.41
CA ARG C 118 20.13 -27.78 21.55
CA ARG C 118 20.14 -27.76 21.53
C ARG C 118 19.05 -28.64 20.92
C ARG C 118 19.07 -28.62 20.87
N LEU C 119 17.96 -27.96 20.57
CA LEU C 119 16.79 -28.53 19.93
C LEU C 119 16.51 -27.77 18.64
N THR C 120 15.66 -28.38 17.81
CA THR C 120 15.04 -27.61 16.75
C THR C 120 13.64 -28.17 16.54
N VAL C 121 12.88 -27.48 15.69
CA VAL C 121 11.51 -27.89 15.39
C VAL C 121 11.36 -28.03 13.89
N ALA C 122 10.73 -29.13 13.48
CA ALA C 122 10.43 -29.45 12.09
C ALA C 122 8.91 -29.30 11.95
N LEU C 123 8.46 -28.11 11.53
CA LEU C 123 7.04 -27.81 11.44
C LEU C 123 6.56 -27.62 10.01
N GLU C 124 7.44 -27.64 9.02
CA GLU C 124 7.03 -27.23 7.68
C GLU C 124 7.35 -28.31 6.67
N GLU C 125 6.61 -28.29 5.56
CA GLU C 125 6.79 -29.25 4.48
C GLU C 125 6.73 -28.52 3.15
N PHE C 126 7.30 -29.16 2.11
CA PHE C 126 7.29 -28.57 0.77
C PHE C 126 5.91 -28.69 0.13
N GLY C 127 5.62 -27.76 -0.77
CA GLY C 127 4.33 -27.73 -1.45
C GLY C 127 3.29 -26.95 -0.66
N VAL C 128 2.09 -27.52 -0.54
CA VAL C 128 1.01 -26.85 0.16
C VAL C 128 1.45 -26.49 1.58
N GLY C 129 2.01 -27.45 2.30
CA GLY C 129 2.72 -27.09 3.53
C GLY C 129 1.82 -26.49 4.59
N ASP C 130 0.59 -26.99 4.69
CA ASP C 130 -0.32 -26.53 5.73
C ASP C 130 0.23 -26.96 7.08
N VAL C 131 0.72 -26.02 7.88
CA VAL C 131 1.44 -26.40 9.09
C VAL C 131 0.53 -26.99 10.15
N ALA C 132 -0.79 -26.74 10.08
CA ALA C 132 -1.72 -27.32 11.04
C ALA C 132 -2.15 -28.73 10.66
N ALA C 133 -1.90 -29.16 9.42
CA ALA C 133 -2.27 -30.49 8.92
C ALA C 133 -1.04 -31.13 8.24
N PRO C 134 -0.04 -31.54 9.02
CA PRO C 134 1.20 -32.07 8.42
C PRO C 134 0.97 -33.35 7.64
N GLY C 135 1.63 -33.44 6.49
CA GLY C 135 1.55 -34.66 5.69
C GLY C 135 2.43 -35.78 6.18
N CYS C 136 3.53 -35.45 6.86
N CYS C 136 3.50 -35.46 6.89
CA CYS C 136 4.33 -36.48 7.52
CA CYS C 136 4.30 -36.50 7.51
C CYS C 136 3.41 -37.33 8.38
C CYS C 136 3.43 -37.35 8.43
N THR C 137 3.61 -38.66 8.35
CA THR C 137 2.70 -39.60 9.01
C THR C 137 3.36 -40.24 10.22
N ALA C 138 2.58 -40.36 11.29
CA ALA C 138 2.93 -41.09 12.49
C ALA C 138 2.09 -42.37 12.56
N VAL C 139 2.77 -43.48 12.82
CA VAL C 139 2.16 -44.79 12.89
C VAL C 139 2.42 -45.34 14.29
N PRO C 140 1.42 -45.78 15.02
CA PRO C 140 1.67 -46.32 16.37
C PRO C 140 2.54 -47.57 16.28
N ASP C 141 3.52 -47.64 17.17
CA ASP C 141 4.46 -48.76 17.24
C ASP C 141 4.40 -49.23 18.68
N GLY C 142 3.33 -49.94 19.00
CA GLY C 142 3.09 -50.28 20.38
C GLY C 142 2.94 -49.02 21.20
N ASP C 143 3.83 -48.81 22.18
CA ASP C 143 3.66 -47.63 23.04
C ASP C 143 4.10 -46.33 22.37
N GLY C 144 5.11 -46.38 21.53
CA GLY C 144 5.61 -45.20 20.84
C GLY C 144 5.04 -45.09 19.44
N TRP C 145 5.87 -44.58 18.53
CA TRP C 145 5.47 -44.18 17.20
C TRP C 145 6.66 -44.28 16.26
N ARG C 146 6.37 -44.42 14.96
CA ARG C 146 7.36 -44.34 13.90
C ARG C 146 6.82 -43.37 12.86
N LEU C 147 7.65 -42.40 12.50
CA LEU C 147 7.31 -41.28 11.62
C LEU C 147 7.85 -41.56 10.22
N SER C 148 7.04 -41.28 9.22
CA SER C 148 7.47 -41.51 7.86
C SER C 148 7.03 -40.30 7.03
N GLY C 149 8.00 -39.67 6.37
CA GLY C 149 7.74 -38.53 5.53
C GLY C 149 9.00 -37.67 5.40
N THR C 150 8.76 -36.40 5.06
CA THR C 150 9.84 -35.42 4.87
C THR C 150 9.39 -34.07 5.45
N LYS C 151 10.33 -33.39 6.09
CA LYS C 151 10.10 -32.07 6.64
C LYS C 151 11.07 -31.11 5.93
N ALA C 152 10.62 -29.89 5.70
CA ALA C 152 11.37 -28.93 4.88
C ALA C 152 12.16 -27.96 5.74
N VAL C 153 13.38 -27.64 5.30
CA VAL C 153 14.18 -26.54 5.84
C VAL C 153 14.03 -26.44 7.36
N VAL C 154 14.38 -27.49 8.08
CA VAL C 154 14.40 -27.43 9.54
C VAL C 154 15.53 -26.50 9.97
N PRO C 155 15.30 -25.49 10.83
CA PRO C 155 16.34 -24.47 11.05
C PRO C 155 17.49 -24.94 11.95
N SER C 156 18.70 -24.44 11.65
CA SER C 156 19.82 -24.63 12.56
C SER C 156 19.91 -26.07 13.03
N ILE C 157 19.89 -27.00 12.10
CA ILE C 157 19.86 -28.41 12.45
C ILE C 157 21.22 -28.94 12.91
N THR C 158 22.32 -28.26 12.55
CA THR C 158 23.63 -28.79 12.88
C THR C 158 23.87 -28.73 14.38
N GLY C 159 24.23 -29.87 14.98
CA GLY C 159 24.47 -29.91 16.41
C GLY C 159 23.23 -29.99 17.26
N ALA C 160 22.04 -30.02 16.67
CA ALA C 160 20.81 -30.25 17.43
C ALA C 160 20.69 -31.72 17.88
N ALA C 161 20.58 -31.96 19.19
CA ALA C 161 20.44 -33.35 19.66
C ALA C 161 19.03 -33.95 19.50
N HIS C 162 17.99 -33.12 19.44
CA HIS C 162 16.63 -33.61 19.28
C HIS C 162 15.80 -32.63 18.48
N LEU C 163 14.79 -33.16 17.83
CA LEU C 163 13.87 -32.41 16.98
C LEU C 163 12.44 -32.67 17.46
N LEU C 164 11.60 -31.63 17.44
CA LEU C 164 10.16 -31.82 17.58
C LEU C 164 9.59 -31.80 16.19
N VAL C 165 8.91 -32.87 15.81
CA VAL C 165 8.49 -33.07 14.43
C VAL C 165 6.99 -33.15 14.44
N SER C 166 6.32 -32.30 13.65
CA SER C 166 4.88 -32.42 13.46
C SER C 166 4.49 -33.44 12.40
N ALA C 167 3.54 -34.30 12.80
CA ALA C 167 3.08 -35.37 11.94
C ALA C 167 1.62 -35.63 12.24
N THR C 168 0.95 -36.36 11.34
CA THR C 168 -0.46 -36.71 11.50
C THR C 168 -0.56 -38.20 11.83
N GLY C 169 -1.16 -38.51 12.98
CA GLY C 169 -1.38 -39.90 13.35
C GLY C 169 -2.83 -40.31 13.14
N PRO C 170 -3.19 -41.50 13.61
CA PRO C 170 -4.59 -41.94 13.46
C PRO C 170 -5.60 -40.96 14.04
N ASP C 171 -5.27 -40.26 15.13
CA ASP C 171 -6.20 -39.33 15.76
C ASP C 171 -5.95 -37.88 15.37
N GLY C 172 -5.20 -37.62 14.31
CA GLY C 172 -5.03 -36.26 13.83
C GLY C 172 -3.61 -35.76 14.06
N PRO C 173 -3.37 -34.48 13.85
CA PRO C 173 -1.98 -33.98 13.88
C PRO C 173 -1.41 -33.90 15.29
N GLY C 174 -0.13 -34.21 15.41
CA GLY C 174 0.50 -34.13 16.71
C GLY C 174 1.94 -33.69 16.58
N LEU C 175 2.59 -33.55 17.74
CA LEU C 175 3.98 -33.13 17.87
C LEU C 175 4.78 -34.27 18.51
N PHE C 176 5.88 -34.66 17.89
CA PHE C 176 6.65 -35.82 18.33
C PHE C 176 8.12 -35.46 18.50
N LEU C 177 8.73 -35.93 19.57
CA LEU C 177 10.15 -35.76 19.76
C LEU C 177 10.91 -36.93 19.10
N VAL C 178 11.96 -36.58 18.37
CA VAL C 178 12.84 -37.50 17.67
C VAL C 178 14.28 -37.19 18.08
N ASP C 179 15.10 -38.21 18.22
CA ASP C 179 16.53 -38.00 18.43
C ASP C 179 17.24 -37.72 17.10
N ALA C 180 18.18 -36.77 17.12
CA ALA C 180 18.92 -36.41 15.91
C ALA C 180 19.65 -37.59 15.27
N ASP C 181 20.04 -38.59 16.07
CA ASP C 181 20.78 -39.74 15.57
C ASP C 181 19.88 -40.96 15.39
N ALA C 182 18.57 -40.76 15.38
CA ALA C 182 17.68 -41.91 15.31
C ALA C 182 17.92 -42.67 14.01
N PRO C 183 17.71 -43.99 14.02
CA PRO C 183 17.76 -44.75 12.76
C PRO C 183 16.55 -44.43 11.89
N GLY C 184 16.79 -44.30 10.58
CA GLY C 184 15.76 -43.92 9.64
C GLY C 184 15.70 -42.44 9.35
N LEU C 185 16.37 -41.61 10.16
N LEU C 185 16.39 -41.62 10.15
CA LEU C 185 16.37 -40.17 9.98
CA LEU C 185 16.39 -40.17 9.99
C LEU C 185 17.62 -39.76 9.23
C LEU C 185 17.63 -39.76 9.22
N SER C 186 17.45 -38.86 8.25
CA SER C 186 18.59 -38.32 7.50
C SER C 186 18.19 -36.94 7.02
N TRP C 187 19.18 -36.11 6.66
CA TRP C 187 18.81 -34.81 6.14
C TRP C 187 19.87 -34.30 5.18
N GLU C 188 19.45 -33.43 4.26
CA GLU C 188 20.34 -32.70 3.38
C GLU C 188 20.48 -31.28 3.90
N ARG C 189 21.72 -30.85 4.11
CA ARG C 189 22.00 -29.47 4.47
C ARG C 189 21.51 -28.53 3.36
N THR C 190 20.89 -27.42 3.77
CA THR C 190 20.42 -26.48 2.75
C THR C 190 20.49 -25.06 3.29
N GLU C 191 21.06 -24.16 2.49
CA GLU C 191 21.32 -22.80 2.94
C GLU C 191 20.10 -21.91 2.68
N THR C 192 19.72 -21.12 3.66
CA THR C 192 18.55 -20.28 3.52
C THR C 192 18.95 -18.82 3.32
N THR C 193 17.93 -18.00 3.02
CA THR C 193 18.10 -16.56 2.82
C THR C 193 18.93 -15.92 3.93
N SER C 194 18.62 -16.23 5.19
CA SER C 194 19.35 -15.64 6.32
C SER C 194 20.79 -16.16 6.45
N ARG C 195 21.16 -17.17 5.67
CA ARG C 195 22.49 -17.80 5.67
C ARG C 195 22.54 -18.89 6.74
N ASP C 196 21.42 -19.19 7.36
CA ASP C 196 21.37 -20.35 8.26
C ASP C 196 21.59 -21.63 7.46
N MET C 197 22.11 -22.65 8.13
CA MET C 197 22.18 -23.98 7.52
C MET C 197 21.03 -24.85 8.05
N ALA C 198 20.02 -25.06 7.22
CA ALA C 198 18.83 -25.79 7.60
C ALA C 198 18.98 -27.21 7.07
N GLY C 199 18.02 -28.07 7.36
CA GLY C 199 18.03 -29.43 6.84
C GLY C 199 16.67 -29.81 6.28
N ASN C 200 16.69 -30.40 5.08
CA ASN C 200 15.54 -31.09 4.52
C ASN C 200 15.59 -32.53 5.01
N LEU C 201 14.64 -32.89 5.89
CA LEU C 201 14.61 -34.16 6.60
C LEU C 201 13.83 -35.23 5.86
N THR C 202 14.38 -36.44 5.83
CA THR C 202 13.69 -37.63 5.36
C THR C 202 13.60 -38.57 6.55
N LEU C 203 12.36 -38.99 6.88
CA LEU C 203 12.09 -39.88 7.99
C LEU C 203 11.54 -41.17 7.44
N ASP C 204 12.29 -42.27 7.61
CA ASP C 204 11.84 -43.59 7.20
C ASP C 204 11.57 -44.41 8.47
N ALA C 205 10.30 -44.50 8.84
CA ALA C 205 9.88 -45.23 10.05
C ALA C 205 10.78 -44.92 11.23
N VAL C 206 10.85 -43.64 11.56
CA VAL C 206 11.77 -43.12 12.57
C VAL C 206 11.10 -43.18 13.94
N PRO C 207 11.72 -43.77 14.95
CA PRO C 207 11.08 -43.85 16.27
C PRO C 207 10.97 -42.47 16.91
N ALA C 208 9.84 -42.23 17.58
CA ALA C 208 9.48 -40.93 18.10
C ALA C 208 8.55 -41.10 19.30
N ARG C 209 8.56 -40.12 20.20
CA ARG C 209 7.71 -40.12 21.39
C ARG C 209 6.77 -38.92 21.32
N ALA C 210 5.47 -39.18 21.50
CA ALA C 210 4.47 -38.13 21.38
C ALA C 210 4.62 -37.12 22.50
N LEU C 211 4.37 -35.85 22.19
CA LEU C 211 4.04 -34.89 23.24
C LEU C 211 2.53 -34.94 23.46
N GLY C 212 2.04 -34.19 24.44
CA GLY C 212 0.63 -34.19 24.74
C GLY C 212 -0.25 -33.81 23.56
N PRO C 213 -1.53 -34.18 23.65
CA PRO C 213 -2.40 -34.07 22.48
C PRO C 213 -2.70 -32.64 22.06
N ALA C 214 -2.61 -31.64 22.95
CA ALA C 214 -2.75 -30.25 22.53
C ALA C 214 -1.45 -29.63 22.03
N ALA C 215 -0.36 -30.41 21.93
CA ALA C 215 0.94 -29.79 21.77
C ALA C 215 1.06 -29.00 20.47
N LEU C 216 0.50 -29.51 19.36
CA LEU C 216 0.83 -28.92 18.07
C LEU C 216 0.20 -27.52 17.91
N PRO C 217 -1.11 -27.36 18.13
N PRO C 217 -1.12 -27.37 18.10
CA PRO C 217 -1.67 -26.00 17.95
CA PRO C 217 -1.68 -26.00 17.94
C PRO C 217 -1.03 -24.99 18.89
C PRO C 217 -1.02 -25.00 18.89
N TRP C 218 -0.74 -25.41 20.13
CA TRP C 218 -0.07 -24.53 21.08
C TRP C 218 1.33 -24.16 20.61
N THR C 219 2.12 -25.16 20.16
CA THR C 219 3.46 -24.85 19.71
C THR C 219 3.45 -23.91 18.48
N LEU C 220 2.54 -24.14 17.54
CA LEU C 220 2.46 -23.23 16.39
C LEU C 220 2.19 -21.79 16.83
N ASP C 221 1.24 -21.61 17.77
CA ASP C 221 0.96 -20.26 18.25
C ASP C 221 2.16 -19.65 18.97
N VAL C 222 2.88 -20.45 19.76
CA VAL C 222 4.05 -19.90 20.45
C VAL C 222 5.15 -19.59 19.45
N ALA C 223 5.31 -20.41 18.42
CA ALA C 223 6.34 -20.16 17.43
C ALA C 223 6.01 -18.91 16.61
N ARG C 224 4.76 -18.78 16.16
CA ARG C 224 4.29 -17.52 15.56
C ARG C 224 4.67 -16.32 16.43
N THR C 225 4.43 -16.41 17.74
CA THR C 225 4.72 -15.28 18.62
C THR C 225 6.22 -15.02 18.71
N ALA C 226 7.00 -16.09 18.76
CA ALA C 226 8.44 -16.00 18.90
C ALA C 226 9.07 -15.39 17.65
N LEU C 227 8.61 -15.82 16.48
CA LEU C 227 9.09 -15.26 15.22
C LEU C 227 8.73 -13.77 15.11
N ALA C 228 7.51 -13.37 15.48
CA ALA C 228 7.18 -11.94 15.50
C ALA C 228 8.09 -11.15 16.45
N ALA C 229 8.52 -11.77 17.56
CA ALA C 229 9.46 -11.07 18.44
C ALA C 229 10.82 -10.89 17.78
N VAL C 230 11.34 -11.92 17.09
CA VAL C 230 12.60 -11.73 16.35
C VAL C 230 12.43 -10.61 15.31
N GLN C 231 11.31 -10.65 14.58
CA GLN C 231 11.07 -9.69 13.50
C GLN C 231 10.90 -8.28 14.04
N LEU C 232 10.31 -8.13 15.23
CA LEU C 232 10.26 -6.82 15.86
C LEU C 232 11.67 -6.28 16.10
N GLY C 233 12.55 -7.14 16.63
CA GLY C 233 13.96 -6.78 16.79
C GLY C 233 14.61 -6.41 15.47
N VAL C 234 14.42 -7.25 14.44
CA VAL C 234 15.04 -6.99 13.13
C VAL C 234 14.57 -5.63 12.58
N ALA C 235 13.25 -5.38 12.61
CA ALA C 235 12.69 -4.11 12.12
C ALA C 235 13.24 -2.92 12.91
N SER C 236 13.27 -3.03 14.24
CA SER C 236 13.73 -1.91 15.06
C SER C 236 15.21 -1.63 14.83
N GLY C 237 16.02 -2.69 14.84
CA GLY C 237 17.43 -2.52 14.55
C GLY C 237 17.66 -1.88 13.19
N ALA C 238 16.99 -2.41 12.16
CA ALA C 238 17.14 -1.81 10.83
C ALA C 238 16.78 -0.32 10.84
N LEU C 239 15.64 0.04 11.43
CA LEU C 239 15.22 1.45 11.42
C LEU C 239 16.24 2.32 12.13
N HIS C 240 16.75 1.87 13.29
CA HIS C 240 17.74 2.66 14.02
C HIS C 240 19.02 2.88 13.19
N ILE C 241 19.55 1.82 12.56
CA ILE C 241 20.73 2.00 11.70
C ILE C 241 20.45 3.01 10.59
N THR C 242 19.29 2.86 9.94
CA THR C 242 18.94 3.69 8.80
C THR C 242 18.79 5.14 9.21
N ALA C 243 18.10 5.41 10.32
CA ALA C 243 17.95 6.80 10.77
C ALA C 243 19.31 7.41 11.09
N SER C 244 20.17 6.64 11.76
N SER C 244 20.17 6.64 11.76
CA SER C 244 21.53 7.11 12.04
CA SER C 244 21.52 7.11 12.05
C SER C 244 22.27 7.46 10.77
C SER C 244 22.30 7.44 10.78
N TYR C 245 22.23 6.57 9.78
CA TYR C 245 22.91 6.82 8.51
C TYR C 245 22.38 8.10 7.84
N LEU C 246 21.04 8.27 7.76
CA LEU C 246 20.46 9.39 7.01
C LEU C 246 20.65 10.75 7.69
N LYS C 247 20.94 10.77 9.00
CA LYS C 247 21.28 12.02 9.69
C LYS C 247 22.63 12.57 9.23
N GLU C 248 23.53 11.71 8.74
CA GLU C 248 24.88 12.12 8.41
C GLU C 248 25.19 12.10 6.92
N ARG C 249 24.54 11.24 6.15
CA ARG C 249 24.82 11.17 4.72
C ARG C 249 24.24 12.41 4.04
N GLU C 250 25.10 13.23 3.45
CA GLU C 250 24.65 14.47 2.85
C GLU C 250 24.65 14.34 1.34
N GLN C 251 23.57 14.80 0.72
CA GLN C 251 23.50 15.01 -0.72
C GLN C 251 22.75 16.31 -0.98
N PHE C 252 23.16 16.99 -2.05
CA PHE C 252 22.58 18.29 -2.39
C PHE C 252 22.77 19.26 -1.24
N GLY C 253 23.90 19.17 -0.54
CA GLY C 253 24.18 20.13 0.51
C GLY C 253 23.50 19.91 1.84
N ARG C 254 22.75 18.82 2.05
CA ARG C 254 22.04 18.66 3.32
C ARG C 254 21.93 17.17 3.62
N PRO C 255 21.63 16.83 4.88
CA PRO C 255 21.40 15.40 5.19
C PRO C 255 20.21 14.86 4.41
N LEU C 256 20.33 13.60 3.95
CA LEU C 256 19.19 12.96 3.30
C LEU C 256 17.99 12.97 4.23
N GLY C 257 18.24 12.91 5.55
CA GLY C 257 17.20 12.92 6.55
C GLY C 257 16.33 14.16 6.55
N THR C 258 16.73 15.21 5.81
CA THR C 258 15.89 16.41 5.75
C THR C 258 14.89 16.39 4.60
N PHE C 259 14.93 15.40 3.72
CA PHE C 259 13.98 15.33 2.62
C PHE C 259 12.65 14.76 3.13
N GLN C 260 11.55 15.37 2.70
CA GLN C 260 10.26 14.96 3.26
C GLN C 260 9.92 13.51 2.92
N ALA C 261 10.17 13.08 1.67
CA ALA C 261 9.86 11.70 1.32
C ALA C 261 10.68 10.72 2.16
N VAL C 262 11.92 11.09 2.48
CA VAL C 262 12.75 10.27 3.37
C VAL C 262 12.13 10.22 4.76
N GLN C 263 11.77 11.38 5.31
CA GLN C 263 11.16 11.42 6.63
C GLN C 263 9.87 10.62 6.69
N HIS C 264 9.08 10.64 5.61
CA HIS C 264 7.82 9.93 5.59
C HIS C 264 8.03 8.42 5.49
N GLN C 265 9.03 7.97 4.72
CA GLN C 265 9.38 6.55 4.76
C GLN C 265 9.85 6.12 6.15
N LEU C 266 10.68 6.93 6.81
CA LEU C 266 11.08 6.62 8.18
C LEU C 266 9.87 6.53 9.11
N ALA C 267 8.96 7.49 9.01
CA ALA C 267 7.79 7.54 9.88
C ALA C 267 6.86 6.35 9.65
N ASP C 268 6.76 5.87 8.40
CA ASP C 268 5.97 4.66 8.17
C ASP C 268 6.63 3.43 8.84
N CYS C 269 7.96 3.32 8.76
CA CYS C 269 8.63 2.25 9.51
C CYS C 269 8.33 2.37 11.03
N TYR C 270 8.47 3.57 11.58
CA TYR C 270 8.16 3.83 13.00
C TYR C 270 6.75 3.34 13.36
N ILE C 271 5.76 3.64 12.50
CA ILE C 271 4.38 3.29 12.76
C ILE C 271 4.20 1.76 12.72
N GLU C 272 4.72 1.11 11.68
CA GLU C 272 4.62 -0.35 11.62
C GLU C 272 5.26 -1.03 12.83
N ILE C 273 6.40 -0.51 13.29
CA ILE C 273 7.08 -1.12 14.44
C ILE C 273 6.27 -0.94 15.72
N GLU C 274 5.65 0.23 15.91
CA GLU C 274 4.77 0.40 17.07
C GLU C 274 3.60 -0.56 17.00
N ALA C 275 3.00 -0.71 15.81
CA ALA C 275 1.89 -1.62 15.62
C ALA C 275 2.34 -3.07 15.86
N MET C 276 3.47 -3.44 15.26
CA MET C 276 4.02 -4.78 15.47
C MET C 276 4.19 -5.06 16.95
N ARG C 277 4.71 -4.08 17.69
CA ARG C 277 5.02 -4.30 19.09
C ARG C 277 3.77 -4.56 19.92
N VAL C 278 2.72 -3.71 19.75
CA VAL C 278 1.56 -3.92 20.62
C VAL C 278 0.89 -5.25 20.30
N CYS C 279 0.87 -5.63 19.02
CA CYS C 279 0.23 -6.89 18.66
C CYS C 279 1.06 -8.07 19.16
N LEU C 280 2.38 -7.93 19.19
CA LEU C 280 3.22 -8.98 19.75
C LEU C 280 2.85 -9.19 21.21
N TRP C 281 2.84 -8.11 22.00
CA TRP C 281 2.56 -8.27 23.42
C TRP C 281 1.10 -8.66 23.67
N GLN C 282 0.17 -8.28 22.78
CA GLN C 282 -1.18 -8.86 22.91
C GLN C 282 -1.13 -10.39 22.78
N ALA C 283 -0.30 -10.88 21.84
CA ALA C 283 -0.17 -12.32 21.66
C ALA C 283 0.45 -12.98 22.88
N VAL C 284 1.41 -12.31 23.54
CA VAL C 284 1.98 -12.90 24.76
C VAL C 284 0.92 -12.94 25.87
N CYS C 285 0.18 -11.85 26.06
CA CYS C 285 -0.87 -11.88 27.07
C CYS C 285 -1.87 -13.00 26.82
N ALA C 286 -2.28 -13.16 25.56
CA ALA C 286 -3.27 -14.18 25.23
C ALA C 286 -2.74 -15.57 25.59
N ALA C 287 -1.50 -15.87 25.20
CA ALA C 287 -0.87 -17.12 25.61
C ALA C 287 -0.87 -17.28 27.13
N GLU C 288 -0.51 -16.22 27.86
CA GLU C 288 -0.54 -16.28 29.32
C GLU C 288 -1.93 -16.64 29.84
N ASP C 289 -2.98 -16.08 29.22
CA ASP C 289 -4.36 -16.34 29.63
C ASP C 289 -4.88 -17.70 29.18
N GLY C 290 -4.04 -18.51 28.51
CA GLY C 290 -4.49 -19.79 28.01
C GLY C 290 -5.38 -19.70 26.80
N ALA C 291 -5.25 -18.61 26.03
CA ALA C 291 -6.03 -18.43 24.80
C ALA C 291 -5.81 -19.60 23.86
N THR C 292 -6.91 -20.11 23.33
CA THR C 292 -6.89 -21.28 22.47
C THR C 292 -7.38 -20.98 21.06
N ASP C 293 -8.00 -19.81 20.82
CA ASP C 293 -8.58 -19.54 19.50
C ASP C 293 -7.53 -19.27 18.42
N GLY C 294 -6.29 -18.89 18.79
CA GLY C 294 -5.25 -18.63 17.84
C GLY C 294 -5.28 -17.28 17.13
N LYS C 295 -6.25 -16.42 17.40
CA LYS C 295 -6.33 -15.20 16.59
C LYS C 295 -5.17 -14.26 16.91
N ALA C 296 -4.87 -14.08 18.20
CA ALA C 296 -3.92 -13.06 18.59
C ALA C 296 -2.53 -13.38 18.05
N ALA C 297 -2.14 -14.67 18.08
CA ALA C 297 -0.84 -15.04 17.55
C ALA C 297 -0.75 -14.74 16.06
N LEU C 298 -1.84 -15.01 15.33
CA LEU C 298 -1.84 -14.75 13.90
C LEU C 298 -1.87 -13.25 13.60
N VAL C 299 -2.53 -12.46 14.44
CA VAL C 299 -2.43 -11.02 14.27
C VAL C 299 -0.97 -10.58 14.43
N ALA C 300 -0.31 -11.06 15.47
CA ALA C 300 1.09 -10.71 15.69
C ALA C 300 1.96 -11.13 14.52
N LYS C 301 1.76 -12.37 14.08
CA LYS C 301 2.61 -12.92 13.01
C LYS C 301 2.36 -12.19 11.68
N TRP C 302 1.10 -11.87 11.36
CA TRP C 302 0.82 -11.07 10.16
C TRP C 302 1.53 -9.72 10.21
N TRP C 303 1.48 -9.03 11.36
CA TRP C 303 2.17 -7.74 11.42
C TRP C 303 3.68 -7.91 11.18
N ALA C 304 4.27 -8.97 11.76
CA ALA C 304 5.67 -9.25 11.50
C ALA C 304 5.91 -9.55 10.03
N ASP C 305 5.01 -10.31 9.41
CA ASP C 305 5.19 -10.78 8.04
C ASP C 305 4.89 -9.71 7.01
N GLU C 306 4.01 -8.78 7.33
CA GLU C 306 3.67 -7.71 6.39
C GLU C 306 4.40 -6.43 6.78
N GLY C 307 4.20 -5.99 8.03
CA GLY C 307 4.87 -4.78 8.48
C GLY C 307 6.37 -4.93 8.52
N GLY C 308 6.86 -6.02 9.13
CA GLY C 308 8.30 -6.16 9.30
C GLY C 308 9.01 -6.26 7.98
N LEU C 309 8.43 -6.98 7.02
CA LEU C 309 9.00 -7.04 5.69
C LEU C 309 8.94 -5.68 5.01
N ASN C 310 7.88 -4.89 5.25
CA ASN C 310 7.85 -3.54 4.67
C ASN C 310 9.03 -2.71 5.17
N VAL C 311 9.27 -2.74 6.49
CA VAL C 311 10.37 -1.98 7.08
C VAL C 311 11.72 -2.33 6.40
N VAL C 312 12.05 -3.63 6.28
CA VAL C 312 13.41 -3.94 5.79
C VAL C 312 13.52 -3.66 4.31
N HIS C 313 12.41 -3.66 3.56
CA HIS C 313 12.48 -3.19 2.18
C HIS C 313 12.77 -1.70 2.14
N ARG C 314 12.13 -0.92 3.02
CA ARG C 314 12.35 0.52 2.99
C ARG C 314 13.78 0.86 3.41
N THR C 315 14.30 0.19 4.44
CA THR C 315 15.64 0.50 4.90
C THR C 315 16.71 0.08 3.90
N GLN C 316 16.43 -0.88 3.01
CA GLN C 316 17.36 -1.15 1.90
C GLN C 316 17.35 0.02 0.92
N HIS C 317 16.13 0.44 0.51
CA HIS C 317 16.03 1.47 -0.52
C HIS C 317 16.68 2.78 -0.06
N LEU C 318 16.39 3.17 1.19
CA LEU C 318 16.85 4.45 1.74
C LEU C 318 18.36 4.50 1.90
N HIS C 319 19.03 3.35 1.88
CA HIS C 319 20.48 3.30 1.95
C HIS C 319 21.16 3.49 0.61
N GLY C 320 20.48 3.28 -0.50
CA GLY C 320 21.17 3.34 -1.76
C GLY C 320 22.25 2.28 -1.89
N GLY C 321 23.30 2.64 -2.62
CA GLY C 321 24.29 1.63 -3.01
C GLY C 321 24.99 0.96 -1.84
N ILE C 322 25.27 1.72 -0.77
CA ILE C 322 26.01 1.13 0.35
C ILE C 322 25.20 0.04 1.05
N GLY C 323 23.87 0.04 0.88
CA GLY C 323 23.05 -0.96 1.54
C GLY C 323 23.17 -2.34 0.93
N VAL C 324 23.63 -2.42 -0.33
CA VAL C 324 23.84 -3.71 -1.00
C VAL C 324 25.10 -4.41 -0.53
N ASP C 325 26.01 -3.67 0.09
CA ASP C 325 27.34 -4.17 0.42
C ASP C 325 27.28 -5.14 1.59
N VAL C 326 27.69 -6.40 1.38
CA VAL C 326 27.65 -7.37 2.49
C VAL C 326 28.61 -7.02 3.61
N ASP C 327 29.53 -6.05 3.42
CA ASP C 327 30.37 -5.58 4.51
C ASP C 327 29.75 -4.41 5.25
N TYR C 328 28.52 -4.05 4.92
CA TYR C 328 27.82 -3.00 5.63
C TYR C 328 26.62 -3.67 6.28
N PRO C 329 26.17 -3.23 7.46
CA PRO C 329 25.30 -4.11 8.30
C PRO C 329 23.84 -4.27 7.82
N ILE C 330 23.27 -3.32 7.07
CA ILE C 330 21.81 -3.31 6.89
C ILE C 330 21.31 -4.50 6.07
N HIS C 331 22.08 -4.97 5.07
CA HIS C 331 21.60 -6.08 4.21
C HIS C 331 21.18 -7.28 5.05
N ARG C 332 21.82 -7.49 6.21
CA ARG C 332 21.52 -8.65 7.03
C ARG C 332 20.13 -8.55 7.66
N TYR C 333 19.69 -7.32 7.96
CA TYR C 333 18.30 -7.10 8.38
C TYR C 333 17.32 -7.47 7.27
N PHE C 334 17.65 -7.11 6.02
CA PHE C 334 16.78 -7.55 4.94
C PHE C 334 16.72 -9.07 4.87
N LEU C 335 17.88 -9.74 4.93
CA LEU C 335 17.88 -11.20 4.84
C LEU C 335 17.04 -11.81 5.95
N TRP C 336 17.18 -11.30 7.17
CA TRP C 336 16.47 -11.87 8.32
C TRP C 336 14.99 -11.58 8.22
N GLY C 337 14.65 -10.33 7.90
CA GLY C 337 13.26 -9.97 7.77
C GLY C 337 12.58 -10.72 6.65
N LYS C 338 13.30 -10.93 5.54
CA LYS C 338 12.70 -11.63 4.42
C LYS C 338 12.41 -13.08 4.79
N GLN C 339 13.39 -13.77 5.41
CA GLN C 339 13.19 -15.18 5.74
C GLN C 339 12.11 -15.35 6.80
N ILE C 340 12.14 -14.55 7.87
CA ILE C 340 11.18 -14.69 8.96
C ILE C 340 9.76 -14.44 8.47
N SER C 341 9.59 -13.47 7.55
CA SER C 341 8.25 -13.15 7.06
C SER C 341 7.60 -14.29 6.27
N GLY C 342 8.35 -15.32 5.89
CA GLY C 342 7.76 -16.47 5.22
C GLY C 342 7.74 -17.74 6.08
N THR C 343 8.24 -17.65 7.31
CA THR C 343 8.41 -18.83 8.16
C THR C 343 7.08 -19.26 8.81
N LEU C 344 6.74 -20.52 8.65
CA LEU C 344 5.40 -21.04 8.95
C LEU C 344 4.33 -20.44 8.04
N GLY C 345 4.70 -19.95 6.87
CA GLY C 345 3.77 -19.33 5.93
C GLY C 345 3.88 -17.81 5.93
N GLY C 346 3.60 -17.21 4.78
CA GLY C 346 3.73 -15.77 4.62
C GLY C 346 2.47 -15.00 4.99
N ALA C 347 2.50 -13.68 4.70
CA ALA C 347 1.41 -12.80 5.12
C ALA C 347 0.06 -13.27 4.53
N SER C 348 0.04 -13.62 3.24
CA SER C 348 -1.23 -14.06 2.62
C SER C 348 -1.78 -15.32 3.25
N ALA C 349 -0.91 -16.30 3.54
CA ALA C 349 -1.39 -17.52 4.18
C ALA C 349 -1.92 -17.24 5.58
N ASP C 350 -1.30 -16.27 6.27
CA ASP C 350 -1.77 -15.91 7.62
C ASP C 350 -3.18 -15.33 7.56
N LEU C 351 -3.42 -14.42 6.60
CA LEU C 351 -4.74 -13.81 6.45
C LEU C 351 -5.82 -14.87 6.22
N GLN C 352 -5.55 -15.82 5.32
CA GLN C 352 -6.51 -16.87 5.05
C GLN C 352 -6.78 -17.68 6.32
N ARG C 353 -5.72 -18.03 7.06
CA ARG C 353 -5.91 -18.82 8.29
C ARG C 353 -6.70 -18.03 9.31
N LEU C 354 -6.37 -16.74 9.45
CA LEU C 354 -7.05 -15.86 10.39
C LEU C 354 -8.51 -15.62 9.97
N GLY C 355 -8.76 -15.49 8.65
CA GLY C 355 -10.15 -15.27 8.23
C GLY C 355 -11.02 -16.46 8.58
N ASP C 356 -10.46 -17.67 8.47
CA ASP C 356 -11.23 -18.85 8.81
C ASP C 356 -11.52 -18.88 10.30
N LEU C 357 -10.55 -18.50 11.14
CA LEU C 357 -10.83 -18.47 12.56
C LEU C 357 -11.92 -17.45 12.88
N ILE C 358 -11.92 -16.31 12.20
CA ILE C 358 -12.96 -15.31 12.45
C ILE C 358 -14.32 -15.84 12.02
N ALA C 359 -14.37 -16.46 10.84
CA ALA C 359 -15.62 -17.01 10.37
C ALA C 359 -16.13 -18.09 11.32
N GLU C 360 -15.23 -18.96 11.76
CA GLU C 360 -15.62 -20.00 12.72
C GLU C 360 -16.06 -19.37 14.05
N GLY C 361 -15.31 -18.39 14.56
CA GLY C 361 -15.76 -17.76 15.80
C GLY C 361 -17.14 -17.15 15.67
N ALA C 362 -17.48 -16.68 14.45
CA ALA C 362 -18.75 -16.00 14.27
C ALA C 362 -19.92 -16.95 14.49
N ALA C 363 -19.79 -18.19 14.04
CA ALA C 363 -20.87 -19.16 14.10
C ALA C 363 -20.92 -19.92 15.44
N SER C 364 -20.08 -19.55 16.41
CA SER C 364 -20.07 -20.12 17.75
C SER C 364 -19.48 -19.18 18.78
N MET D 21 3.69 -5.68 31.66
CA MET D 21 3.20 -5.57 30.25
C MET D 21 1.78 -6.15 30.05
N ASP D 22 0.81 -5.51 30.66
CA ASP D 22 -0.57 -5.96 30.66
C ASP D 22 -1.44 -5.16 29.69
N LEU D 23 -1.95 -5.84 28.67
CA LEU D 23 -2.72 -5.21 27.61
C LEU D 23 -4.23 -5.48 27.73
N ARG D 24 -4.71 -5.89 28.92
CA ARG D 24 -6.13 -6.20 29.12
C ARG D 24 -6.84 -5.02 29.78
N GLU D 25 -8.09 -4.80 29.41
CA GLU D 25 -8.91 -3.84 30.15
C GLU D 25 -9.28 -4.38 31.53
N PRO D 26 -9.12 -3.60 32.60
CA PRO D 26 -9.50 -4.09 33.93
C PRO D 26 -11.01 -4.33 33.99
N ALA D 27 -11.42 -5.33 34.79
CA ALA D 27 -12.83 -5.69 34.85
C ALA D 27 -13.73 -4.48 35.15
N ALA D 28 -13.26 -3.57 36.01
CA ALA D 28 -14.02 -2.38 36.34
C ALA D 28 -14.34 -1.58 35.10
N LEU D 29 -13.32 -1.37 34.24
CA LEU D 29 -13.55 -0.61 33.01
C LEU D 29 -14.51 -1.34 32.09
N SER D 30 -14.39 -2.68 32.03
CA SER D 30 -15.28 -3.46 31.18
C SER D 30 -16.74 -3.31 31.62
N GLU D 31 -16.95 -3.29 32.92
CA GLU D 31 -18.29 -3.08 33.48
C GLU D 31 -18.79 -1.68 33.16
N LEU D 32 -17.98 -0.68 33.46
CA LEU D 32 -18.31 0.68 33.06
C LEU D 32 -18.69 0.74 31.59
N ARG D 33 -17.89 0.08 30.75
CA ARG D 33 -18.10 0.14 29.30
C ARG D 33 -19.45 -0.47 28.90
N ALA D 34 -19.80 -1.62 29.48
CA ALA D 34 -21.09 -2.23 29.19
C ALA D 34 -22.24 -1.34 29.66
N GLU D 35 -22.11 -0.72 30.85
CA GLU D 35 -23.18 0.14 31.36
C GLU D 35 -23.37 1.38 30.49
N LEU D 36 -22.27 2.01 30.05
CA LEU D 36 -22.33 3.16 29.16
C LEU D 36 -22.96 2.79 27.81
N ARG D 37 -22.55 1.65 27.26
CA ARG D 37 -23.11 1.21 25.98
C ARG D 37 -24.62 1.05 26.08
N ALA D 38 -25.12 0.48 27.18
CA ALA D 38 -26.57 0.34 27.34
C ALA D 38 -27.24 1.70 27.43
N TYR D 39 -26.65 2.61 28.21
CA TYR D 39 -27.18 3.97 28.33
C TYR D 39 -27.17 4.71 26.98
N PHE D 40 -26.02 4.76 26.30
CA PHE D 40 -25.93 5.59 25.10
C PHE D 40 -26.81 5.04 23.99
N ASN D 41 -26.88 3.71 23.87
CA ASN D 41 -27.78 3.17 22.85
C ASN D 41 -29.24 3.32 23.26
N GLY D 42 -29.53 3.51 24.54
CA GLY D 42 -30.92 3.74 24.94
C GLY D 42 -31.37 5.19 24.86
N LEU D 43 -30.42 6.13 24.70
CA LEU D 43 -30.74 7.56 24.77
C LEU D 43 -31.74 7.97 23.71
N LEU D 44 -31.53 7.53 22.47
CA LEU D 44 -32.40 7.76 21.32
C LEU D 44 -32.55 6.45 20.56
N PRO D 45 -33.66 6.24 19.86
CA PRO D 45 -33.76 5.05 18.98
C PRO D 45 -32.66 5.08 17.92
N ALA D 46 -32.29 3.89 17.45
CA ALA D 46 -31.18 3.75 16.51
C ALA D 46 -31.28 4.71 15.32
N ASP D 47 -32.44 4.77 14.65
CA ASP D 47 -32.51 5.61 13.45
C ASP D 47 -32.31 7.09 13.79
N GLU D 48 -32.87 7.57 14.91
CA GLU D 48 -32.65 8.95 15.28
C GLU D 48 -31.21 9.16 15.69
N ARG D 49 -30.63 8.15 16.34
CA ARG D 49 -29.23 8.23 16.72
C ARG D 49 -28.33 8.35 15.49
N ARG D 50 -28.67 7.63 14.42
CA ARG D 50 -27.83 7.68 13.23
C ARG D 50 -27.86 9.08 12.62
N ARG D 51 -29.06 9.64 12.53
CA ARG D 51 -29.21 11.01 12.02
C ARG D 51 -28.36 11.98 12.82
N VAL D 52 -28.43 11.94 14.15
CA VAL D 52 -27.74 13.01 14.88
C VAL D 52 -26.25 12.78 14.83
N GLY D 53 -25.82 11.52 14.71
CA GLY D 53 -24.40 11.25 14.53
C GLY D 53 -23.88 11.79 13.21
N GLU D 54 -24.62 11.57 12.12
CA GLU D 54 -24.22 12.12 10.84
C GLU D 54 -24.19 13.65 10.89
N GLN D 55 -25.19 14.27 11.55
CA GLN D 55 -25.27 15.73 11.56
C GLN D 55 -24.22 16.35 12.48
N GLY D 56 -23.75 15.64 13.50
CA GLY D 56 -22.61 16.16 14.27
C GLY D 56 -22.91 17.49 14.95
N VAL D 57 -21.87 18.31 15.13
CA VAL D 57 -22.03 19.50 15.96
C VAL D 57 -22.83 20.59 15.26
N GLY D 58 -23.04 20.50 13.94
CA GLY D 58 -23.82 21.47 13.20
C GLY D 58 -25.32 21.20 13.20
N GLY D 59 -25.76 20.14 13.82
CA GLY D 59 -27.12 19.67 13.62
C GLY D 59 -28.14 20.31 14.54
N GLU D 60 -29.40 20.21 14.12
CA GLU D 60 -30.47 20.84 14.86
C GLU D 60 -30.79 20.14 16.17
N ARG D 61 -30.29 18.93 16.41
CA ARG D 61 -30.48 18.25 17.69
C ARG D 61 -29.20 18.22 18.52
N PHE D 62 -28.13 18.85 18.03
CA PHE D 62 -26.86 18.78 18.74
C PHE D 62 -27.01 19.33 20.13
N ARG D 63 -27.56 20.55 20.25
CA ARG D 63 -27.71 21.16 21.56
C ARG D 63 -28.64 20.35 22.45
N GLU D 64 -29.65 19.71 21.86
CA GLU D 64 -30.54 18.84 22.63
C GLU D 64 -29.75 17.70 23.24
N VAL D 65 -28.87 17.05 22.46
CA VAL D 65 -28.07 15.95 22.99
C VAL D 65 -27.13 16.45 24.08
N VAL D 66 -26.43 17.55 23.81
CA VAL D 66 -25.49 18.09 24.79
C VAL D 66 -26.19 18.31 26.13
N LYS D 67 -27.39 18.93 26.09
CA LYS D 67 -28.12 19.20 27.31
C LYS D 67 -28.50 17.91 28.04
N MET D 68 -28.85 16.86 27.29
CA MET D 68 -29.12 15.58 27.95
C MET D 68 -27.88 15.06 28.64
N LEU D 69 -26.75 15.14 27.96
CA LEU D 69 -25.51 14.67 28.56
C LEU D 69 -25.14 15.50 29.77
N GLY D 70 -25.31 16.82 29.68
CA GLY D 70 -25.04 17.66 30.83
C GLY D 70 -25.89 17.27 32.02
N SER D 71 -27.19 17.13 31.80
CA SER D 71 -28.09 16.88 32.93
C SER D 71 -27.73 15.58 33.62
N ASP D 72 -27.26 14.60 32.86
CA ASP D 72 -26.86 13.33 33.42
C ASP D 72 -25.41 13.32 33.89
N GLY D 73 -24.70 14.45 33.79
CA GLY D 73 -23.38 14.57 34.37
C GLY D 73 -22.24 14.05 33.53
N TRP D 74 -22.47 13.72 32.26
CA TRP D 74 -21.39 13.15 31.47
C TRP D 74 -20.41 14.20 30.96
N LEU D 75 -20.78 15.49 30.93
CA LEU D 75 -19.89 16.45 30.28
C LEU D 75 -18.62 16.68 31.10
N GLY D 76 -18.73 16.73 32.42
CA GLY D 76 -17.58 16.97 33.29
C GLY D 76 -17.00 15.70 33.90
N TYR D 77 -17.24 14.57 33.23
CA TYR D 77 -16.85 13.26 33.75
C TYR D 77 -15.37 13.25 34.09
N GLY D 78 -14.55 13.76 33.17
CA GLY D 78 -13.11 13.92 33.27
C GLY D 78 -12.66 15.20 33.90
N TRP D 79 -13.56 16.12 34.23
CA TRP D 79 -13.14 17.36 34.84
C TRP D 79 -12.80 17.13 36.30
N PRO D 80 -11.86 17.89 36.84
CA PRO D 80 -11.54 17.77 38.26
C PRO D 80 -12.75 18.13 39.10
N LYS D 81 -12.82 17.52 40.31
CA LYS D 81 -13.95 17.76 41.21
C LYS D 81 -13.99 19.21 41.69
N GLU D 82 -12.82 19.84 41.83
CA GLU D 82 -12.75 21.25 42.22
C GLU D 82 -13.35 22.18 41.17
N TYR D 83 -13.67 21.68 39.96
CA TYR D 83 -14.39 22.49 38.97
C TYR D 83 -15.77 21.92 38.67
N GLY D 84 -16.28 21.07 39.55
CA GLY D 84 -17.62 20.56 39.40
C GLY D 84 -17.71 19.25 38.66
N GLY D 85 -16.57 18.67 38.25
CA GLY D 85 -16.57 17.43 37.50
C GLY D 85 -16.48 16.23 38.42
N GLN D 86 -16.51 15.03 37.83
CA GLN D 86 -16.43 13.84 38.66
C GLN D 86 -15.01 13.39 38.90
N GLY D 87 -14.02 14.02 38.26
CA GLY D 87 -12.63 13.66 38.50
C GLY D 87 -12.28 12.24 38.12
N ARG D 88 -12.90 11.69 37.08
CA ARG D 88 -12.63 10.30 36.75
C ARG D 88 -11.27 10.21 36.05
N SER D 89 -10.68 9.01 36.07
CA SER D 89 -9.36 8.82 35.49
C SER D 89 -9.39 8.96 33.97
N ILE D 90 -8.19 9.13 33.41
CA ILE D 90 -8.04 9.28 31.97
C ILE D 90 -8.56 8.03 31.23
N SER D 91 -8.29 6.84 31.78
CA SER D 91 -8.81 5.61 31.16
C SER D 91 -10.36 5.58 31.16
N GLU D 92 -10.99 5.98 32.26
CA GLU D 92 -12.46 6.07 32.29
C GLU D 92 -12.97 7.11 31.28
N GLN D 93 -12.32 8.27 31.18
CA GLN D 93 -12.69 9.25 30.16
C GLN D 93 -12.60 8.66 28.78
N TYR D 94 -11.52 7.92 28.49
CA TYR D 94 -11.35 7.33 27.17
C TYR D 94 -12.47 6.34 26.88
N VAL D 95 -12.81 5.50 27.86
CA VAL D 95 -13.96 4.60 27.70
C VAL D 95 -15.23 5.38 27.39
N LEU D 96 -15.48 6.49 28.10
CA LEU D 96 -16.69 7.26 27.85
C LEU D 96 -16.69 7.83 26.43
N PHE D 97 -15.57 8.46 26.04
CA PHE D 97 -15.46 8.99 24.69
C PHE D 97 -15.65 7.92 23.62
N ASP D 98 -15.12 6.71 23.86
CA ASP D 98 -15.30 5.60 22.93
C ASP D 98 -16.78 5.27 22.80
N GLU D 99 -17.45 5.00 23.92
CA GLU D 99 -18.81 4.49 23.86
C GLU D 99 -19.80 5.54 23.36
N VAL D 100 -19.59 6.82 23.67
CA VAL D 100 -20.54 7.80 23.15
C VAL D 100 -20.46 7.85 21.64
N GLN D 101 -19.25 7.78 21.08
CA GLN D 101 -19.12 7.81 19.63
C GLN D 101 -19.47 6.47 19.00
N ARG D 102 -19.24 5.38 19.72
CA ARG D 102 -19.65 4.06 19.27
C ARG D 102 -21.16 3.96 19.05
N ALA D 103 -21.96 4.61 19.91
CA ALA D 103 -23.40 4.72 19.74
C ALA D 103 -23.79 5.71 18.64
N GLY D 104 -22.80 6.36 18.04
CA GLY D 104 -23.13 7.32 17.01
C GLY D 104 -23.64 8.62 17.54
N LEU D 105 -23.32 8.97 18.77
CA LEU D 105 -23.84 10.23 19.27
C LEU D 105 -22.79 11.31 19.18
N PRO D 106 -23.20 12.53 18.84
CA PRO D 106 -22.27 13.66 18.88
C PRO D 106 -21.94 13.96 20.35
N PHE D 107 -20.81 14.64 20.56
CA PHE D 107 -20.35 14.96 21.92
C PHE D 107 -19.64 16.30 21.78
N PRO D 108 -19.77 17.18 22.75
CA PRO D 108 -19.18 18.54 22.55
C PRO D 108 -17.69 18.56 22.87
N PHE D 109 -16.89 17.89 22.02
CA PHE D 109 -15.49 17.64 22.37
C PHE D 109 -14.70 18.94 22.52
N VAL D 110 -14.85 19.90 21.61
CA VAL D 110 -13.98 21.07 21.74
C VAL D 110 -14.32 21.84 23.00
N THR D 111 -15.59 21.80 23.43
CA THR D 111 -15.99 22.58 24.60
C THR D 111 -15.47 21.93 25.86
N VAL D 112 -15.58 20.60 25.94
CA VAL D 112 -15.21 19.87 27.14
C VAL D 112 -13.71 19.62 27.21
N ASN D 113 -13.04 19.43 26.06
CA ASN D 113 -11.65 18.98 26.02
C ASN D 113 -10.65 20.05 25.64
N THR D 114 -11.07 21.17 25.03
CA THR D 114 -10.14 22.26 24.74
C THR D 114 -10.45 23.51 25.56
N VAL D 115 -11.65 24.05 25.40
CA VAL D 115 -12.01 25.32 26.03
C VAL D 115 -12.03 25.16 27.54
N GLY D 116 -12.81 24.22 28.05
CA GLY D 116 -12.89 23.97 29.48
C GLY D 116 -11.51 23.87 30.15
N PRO D 117 -10.68 22.91 29.73
CA PRO D 117 -9.35 22.76 30.35
C PRO D 117 -8.46 23.99 30.21
N THR D 118 -8.51 24.71 29.09
CA THR D 118 -7.67 25.90 28.99
C THR D 118 -8.15 27.00 29.93
N LEU D 119 -9.47 27.15 30.08
CA LEU D 119 -10.00 28.08 31.08
C LEU D 119 -9.59 27.65 32.49
N MET D 120 -9.63 26.35 32.79
CA MET D 120 -9.18 25.89 34.10
C MET D 120 -7.74 26.30 34.36
N LYS D 121 -6.90 26.23 33.33
CA LYS D 121 -5.49 26.53 33.57
C LYS D 121 -5.17 28.01 33.43
N TYR D 122 -5.85 28.73 32.52
CA TYR D 122 -5.45 30.08 32.19
C TYR D 122 -6.55 31.12 32.40
N GLY D 123 -7.80 30.69 32.59
CA GLY D 123 -8.88 31.65 32.74
C GLY D 123 -8.75 32.44 34.03
N THR D 124 -9.18 33.70 33.98
CA THR D 124 -9.38 34.44 35.21
C THR D 124 -10.54 33.82 36.01
N GLU D 125 -10.64 34.25 37.27
CA GLU D 125 -11.75 33.78 38.10
C GLU D 125 -13.09 34.20 37.50
N GLU D 126 -13.16 35.40 36.91
CA GLU D 126 -14.40 35.80 36.28
C GLU D 126 -14.74 34.89 35.11
N GLN D 127 -13.76 34.57 34.26
CA GLN D 127 -14.03 33.69 33.13
C GLN D 127 -14.42 32.29 33.58
N LYS D 128 -13.77 31.78 34.63
CA LYS D 128 -14.11 30.46 35.12
C LYS D 128 -15.54 30.44 35.65
N LYS D 129 -15.93 31.44 36.44
CA LYS D 129 -17.30 31.52 36.95
C LYS D 129 -18.32 31.77 35.86
N LYS D 130 -17.92 32.47 34.80
CA LYS D 130 -18.86 32.76 33.75
C LYS D 130 -19.14 31.57 32.84
N TYR D 131 -18.11 30.78 32.50
CA TYR D 131 -18.20 29.73 31.46
C TYR D 131 -18.24 28.29 31.98
N LEU D 132 -17.52 27.95 33.07
CA LEU D 132 -17.35 26.55 33.43
C LEU D 132 -18.66 25.90 33.91
N PRO D 133 -19.46 26.57 34.73
CA PRO D 133 -20.72 25.94 35.16
C PRO D 133 -21.67 25.66 34.01
N GLY D 134 -21.84 26.63 33.11
CA GLY D 134 -22.67 26.41 31.95
C GLY D 134 -22.16 25.31 31.02
N ILE D 135 -20.83 25.16 30.89
CA ILE D 135 -20.31 24.08 30.06
C ILE D 135 -20.66 22.73 30.68
N LEU D 136 -20.49 22.63 32.01
CA LEU D 136 -20.83 21.40 32.71
C LEU D 136 -22.29 21.02 32.48
N SER D 137 -23.19 21.97 32.57
CA SER D 137 -24.61 21.64 32.46
C SER D 137 -25.08 21.44 31.03
N GLY D 138 -24.22 21.66 30.03
CA GLY D 138 -24.64 21.67 28.65
C GLY D 138 -25.36 22.93 28.19
N ASP D 139 -25.43 23.97 29.02
CA ASP D 139 -26.06 25.20 28.56
C ASP D 139 -25.13 26.10 27.76
N ILE D 140 -23.81 25.87 27.82
CA ILE D 140 -22.85 26.67 27.07
C ILE D 140 -22.05 25.75 26.16
N VAL D 141 -22.06 26.04 24.85
CA VAL D 141 -21.22 25.32 23.88
C VAL D 141 -20.38 26.32 23.06
N PHE D 142 -19.09 25.98 22.87
CA PHE D 142 -18.12 26.74 22.08
C PHE D 142 -17.86 26.12 20.71
N ALA D 143 -17.53 26.97 19.75
CA ALA D 143 -16.91 26.53 18.50
C ALA D 143 -15.51 27.11 18.41
N ILE D 144 -14.60 26.37 17.79
CA ILE D 144 -13.21 26.80 17.64
C ILE D 144 -13.08 27.61 16.36
N GLY D 145 -12.56 28.83 16.47
CA GLY D 145 -12.31 29.65 15.29
C GLY D 145 -10.82 29.83 15.00
N TYR D 146 -10.19 28.80 14.45
CA TYR D 146 -8.75 28.84 14.15
C TYR D 146 -8.49 29.07 12.67
N THR D 147 -8.99 28.14 11.84
CA THR D 147 -8.66 28.05 10.42
C THR D 147 -9.20 29.24 9.64
N GLU D 148 -8.41 29.73 8.71
CA GLU D 148 -8.82 30.75 7.77
C GLU D 148 -8.61 30.23 6.36
N PRO D 149 -9.34 30.76 5.38
CA PRO D 149 -9.04 30.44 3.97
C PRO D 149 -7.55 30.42 3.66
N GLY D 150 -6.78 31.39 4.17
CA GLY D 150 -5.35 31.48 3.90
C GLY D 150 -4.44 30.93 4.99
N ALA D 151 -4.99 30.34 6.05
CA ALA D 151 -4.16 29.82 7.15
C ALA D 151 -4.85 28.54 7.64
N GLY D 152 -4.42 27.42 7.07
CA GLY D 152 -4.99 26.13 7.41
C GLY D 152 -3.97 25.29 8.13
N THR D 153 -3.19 24.44 7.43
CA THR D 153 -2.05 23.80 8.07
C THR D 153 -1.12 24.84 8.70
N ASP D 154 -0.96 26.00 8.04
CA ASP D 154 -0.06 27.06 8.51
C ASP D 154 -0.83 28.07 9.38
N LEU D 155 -1.33 27.57 10.50
CA LEU D 155 -2.25 28.37 11.30
C LEU D 155 -1.59 29.63 11.83
N ALA D 156 -0.30 29.56 12.17
CA ALA D 156 0.43 30.72 12.67
C ALA D 156 0.43 31.91 11.70
N SER D 157 0.08 31.71 10.44
CA SER D 157 0.00 32.81 9.49
C SER D 157 -1.38 33.49 9.49
N LEU D 158 -2.24 33.20 10.47
CA LEU D 158 -3.58 33.76 10.43
C LEU D 158 -3.54 35.29 10.44
N THR D 159 -4.58 35.89 9.86
CA THR D 159 -4.63 37.33 9.63
C THR D 159 -5.85 38.00 10.24
N THR D 160 -6.84 37.23 10.72
CA THR D 160 -7.97 37.83 11.44
C THR D 160 -7.43 38.73 12.54
N ARG D 161 -7.86 39.98 12.51
CA ARG D 161 -7.21 41.05 13.25
C ARG D 161 -8.05 41.50 14.44
N ALA D 162 -7.38 41.78 15.56
CA ALA D 162 -8.04 42.33 16.73
C ALA D 162 -7.27 43.58 17.15
N VAL D 163 -7.87 44.73 16.94
CA VAL D 163 -7.24 46.01 17.25
C VAL D 163 -7.81 46.51 18.56
N ARG D 164 -6.93 46.89 19.50
CA ARG D 164 -7.40 47.35 20.80
C ARG D 164 -8.02 48.74 20.70
N ASP D 165 -9.13 48.91 21.39
CA ASP D 165 -9.85 50.19 21.39
C ASP D 165 -10.37 50.39 22.82
N GLY D 166 -9.57 51.00 23.66
CA GLY D 166 -9.91 51.14 25.06
C GLY D 166 -9.98 49.79 25.73
N ASP D 167 -11.13 49.47 26.32
CA ASP D 167 -11.33 48.18 26.96
C ASP D 167 -12.05 47.19 26.06
N GLU D 168 -12.09 47.45 24.76
CA GLU D 168 -12.55 46.47 23.77
C GLU D 168 -11.45 46.14 22.77
N PHE D 169 -11.64 45.02 22.07
CA PHE D 169 -10.93 44.69 20.83
C PHE D 169 -11.93 44.74 19.68
N VAL D 170 -11.48 45.29 18.55
CA VAL D 170 -12.27 45.39 17.33
C VAL D 170 -11.74 44.35 16.36
N ILE D 171 -12.59 43.40 16.00
CA ILE D 171 -12.18 42.18 15.31
C ILE D 171 -12.69 42.23 13.88
N ASP D 172 -11.78 42.06 12.93
CA ASP D 172 -12.12 42.09 11.51
C ASP D 172 -11.42 40.93 10.84
N GLY D 173 -12.17 40.08 10.15
CA GLY D 173 -11.60 38.96 9.43
C GLY D 173 -12.66 37.90 9.20
N SER D 174 -12.19 36.70 8.91
CA SER D 174 -13.07 35.58 8.61
C SER D 174 -12.34 34.28 8.94
N LYS D 175 -13.11 33.30 9.39
CA LYS D 175 -12.63 31.97 9.69
C LYS D 175 -13.38 31.03 8.76
N ILE D 176 -12.79 29.86 8.50
CA ILE D 176 -13.48 28.86 7.69
C ILE D 176 -13.38 27.50 8.36
N PHE D 177 -14.38 26.64 8.12
CA PHE D 177 -14.51 25.36 8.80
C PHE D 177 -14.74 25.57 10.31
N THR D 178 -15.48 26.63 10.68
CA THR D 178 -15.76 26.85 12.10
C THR D 178 -16.89 25.89 12.50
N SER D 179 -16.53 24.62 12.73
CA SER D 179 -17.53 23.57 13.01
C SER D 179 -18.39 23.94 14.20
N GLY D 180 -19.69 23.92 14.01
CA GLY D 180 -20.59 24.16 15.12
C GLY D 180 -20.88 25.61 15.40
N ALA D 181 -20.31 26.53 14.61
CA ALA D 181 -20.59 27.95 14.86
C ALA D 181 -22.08 28.25 14.81
N ASN D 182 -22.84 27.51 14.00
CA ASN D 182 -24.27 27.76 13.83
C ASN D 182 -25.09 27.32 15.05
N THR D 183 -24.53 26.51 15.94
CA THR D 183 -25.23 26.05 17.15
C THR D 183 -24.52 26.43 18.44
N ALA D 184 -23.41 27.16 18.37
CA ALA D 184 -22.60 27.48 19.54
C ALA D 184 -23.03 28.80 20.14
N ASP D 185 -22.70 29.00 21.42
CA ASP D 185 -22.93 30.29 22.06
C ASP D 185 -21.73 31.24 21.97
N TYR D 186 -20.52 30.70 21.81
CA TYR D 186 -19.27 31.46 21.82
C TYR D 186 -18.31 30.89 20.81
N ILE D 187 -17.51 31.77 20.19
CA ILE D 187 -16.39 31.35 19.35
C ILE D 187 -15.11 31.52 20.15
N TRP D 188 -14.28 30.47 20.14
CA TRP D 188 -12.91 30.48 20.69
C TRP D 188 -11.98 30.92 19.56
N LEU D 189 -11.69 32.21 19.50
CA LEU D 189 -11.19 32.87 18.29
C LEU D 189 -9.71 33.21 18.42
N ALA D 190 -8.89 32.64 17.55
CA ALA D 190 -7.49 33.00 17.45
C ALA D 190 -7.38 34.21 16.53
N CYS D 191 -6.76 35.28 17.03
N CYS D 191 -6.74 35.28 17.00
CA CYS D 191 -6.64 36.54 16.31
CA CYS D 191 -6.64 36.48 16.20
C CYS D 191 -5.21 37.06 16.31
C CYS D 191 -5.28 37.16 16.38
N ARG D 192 -4.94 37.98 15.40
CA ARG D 192 -3.67 38.69 15.35
C ARG D 192 -3.83 40.02 16.09
N THR D 193 -3.24 40.12 17.27
CA THR D 193 -3.24 41.33 18.07
C THR D 193 -1.94 42.14 17.92
N ASP D 194 -0.91 41.60 17.28
CA ASP D 194 0.34 42.33 17.07
C ASP D 194 0.87 42.04 15.68
N PRO D 195 0.61 42.91 14.70
CA PRO D 195 1.08 42.64 13.33
C PRO D 195 2.59 42.73 13.18
N GLU D 196 3.29 43.39 14.08
CA GLU D 196 4.74 43.54 13.90
C GLU D 196 5.53 42.39 14.50
N ALA D 197 5.05 41.74 15.54
CA ALA D 197 5.82 40.67 16.17
C ALA D 197 5.97 39.50 15.21
N PRO D 198 6.93 38.60 15.50
CA PRO D 198 7.02 37.37 14.69
C PRO D 198 5.73 36.58 14.79
N LYS D 199 5.42 35.81 13.74
CA LYS D 199 4.05 35.32 13.61
C LYS D 199 3.61 34.54 14.84
N HIS D 200 4.53 33.83 15.48
CA HIS D 200 4.20 33.01 16.63
C HIS D 200 3.95 33.83 17.91
N LYS D 201 4.34 35.11 17.92
CA LYS D 201 4.25 35.94 19.11
C LYS D 201 3.27 37.10 18.96
N GLY D 202 2.35 37.01 18.03
CA GLY D 202 1.38 38.07 17.87
C GLY D 202 -0.06 37.59 17.82
N ILE D 203 -0.36 36.44 18.42
CA ILE D 203 -1.71 35.88 18.39
C ILE D 203 -2.27 35.85 19.81
N SER D 204 -3.58 36.13 19.94
CA SER D 204 -4.33 36.04 21.18
C SER D 204 -5.57 35.19 20.95
N ILE D 205 -6.06 34.58 22.04
CA ILE D 205 -7.36 33.90 22.04
C ILE D 205 -8.38 34.85 22.68
N ILE D 206 -9.49 35.07 21.98
N ILE D 206 -9.50 35.05 22.00
CA ILE D 206 -10.57 35.92 22.46
CA ILE D 206 -10.56 35.92 22.51
C ILE D 206 -11.88 35.17 22.30
C ILE D 206 -11.90 35.22 22.29
N ILE D 207 -12.76 35.29 23.29
CA ILE D 207 -14.06 34.64 23.27
C ILE D 207 -15.08 35.61 22.70
N VAL D 208 -15.70 35.27 21.58
CA VAL D 208 -16.67 36.10 20.88
C VAL D 208 -18.05 35.45 20.99
N PRO D 209 -19.04 36.11 21.59
CA PRO D 209 -20.40 35.54 21.60
C PRO D 209 -20.98 35.53 20.18
N THR D 210 -21.77 34.50 19.87
CA THR D 210 -22.27 34.36 18.52
C THR D 210 -23.48 35.25 18.26
N ASP D 211 -23.94 36.00 19.25
CA ASP D 211 -24.94 37.03 18.95
C ASP D 211 -24.31 38.42 18.86
N ALA D 212 -23.00 38.51 18.74
CA ALA D 212 -22.37 39.82 18.68
C ALA D 212 -22.77 40.54 17.38
N GLU D 213 -22.96 41.86 17.48
N GLU D 213 -22.95 41.87 17.48
CA GLU D 213 -23.13 42.67 16.28
CA GLU D 213 -23.14 42.65 16.27
C GLU D 213 -21.88 42.57 15.41
C GLU D 213 -21.88 42.59 15.41
N GLY D 214 -22.07 42.37 14.11
CA GLY D 214 -20.97 42.20 13.19
C GLY D 214 -20.50 40.76 13.00
N PHE D 215 -20.93 39.84 13.85
CA PHE D 215 -20.67 38.40 13.66
C PHE D 215 -21.73 37.79 12.75
N SER D 216 -21.31 36.90 11.85
CA SER D 216 -22.25 36.15 11.03
C SER D 216 -21.58 34.85 10.60
N TRP D 217 -22.37 33.93 10.08
CA TRP D 217 -21.87 32.63 9.63
C TRP D 217 -22.64 32.23 8.37
N SER D 218 -22.04 31.41 7.53
CA SER D 218 -22.77 30.87 6.41
C SER D 218 -22.47 29.38 6.34
N PRO D 219 -23.43 28.57 5.90
CA PRO D 219 -23.26 27.11 5.98
C PRO D 219 -22.37 26.60 4.86
N ILE D 220 -21.65 25.54 5.17
CA ILE D 220 -20.81 24.80 4.22
C ILE D 220 -21.31 23.36 4.33
N GLN D 221 -22.00 22.87 3.30
CA GLN D 221 -22.49 21.50 3.33
C GLN D 221 -21.37 20.57 2.91
N THR D 222 -21.02 19.59 3.75
CA THR D 222 -19.95 18.64 3.47
C THR D 222 -20.50 17.36 2.89
N VAL D 223 -19.63 16.69 2.12
CA VAL D 223 -20.00 15.50 1.39
C VAL D 223 -20.42 14.42 2.37
N GLY D 224 -19.93 14.47 3.61
CA GLY D 224 -20.29 13.47 4.60
C GLY D 224 -21.68 13.65 5.20
N GLY D 225 -22.26 14.84 5.05
CA GLY D 225 -23.59 15.07 5.57
C GLY D 225 -23.65 16.21 6.56
N MET D 226 -22.60 16.41 7.35
CA MET D 226 -22.70 17.46 8.34
C MET D 226 -22.52 18.83 7.69
N VAL D 227 -23.06 19.84 8.35
CA VAL D 227 -22.93 21.23 7.92
C VAL D 227 -21.86 21.86 8.80
N VAL D 228 -20.82 22.44 8.19
CA VAL D 228 -19.91 23.29 8.94
C VAL D 228 -20.17 24.72 8.49
N THR D 229 -19.31 25.65 8.86
CA THR D 229 -19.57 27.05 8.57
C THR D 229 -18.29 27.76 8.21
N ALA D 230 -18.48 28.89 7.53
CA ALA D 230 -17.56 30.02 7.53
C ALA D 230 -18.14 31.05 8.50
N THR D 231 -17.27 31.73 9.24
CA THR D 231 -17.71 32.79 10.12
C THR D 231 -16.98 34.07 9.74
N TYR D 232 -17.68 35.19 9.91
CA TYR D 232 -17.24 36.51 9.48
C TYR D 232 -17.32 37.48 10.65
N TYR D 233 -16.34 38.37 10.71
CA TYR D 233 -16.16 39.31 11.81
C TYR D 233 -15.95 40.68 11.18
N SER D 234 -16.98 41.52 11.27
CA SER D 234 -16.99 42.84 10.66
C SER D 234 -17.13 43.87 11.77
N GLY D 235 -16.03 44.41 12.27
CA GLY D 235 -16.12 45.38 13.36
C GLY D 235 -16.73 44.80 14.63
N VAL D 236 -16.54 43.51 14.90
CA VAL D 236 -17.04 42.92 16.14
C VAL D 236 -16.28 43.50 17.32
N ARG D 237 -17.02 43.94 18.36
CA ARG D 237 -16.40 44.54 19.54
C ARG D 237 -16.56 43.61 20.74
N VAL D 238 -15.42 43.23 21.33
CA VAL D 238 -15.39 42.26 22.41
C VAL D 238 -14.56 42.86 23.54
N PRO D 239 -15.00 42.77 24.79
N PRO D 239 -15.02 42.77 24.78
CA PRO D 239 -14.21 43.35 25.88
CA PRO D 239 -14.22 43.30 25.90
C PRO D 239 -12.84 42.69 25.98
C PRO D 239 -12.83 42.69 25.92
N VAL D 240 -11.85 43.50 26.35
CA VAL D 240 -10.50 42.99 26.57
C VAL D 240 -10.51 41.91 27.65
N SER D 241 -11.48 41.96 28.57
CA SER D 241 -11.56 40.93 29.59
C SER D 241 -11.98 39.57 29.04
N GLU D 242 -12.30 39.43 27.75
CA GLU D 242 -12.60 38.12 27.17
C GLU D 242 -11.39 37.50 26.46
N VAL D 243 -10.20 38.10 26.60
CA VAL D 243 -8.99 37.45 26.15
C VAL D 243 -8.61 36.37 27.14
N VAL D 244 -8.23 35.18 26.64
CA VAL D 244 -7.82 34.05 27.48
C VAL D 244 -6.30 34.00 27.52
N GLY D 245 -5.75 33.93 28.72
CA GLY D 245 -4.31 34.04 28.86
C GLY D 245 -3.87 35.47 28.58
N GLU D 246 -2.66 35.63 28.10
CA GLU D 246 -2.07 36.95 27.92
C GLU D 246 -2.27 37.40 26.48
N ILE D 247 -2.45 38.71 26.29
CA ILE D 247 -2.43 39.27 24.94
C ILE D 247 -1.11 38.92 24.28
N ASN D 248 -1.17 38.45 23.04
CA ASN D 248 -0.04 37.95 22.23
C ASN D 248 0.51 36.63 22.73
N GLY D 249 -0.10 36.01 23.73
CA GLY D 249 0.36 34.73 24.25
C GLY D 249 -0.53 33.58 23.81
N GLY D 250 -1.25 33.79 22.72
CA GLY D 250 -2.21 32.78 22.29
C GLY D 250 -1.59 31.54 21.65
N TRP D 251 -0.50 31.71 20.90
CA TRP D 251 0.09 30.54 20.23
C TRP D 251 0.39 29.42 21.22
N LYS D 252 0.84 29.76 22.43
CA LYS D 252 1.05 28.72 23.42
C LYS D 252 -0.25 28.02 23.79
N LEU D 253 -1.33 28.78 23.95
CA LEU D 253 -2.62 28.15 24.24
C LEU D 253 -3.05 27.21 23.11
N ILE D 254 -2.86 27.64 21.85
CA ILE D 254 -3.25 26.84 20.70
C ILE D 254 -2.51 25.50 20.68
N THR D 255 -1.20 25.52 20.96
CA THR D 255 -0.35 24.35 20.73
C THR D 255 -0.07 23.50 21.96
N THR D 256 -0.76 23.71 23.08
CA THR D 256 -0.57 22.91 24.28
C THR D 256 -1.91 22.46 24.85
N GLN D 257 -1.86 21.59 25.87
CA GLN D 257 -3.06 20.97 26.44
C GLN D 257 -3.89 20.26 25.36
N LEU D 258 -3.22 19.40 24.60
CA LEU D 258 -3.83 18.67 23.48
C LEU D 258 -4.17 17.22 23.81
N ASN D 259 -3.78 16.72 25.00
CA ASN D 259 -3.89 15.30 25.25
C ASN D 259 -5.34 14.83 25.31
N HIS D 260 -6.22 15.66 25.90
CA HIS D 260 -7.64 15.30 25.92
C HIS D 260 -8.21 15.21 24.52
N GLU D 261 -7.85 16.18 23.65
CA GLU D 261 -8.30 16.14 22.24
C GLU D 261 -7.80 14.90 21.53
N ARG D 262 -6.54 14.57 21.75
CA ARG D 262 -5.97 13.36 21.14
C ARG D 262 -6.73 12.10 21.56
N ILE D 263 -7.09 11.99 22.84
N ILE D 263 -7.10 12.00 22.84
CA ILE D 263 -7.79 10.75 23.19
CA ILE D 263 -7.80 10.80 23.26
C ILE D 263 -9.24 10.79 22.70
C ILE D 263 -9.22 10.80 22.70
N GLY D 264 -9.86 11.97 22.61
CA GLY D 264 -11.22 12.01 22.07
C GLY D 264 -11.28 11.58 20.61
N LEU D 265 -10.34 12.10 19.80
CA LEU D 265 -10.22 11.67 18.41
C LEU D 265 -9.86 10.18 18.29
N ALA D 266 -8.87 9.72 19.04
CA ALA D 266 -8.59 8.28 19.06
C ALA D 266 -9.84 7.45 19.40
N ALA D 267 -10.67 7.93 20.34
CA ALA D 267 -11.85 7.18 20.74
C ALA D 267 -12.81 6.92 19.57
N LEU D 268 -12.70 7.71 18.49
CA LEU D 268 -13.55 7.47 17.33
C LEU D 268 -13.35 6.06 16.76
N GLY D 269 -12.19 5.45 16.95
CA GLY D 269 -11.98 4.11 16.43
C GLY D 269 -12.95 3.07 16.97
N GLY D 270 -13.53 3.31 18.15
CA GLY D 270 -14.41 2.31 18.76
C GLY D 270 -15.61 2.02 17.86
N ARG D 271 -16.12 3.05 17.17
CA ARG D 271 -17.25 2.82 16.29
C ARG D 271 -16.87 1.98 15.08
N MET D 272 -15.63 2.14 14.58
CA MET D 272 -15.20 1.32 13.44
C MET D 272 -15.06 -0.15 13.82
N ILE D 273 -14.63 -0.40 15.05
CA ILE D 273 -14.64 -1.76 15.56
C ILE D 273 -16.08 -2.28 15.61
N ARG D 274 -17.01 -1.50 16.20
CA ARG D 274 -18.40 -1.95 16.25
C ARG D 274 -18.92 -2.31 14.87
N LEU D 275 -18.65 -1.46 13.86
CA LEU D 275 -19.21 -1.70 12.53
C LEU D 275 -18.55 -2.91 11.84
N TRP D 276 -17.25 -3.10 12.03
CA TRP D 276 -16.59 -4.34 11.60
C TRP D 276 -17.30 -5.57 12.18
N GLU D 277 -17.51 -5.58 13.50
CA GLU D 277 -18.27 -6.66 14.13
C GLU D 277 -19.66 -6.80 13.52
N ASP D 278 -20.34 -5.68 13.21
CA ASP D 278 -21.67 -5.77 12.63
C ASP D 278 -21.64 -6.35 11.22
N VAL D 279 -20.61 -6.01 10.42
CA VAL D 279 -20.54 -6.55 9.06
C VAL D 279 -20.24 -8.06 9.11
N VAL D 280 -19.35 -8.50 10.03
CA VAL D 280 -19.12 -9.93 10.22
C VAL D 280 -20.45 -10.67 10.45
N ALA D 281 -21.28 -10.17 11.37
CA ALA D 281 -22.56 -10.82 11.65
C ALA D 281 -23.50 -10.73 10.45
N TRP D 282 -23.50 -9.59 9.77
CA TRP D 282 -24.31 -9.45 8.58
C TRP D 282 -23.85 -10.47 7.55
N ALA D 283 -22.55 -10.58 7.35
CA ALA D 283 -22.04 -11.48 6.31
C ALA D 283 -22.27 -12.93 6.69
N ARG D 284 -22.13 -13.24 7.98
CA ARG D 284 -22.46 -14.56 8.50
C ARG D 284 -23.88 -14.97 8.10
N ASP D 285 -24.82 -14.05 8.19
CA ASP D 285 -26.23 -14.43 8.11
C ASP D 285 -26.84 -14.29 6.72
N ASN D 286 -26.05 -13.93 5.70
CA ASN D 286 -26.56 -14.02 4.34
C ASN D 286 -25.65 -14.84 3.45
N GLY D 287 -24.67 -15.55 4.00
CA GLY D 287 -23.79 -16.35 3.17
C GLY D 287 -22.56 -15.64 2.65
N VAL D 288 -22.49 -14.31 2.73
CA VAL D 288 -21.32 -13.62 2.17
C VAL D 288 -20.04 -14.08 2.87
N LEU D 289 -20.15 -14.48 4.13
CA LEU D 289 -18.97 -14.82 4.91
C LEU D 289 -18.30 -16.10 4.42
N GLU D 290 -18.97 -16.90 3.60
N GLU D 290 -18.98 -16.90 3.59
CA GLU D 290 -18.33 -18.09 3.08
CA GLU D 290 -18.35 -18.11 3.05
C GLU D 290 -17.29 -17.80 2.01
C GLU D 290 -17.29 -17.79 2.00
N GLN D 291 -17.29 -16.60 1.43
CA GLN D 291 -16.38 -16.33 0.30
C GLN D 291 -14.95 -16.11 0.78
N PRO D 292 -13.96 -16.79 0.20
CA PRO D 292 -12.60 -16.59 0.70
C PRO D 292 -12.17 -15.13 0.68
N TRP D 293 -12.55 -14.37 -0.34
CA TRP D 293 -12.07 -13.01 -0.39
C TRP D 293 -12.66 -12.21 0.76
N VAL D 294 -13.85 -12.58 1.22
CA VAL D 294 -14.46 -11.84 2.31
C VAL D 294 -13.73 -12.14 3.60
N ARG D 295 -13.45 -13.43 3.84
CA ARG D 295 -12.71 -13.82 5.05
C ARG D 295 -11.34 -13.16 5.10
N ARG D 296 -10.64 -13.10 3.97
CA ARG D 296 -9.33 -12.46 3.96
C ARG D 296 -9.41 -10.96 4.29
N ASP D 297 -10.37 -10.25 3.68
CA ASP D 297 -10.53 -8.82 3.96
C ASP D 297 -10.93 -8.57 5.42
N LEU D 298 -11.82 -9.41 5.99
CA LEU D 298 -12.14 -9.28 7.40
C LEU D 298 -10.89 -9.48 8.25
N ALA D 299 -10.08 -10.49 7.91
CA ALA D 299 -8.87 -10.78 8.69
C ALA D 299 -7.89 -9.61 8.66
N ARG D 300 -7.64 -9.03 7.48
CA ARG D 300 -6.67 -7.93 7.38
C ARG D 300 -7.16 -6.72 8.17
N THR D 301 -8.44 -6.37 8.00
CA THR D 301 -8.96 -5.24 8.76
C THR D 301 -8.99 -5.54 10.25
N TYR D 302 -9.27 -6.79 10.64
CA TYR D 302 -9.16 -7.15 12.05
C TYR D 302 -7.74 -6.92 12.59
N ALA D 303 -6.73 -7.41 11.86
CA ALA D 303 -5.35 -7.17 12.28
C ALA D 303 -5.07 -5.68 12.41
N LYS D 304 -5.58 -4.87 11.48
CA LYS D 304 -5.27 -3.45 11.51
C LYS D 304 -6.04 -2.74 12.62
N LEU D 305 -7.28 -3.18 12.88
CA LEU D 305 -8.06 -2.61 13.97
C LEU D 305 -7.47 -2.99 15.32
N GLU D 306 -6.85 -4.18 15.44
CA GLU D 306 -6.22 -4.55 16.69
C GLU D 306 -5.06 -3.63 16.99
N ALA D 307 -4.13 -3.46 16.03
CA ALA D 307 -3.05 -2.49 16.21
C ALA D 307 -3.62 -1.13 16.62
N MET D 308 -4.66 -0.66 15.91
CA MET D 308 -5.27 0.64 16.23
C MET D 308 -5.78 0.66 17.67
N ARG D 309 -6.56 -0.35 18.04
CA ARG D 309 -7.18 -0.39 19.35
C ARG D 309 -6.13 -0.36 20.44
N LEU D 310 -5.04 -1.11 20.24
CA LEU D 310 -3.99 -1.20 21.25
C LEU D 310 -3.11 0.05 21.24
N LEU D 311 -2.79 0.61 20.08
CA LEU D 311 -2.01 1.85 20.07
C LEU D 311 -2.83 2.99 20.67
N ASN D 312 -4.15 3.00 20.46
CA ASN D 312 -4.96 4.03 21.08
C ASN D 312 -4.90 3.93 22.60
N TRP D 313 -4.96 2.70 23.14
CA TRP D 313 -4.87 2.52 24.59
C TRP D 313 -3.48 2.89 25.09
N LYS D 314 -2.43 2.51 24.34
CA LYS D 314 -1.08 2.85 24.78
C LYS D 314 -0.94 4.36 24.94
N MET D 315 -1.49 5.12 23.97
CA MET D 315 -1.49 6.58 24.06
C MET D 315 -2.30 7.07 25.25
N THR D 316 -3.49 6.49 25.47
CA THR D 316 -4.28 6.89 26.63
C THR D 316 -3.51 6.65 27.91
N ILE D 317 -2.90 5.46 28.04
CA ILE D 317 -2.13 5.16 29.25
C ILE D 317 -0.95 6.11 29.38
N ALA D 318 -0.31 6.49 28.27
CA ALA D 318 0.79 7.45 28.35
C ALA D 318 0.29 8.80 28.82
N VAL D 319 -0.90 9.21 28.39
CA VAL D 319 -1.46 10.47 28.86
C VAL D 319 -1.76 10.37 30.35
N GLU D 320 -2.33 9.25 30.81
CA GLU D 320 -2.63 9.09 32.23
C GLU D 320 -1.36 9.14 33.07
N ASN D 321 -0.21 8.76 32.51
CA ASN D 321 1.04 8.80 33.24
C ASN D 321 1.86 10.04 32.93
N ASP D 322 1.30 10.96 32.14
CA ASP D 322 1.99 12.20 31.77
C ASP D 322 3.30 11.94 31.04
N GLU D 323 3.32 10.99 30.13
CA GLU D 323 4.55 10.72 29.40
C GLU D 323 4.27 10.42 27.92
N LEU D 324 3.27 11.06 27.34
CA LEU D 324 3.02 10.90 25.92
C LEU D 324 3.99 11.79 25.14
N THR D 325 4.70 11.20 24.18
CA THR D 325 5.59 11.98 23.33
C THR D 325 4.86 12.46 22.08
N GLY D 326 5.30 13.59 21.54
CA GLY D 326 4.69 14.08 20.32
C GLY D 326 4.79 13.09 19.18
N ALA D 327 5.94 12.41 19.06
CA ALA D 327 6.10 11.43 18.00
C ALA D 327 5.07 10.32 18.13
N ASP D 328 4.91 9.78 19.34
CA ASP D 328 3.94 8.73 19.53
C ASP D 328 2.52 9.25 19.25
N ALA D 329 2.19 10.44 19.74
CA ALA D 329 0.86 10.99 19.48
C ALA D 329 0.61 11.09 17.99
N GLY D 330 1.62 11.60 17.25
CA GLY D 330 1.47 11.79 15.80
C GLY D 330 1.43 10.48 15.06
N ALA D 331 2.30 9.52 15.41
CA ALA D 331 2.24 8.18 14.82
C ALA D 331 0.87 7.54 15.04
N THR D 332 0.36 7.62 16.26
CA THR D 332 -0.90 6.95 16.58
C THR D 332 -2.09 7.58 15.85
N LYS D 333 -2.14 8.92 15.80
CA LYS D 333 -3.21 9.61 15.09
C LYS D 333 -3.18 9.28 13.60
N ALA D 334 -1.98 9.40 12.97
CA ALA D 334 -1.87 9.15 11.53
C ALA D 334 -2.24 7.72 11.21
N TYR D 335 -1.71 6.76 11.99
CA TYR D 335 -2.09 5.36 11.78
C TYR D 335 -3.60 5.17 11.95
N GLY D 336 -4.19 5.75 13.00
CA GLY D 336 -5.58 5.47 13.32
C GLY D 336 -6.54 5.98 12.24
N THR D 337 -6.38 7.25 11.83
CA THR D 337 -7.30 7.81 10.86
C THR D 337 -7.16 7.15 9.49
N GLU D 338 -5.94 6.77 9.13
CA GLU D 338 -5.76 6.05 7.87
C GLU D 338 -6.32 4.63 7.95
N THR D 339 -6.26 4.01 9.12
CA THR D 339 -6.92 2.72 9.30
C THR D 339 -8.47 2.85 9.21
N HIS D 340 -9.05 3.92 9.75
CA HIS D 340 -10.50 4.07 9.57
C HIS D 340 -10.89 4.05 8.09
N ILE D 341 -10.09 4.69 7.24
CA ILE D 341 -10.41 4.76 5.82
C ILE D 341 -10.28 3.39 5.17
N ASP D 342 -9.20 2.67 5.51
CA ASP D 342 -8.99 1.32 5.00
C ASP D 342 -10.16 0.41 5.40
N VAL D 343 -10.57 0.45 6.67
CA VAL D 343 -11.66 -0.40 7.10
C VAL D 343 -12.95 0.02 6.39
N GLN D 344 -13.15 1.32 6.21
CA GLN D 344 -14.36 1.79 5.52
C GLN D 344 -14.40 1.34 4.08
N ARG D 345 -13.26 1.51 3.35
CA ARG D 345 -13.14 1.00 1.98
C ARG D 345 -13.44 -0.49 1.93
N THR D 346 -12.79 -1.25 2.80
CA THR D 346 -12.85 -2.71 2.73
C THR D 346 -14.24 -3.22 3.09
N LEU D 347 -14.85 -2.66 4.12
CA LEU D 347 -16.18 -3.07 4.54
C LEU D 347 -17.20 -2.73 3.47
N THR D 348 -17.05 -1.60 2.80
CA THR D 348 -17.93 -1.27 1.69
C THR D 348 -17.86 -2.36 0.61
N GLY D 349 -16.67 -2.84 0.27
CA GLY D 349 -16.55 -3.94 -0.68
C GLY D 349 -17.31 -5.19 -0.23
N ILE D 350 -17.19 -5.54 1.06
CA ILE D 350 -17.87 -6.73 1.58
C ILE D 350 -19.39 -6.59 1.51
N LEU D 351 -19.93 -5.37 1.68
CA LEU D 351 -21.38 -5.15 1.54
C LEU D 351 -21.92 -5.38 0.13
N GLY D 352 -21.05 -5.52 -0.89
CA GLY D 352 -21.57 -5.76 -2.22
C GLY D 352 -22.45 -4.61 -2.69
N ALA D 353 -23.49 -4.96 -3.46
CA ALA D 353 -24.33 -3.95 -4.11
C ALA D 353 -24.96 -2.98 -3.12
N ALA D 354 -25.34 -3.44 -1.95
CA ALA D 354 -25.88 -2.53 -0.96
C ALA D 354 -24.86 -1.55 -0.41
N GLY D 355 -23.57 -1.74 -0.68
CA GLY D 355 -22.56 -0.82 -0.18
C GLY D 355 -22.69 0.60 -0.70
N ARG D 356 -23.38 0.78 -1.83
CA ARG D 356 -23.53 2.09 -2.43
C ARG D 356 -24.84 2.79 -2.05
N ILE D 357 -25.66 2.18 -1.17
CA ILE D 357 -26.96 2.74 -0.83
C ILE D 357 -26.81 3.71 0.33
N ARG D 358 -27.29 4.94 0.16
CA ARG D 358 -27.17 5.94 1.22
C ARG D 358 -28.18 5.68 2.35
N PRO D 359 -27.88 6.18 3.55
CA PRO D 359 -28.85 6.12 4.66
C PRO D 359 -30.18 6.71 4.23
N GLU D 360 -31.26 6.16 4.79
CA GLU D 360 -32.66 6.53 4.58
C GLU D 360 -33.21 5.99 3.28
N SER D 361 -32.40 5.33 2.42
CA SER D 361 -32.90 4.71 1.19
C SER D 361 -33.11 3.21 1.40
N PRO D 362 -34.03 2.58 0.68
CA PRO D 362 -34.31 1.17 0.96
C PRO D 362 -33.20 0.28 0.46
N GLY D 363 -32.99 -0.82 1.17
CA GLY D 363 -31.89 -1.69 0.85
C GLY D 363 -30.61 -1.34 1.57
N ALA D 364 -30.57 -0.24 2.30
CA ALA D 364 -29.34 0.12 2.99
C ALA D 364 -29.00 -0.96 4.03
N VAL D 365 -27.71 -1.26 4.15
CA VAL D 365 -27.21 -2.26 5.10
C VAL D 365 -26.73 -1.51 6.33
N LEU D 366 -27.06 -2.00 7.50
CA LEU D 366 -26.71 -1.30 8.74
C LEU D 366 -27.03 0.21 8.63
N ALA D 367 -28.21 0.51 8.09
CA ALA D 367 -28.76 1.88 8.00
C ALA D 367 -27.89 2.81 7.18
N GLY D 368 -27.06 2.25 6.30
CA GLY D 368 -26.15 3.04 5.47
C GLY D 368 -24.95 3.66 6.17
N GLN D 369 -24.73 3.26 7.42
CA GLN D 369 -23.70 3.88 8.27
C GLN D 369 -22.32 3.83 7.64
N ILE D 370 -21.99 2.72 6.99
CA ILE D 370 -20.65 2.58 6.41
C ILE D 370 -20.53 3.43 5.14
N GLU D 371 -21.58 3.47 4.33
CA GLU D 371 -21.61 4.33 3.16
C GLU D 371 -21.40 5.78 3.56
N GLN D 372 -22.08 6.23 4.62
CA GLN D 372 -21.95 7.61 5.06
C GLN D 372 -20.61 7.84 5.73
N LEU D 373 -20.17 6.91 6.59
CA LEU D 373 -18.89 7.09 7.27
C LEU D 373 -17.75 7.21 6.29
N SER D 374 -17.82 6.49 5.16
CA SER D 374 -16.76 6.56 4.14
C SER D 374 -16.59 7.98 3.62
N ARG D 375 -17.71 8.71 3.48
CA ARG D 375 -17.66 10.10 3.05
C ARG D 375 -17.26 11.04 4.18
N GLN D 376 -17.19 10.55 5.41
CA GLN D 376 -16.73 11.39 6.51
C GLN D 376 -15.28 11.09 6.92
N GLY D 377 -14.85 9.82 6.86
CA GLY D 377 -13.49 9.45 7.21
C GLY D 377 -12.42 10.16 6.37
N ILE D 378 -12.78 10.61 5.18
CA ILE D 378 -11.84 11.29 4.30
C ILE D 378 -11.49 12.68 4.86
N VAL D 379 -12.10 13.09 5.98
CA VAL D 379 -11.78 14.43 6.53
C VAL D 379 -10.77 14.30 7.68
N ASN D 380 -10.71 13.15 8.33
CA ASN D 380 -9.96 13.03 9.59
C ASN D 380 -8.45 12.86 9.41
N THR D 381 -8.00 12.63 8.17
CA THR D 381 -6.56 12.60 7.92
C THR D 381 -5.97 13.99 7.91
N PHE D 382 -6.79 15.03 7.73
CA PHE D 382 -6.25 16.36 7.88
C PHE D 382 -6.86 17.18 9.00
N GLY D 383 -7.91 16.66 9.68
CA GLY D 383 -8.32 17.23 10.95
C GLY D 383 -7.58 16.64 12.14
N GLY D 384 -7.48 17.41 13.22
CA GLY D 384 -6.67 16.94 14.34
C GLY D 384 -5.20 16.76 14.03
N GLY D 385 -4.59 17.69 13.28
CA GLY D 385 -3.24 17.51 12.79
C GLY D 385 -3.21 16.94 11.38
N VAL D 386 -2.56 17.63 10.44
CA VAL D 386 -2.42 17.14 9.09
C VAL D 386 -1.43 15.96 9.08
N ASN D 387 -1.82 14.84 8.47
CA ASN D 387 -1.01 13.61 8.59
C ASN D 387 0.42 13.78 8.05
N GLU D 388 0.61 14.54 6.96
CA GLU D 388 1.99 14.77 6.49
C GLU D 388 2.81 15.50 7.54
N VAL D 389 2.21 16.49 8.22
CA VAL D 389 2.91 17.23 9.25
C VAL D 389 3.26 16.33 10.43
N LEU D 390 2.33 15.42 10.80
CA LEU D 390 2.61 14.47 11.88
C LEU D 390 3.74 13.51 11.51
N ARG D 391 3.82 13.08 10.25
CA ARG D 391 4.91 12.19 9.85
C ARG D 391 6.26 12.90 9.94
N ASP D 392 6.30 14.19 9.54
CA ASP D 392 7.52 14.99 9.74
C ASP D 392 7.89 15.01 11.23
N MET D 393 6.90 15.22 12.09
CA MET D 393 7.16 15.24 13.54
C MET D 393 7.65 13.88 14.03
N VAL D 394 7.10 12.80 13.50
CA VAL D 394 7.60 11.48 13.87
C VAL D 394 9.09 11.38 13.56
N ALA D 395 9.48 11.85 12.36
CA ALA D 395 10.86 11.73 11.91
C ALA D 395 11.80 12.59 12.73
N THR D 396 11.42 13.85 12.96
CA THR D 396 12.32 14.74 13.68
C THR D 396 12.29 14.45 15.20
N LEU D 397 11.09 14.34 15.78
CA LEU D 397 11.03 14.18 17.24
C LEU D 397 11.23 12.73 17.68
N GLY D 398 10.74 11.77 16.90
CA GLY D 398 10.89 10.39 17.28
C GLY D 398 12.20 9.77 16.86
N LEU D 399 12.76 10.21 15.74
CA LEU D 399 13.97 9.59 15.21
C LEU D 399 15.16 10.54 15.10
N GLY D 400 15.02 11.80 15.51
CA GLY D 400 16.13 12.72 15.50
C GLY D 400 16.48 13.33 14.17
N MET D 401 15.67 13.15 13.14
CA MET D 401 16.04 13.70 11.85
C MET D 401 16.07 15.21 11.95
N PRO D 402 16.96 15.87 11.21
CA PRO D 402 16.89 17.33 11.10
C PRO D 402 15.62 17.73 10.35
N ARG D 403 15.11 18.91 10.64
CA ARG D 403 13.77 19.25 10.15
C ARG D 403 13.84 19.60 8.67
N SER D 404 12.86 19.10 7.94
CA SER D 404 12.76 19.24 6.49
C SER D 404 12.40 20.65 6.04
C1 PGE E . -37.15 -13.46 -3.75
O1 PGE E . -37.86 -14.57 -3.21
C2 PGE E . -38.10 -12.29 -3.91
O2 PGE E . -39.33 -12.72 -4.48
C3 PGE E . -40.05 -11.72 -5.19
C4 PGE E . -41.26 -12.35 -5.87
O4 PGE E . -43.93 -8.76 -5.34
C6 PGE E . -43.41 -9.91 -4.66
C5 PGE E . -43.22 -11.04 -5.66
O3 PGE E . -42.42 -12.06 -5.10
H1 PGE E . -36.33 -13.14 -3.10
H12 PGE E . -36.74 -13.70 -4.74
HO1 PGE E . -38.10 -14.33 -2.31
H2 PGE E . -37.63 -11.52 -4.54
H22 PGE E . -38.28 -11.84 -2.92
H3 PGE E . -40.39 -10.93 -4.52
H32 PGE E . -39.41 -11.26 -5.97
H4 PGE E . -41.35 -11.93 -6.89
H42 PGE E . -41.11 -13.43 -5.97
HO4 PGE E . -43.52 -8.72 -6.21
H6 PGE E . -44.09 -10.25 -3.87
H62 PGE E . -42.44 -9.69 -4.19
H5 PGE E . -42.76 -10.63 -6.57
H52 PGE E . -44.21 -11.44 -5.93
PA FAD F . 22.24 8.22 -2.12
O1A FAD F . 22.91 8.24 -0.79
O2A FAD F . 22.48 9.38 -3.07
O5B FAD F . 20.68 8.10 -1.82
C5B FAD F . 20.20 7.20 -0.82
C4B FAD F . 18.69 7.22 -0.76
O4B FAD F . 18.25 8.54 -0.35
C3B FAD F . 17.99 6.99 -2.08
O3B FAD F . 17.93 5.60 -2.40
C2B FAD F . 16.61 7.61 -1.81
O2B FAD F . 15.75 6.76 -1.06
C1B FAD F . 16.98 8.82 -0.92
N9A FAD F . 17.09 10.07 -1.66
C8A FAD F . 18.19 10.54 -2.33
N7A FAD F . 18.00 11.71 -2.90
C5A FAD F . 16.69 12.03 -2.57
C6A FAD F . 15.87 13.12 -2.90
N6A FAD F . 16.27 14.16 -3.63
N1A FAD F . 14.60 13.12 -2.43
C2A FAD F . 14.19 12.08 -1.70
N3A FAD F . 14.87 10.98 -1.34
C4A FAD F . 16.12 11.02 -1.82
N1 FAD F . 27.04 3.99 -10.62
C2 FAD F . 28.12 4.14 -11.44
O2 FAD F . 28.85 5.13 -11.34
N3 FAD F . 28.39 3.18 -12.39
C4 FAD F . 27.68 2.02 -12.61
O4 FAD F . 28.02 1.21 -13.49
C4X FAD F . 26.53 1.86 -11.73
N5 FAD F . 25.79 0.80 -11.86
C5X FAD F . 24.68 0.67 -11.03
C6 FAD F . 23.88 -0.46 -11.14
C7 FAD F . 22.76 -0.62 -10.33
C7M FAD F . 21.92 -1.85 -10.50
C8 FAD F . 22.45 0.34 -9.36
C8M FAD F . 21.25 0.17 -8.46
C9 FAD F . 23.26 1.46 -9.24
C9A FAD F . 24.37 1.63 -10.05
N10 FAD F . 25.19 2.76 -9.97
C10 FAD F . 26.30 2.90 -10.76
C1' FAD F . 25.06 3.65 -8.84
C2' FAD F . 23.82 4.46 -8.74
O2' FAD F . 24.10 5.52 -9.64
C3' FAD F . 23.73 5.11 -7.36
O3' FAD F . 23.55 4.13 -6.34
C4' FAD F . 22.63 6.18 -7.28
O4' FAD F . 23.07 7.34 -7.97
C5' FAD F . 22.27 6.55 -5.85
O5' FAD F . 23.44 7.08 -5.19
P FAD F . 23.84 6.56 -3.75
O1P FAD F . 23.97 5.03 -3.82
O2P FAD F . 25.01 7.21 -3.15
O3P FAD F . 22.54 6.86 -2.88
H51A FAD F . 20.55 7.45 0.02
H52A FAD F . 20.49 6.33 -1.02
H4B FAD F . 18.40 6.58 -0.15
H3B FAD F . 18.40 7.45 -2.78
HO3A FAD F . 18.67 5.38 -2.69
H2B FAD F . 16.21 7.88 -2.63
HO2A FAD F . 16.06 6.63 -0.31
H1B FAD F . 16.34 8.90 -0.24
H8A FAD F . 18.99 10.08 -2.37
H61A FAD F . 17.08 14.18 -3.95
H62A FAD F . 15.73 14.82 -3.80
H2A FAD F . 13.31 12.13 -1.39
HN3 FAD F . 29.11 3.30 -12.88
H6 FAD F . 24.21 -1.01 -11.81
HM71 FAD F . 21.60 -1.89 -11.39
HM72 FAD F . 21.19 -1.82 -9.91
HM73 FAD F . 22.43 -2.61 -10.32
HM81 FAD F . 20.47 0.16 -8.98
HM82 FAD F . 21.20 0.90 -7.86
HM83 FAD F . 21.31 -0.62 -7.98
H9 FAD F . 22.72 2.07 -8.79
H1'1 FAD F . 25.13 3.13 -8.06
H1'2 FAD F . 25.79 4.25 -8.88
H2' FAD F . 23.03 3.97 -8.89
HO2' FAD F . 23.83 5.27 -10.38
H3' FAD F . 24.56 5.51 -7.17
HO3' FAD F . 22.78 3.86 -6.49
H4' FAD F . 21.85 5.83 -7.69
HO4' FAD F . 22.80 7.28 -8.75
H5'1 FAD F . 21.58 7.20 -5.86
H5'2 FAD F . 21.96 5.78 -5.40
CL CL G . 22.81 4.31 -12.38
C1 PGE H . 23.80 -15.16 -36.43
O1 PGE H . 25.03 -15.76 -36.80
C2 PGE H . 22.77 -16.26 -36.23
O2 PGE H . 22.73 -16.68 -34.89
C3 PGE H . 21.58 -16.24 -34.19
C4 PGE H . 20.48 -17.31 -34.16
O4 PGE H . 17.37 -14.49 -35.16
C6 PGE H . 17.11 -15.73 -34.50
C5 PGE H . 18.35 -16.25 -33.80
O3 PGE H . 19.31 -16.77 -34.73
H1 PGE H . 23.42 -14.48 -37.21
H12 PGE H . 23.87 -14.59 -35.50
HO1 PGE H . 25.03 -15.87 -37.75
H2 PGE H . 21.79 -15.89 -36.55
H22 PGE H . 23.04 -17.11 -36.89
H3 PGE H . 21.83 -15.99 -33.15
H32 PGE H . 21.17 -15.35 -34.67
H4 PGE H . 20.83 -18.19 -34.74
H42 PGE H . 20.32 -17.62 -33.13
HO4 PGE H . 16.63 -14.29 -35.75
H6 PGE H . 16.31 -15.62 -33.75
H62 PGE H . 16.78 -16.50 -35.23
H5 PGE H . 18.05 -17.02 -33.08
H52 PGE H . 18.79 -15.42 -33.22
O1 MES I . 20.50 -1.79 -18.19
C2 MES I . 21.47 -1.24 -17.27
C3 MES I . 21.98 -2.29 -16.29
N4 MES I . 20.87 -3.08 -15.72
C5 MES I . 20.07 -3.74 -16.74
C6 MES I . 19.50 -2.61 -17.58
C7 MES I . 21.32 -3.93 -14.63
C8 MES I . 20.12 -4.25 -13.73
S MES I . 20.49 -5.59 -12.80
O1S MES I . 19.58 -5.65 -11.61
O2S MES I . 20.30 -6.83 -13.61
O3S MES I . 21.90 -5.50 -12.34
H21 MES I . 21.00 -0.42 -16.72
H22 MES I . 22.31 -0.84 -17.83
H31 MES I . 22.67 -2.96 -16.79
H32 MES I . 22.51 -1.79 -15.47
HN4 MES I . 20.22 -2.43 -15.31
H51 MES I . 19.26 -4.33 -16.28
H52 MES I . 20.68 -4.41 -17.34
H61 MES I . 18.89 -3.05 -18.39
H62 MES I . 18.85 -1.99 -16.97
H71 MES I . 21.75 -4.85 -15.03
H72 MES I . 22.10 -3.43 -14.06
H81 MES I . 19.89 -3.40 -13.10
H82 MES I . 19.24 -4.46 -14.35
CL CL J . 8.70 -31.79 2.92
CL CL K . 21.74 -2.26 16.77
S SO4 L . 28.55 12.29 3.10
O1 SO4 L . 27.40 11.44 2.85
O2 SO4 L . 29.53 12.16 2.03
O3 SO4 L . 28.12 13.69 3.14
O4 SO4 L . 29.14 11.91 4.39
S SO4 M . 35.91 -13.04 15.97
O1 SO4 M . 34.66 -13.79 15.82
O2 SO4 M . 36.87 -13.61 15.01
O3 SO4 M . 35.68 -11.62 15.69
O4 SO4 M . 36.41 -13.12 17.34
PA FAD N . -4.37 22.96 3.66
O1A FAD N . -3.58 23.72 4.66
O2A FAD N . -4.75 23.74 2.41
O5B FAD N . -3.68 21.63 3.27
C5B FAD N . -4.22 20.80 2.21
C4B FAD N . -3.37 19.57 2.11
O4B FAD N . -2.02 19.93 1.81
C3B FAD N . -3.25 18.73 3.38
O3B FAD N . -4.42 17.95 3.58
C2B FAD N . -2.00 17.92 3.05
O2B FAD N . -2.28 16.88 2.13
C1B FAD N . -1.13 18.94 2.33
N9A FAD N . -0.14 19.60 3.18
C8A FAD N . -0.34 20.66 4.02
N7A FAD N . 0.73 21.03 4.67
C5A FAD N . 1.70 20.13 4.25
C6A FAD N . 3.06 19.99 4.58
N6A FAD N . 3.71 20.78 5.45
N1A FAD N . 3.75 18.99 3.97
C2A FAD N . 3.11 18.19 3.11
N3A FAD N . 1.83 18.23 2.73
C4A FAD N . 1.18 19.23 3.34
N1 FAD N . -11.04 24.46 11.91
C2 FAD N . -11.35 25.29 12.97
O2 FAD N . -10.96 26.45 13.02
N3 FAD N . -12.14 24.84 14.01
C4 FAD N . -12.65 23.57 14.14
O4 FAD N . -13.34 23.29 15.12
C4X FAD N . -12.33 22.68 13.03
N5 FAD N . -12.79 21.46 13.08
C5X FAD N . -12.50 20.62 12.03
C6 FAD N . -12.96 19.31 12.06
C7 FAD N . -12.71 18.41 11.03
C7M FAD N . -13.26 17.02 11.12
C8 FAD N . -11.94 18.83 9.93
C8M FAD N . -11.65 17.89 8.78
C9 FAD N . -11.48 20.14 9.89
C9A FAD N . -11.73 21.03 10.93
N10 FAD N . -11.30 22.38 10.88
C10 FAD N . -11.52 23.22 11.96
C1' FAD N . -10.38 22.79 9.80
C2' FAD N . -9.01 22.08 9.95
O2' FAD N . -8.20 22.57 11.02
C3' FAD N . -8.06 22.36 8.77
O3' FAD N . -8.71 21.82 7.64
C4' FAD N . -6.57 21.92 8.77
O4' FAD N . -5.81 22.89 9.51
C5' FAD N . -5.98 21.82 7.37
O5' FAD N . -6.02 23.13 6.72
P FAD N . -6.67 23.34 5.29
O1P FAD N . -8.06 22.70 5.25
O2P FAD N . -6.58 24.83 4.91
O3P FAD N . -5.73 22.46 4.30
H51A FAD N . -4.20 21.27 1.41
H52A FAD N . -5.11 20.57 2.42
H4B FAD N . -3.72 19.03 1.42
H3B FAD N . -3.10 19.27 4.13
HO3A FAD N . -4.94 18.37 4.08
H2B FAD N . -1.60 17.62 3.85
HO2A FAD N . -2.71 17.18 1.48
H1B FAD N . -0.70 18.53 1.60
H8A FAD N . -1.15 21.10 4.10
H61A FAD N . 4.54 20.65 5.62
H62A FAD N . 3.27 21.42 5.85
H2A FAD N . 3.62 17.52 2.73
HN3 FAD N . -12.28 25.38 14.66
H6 FAD N . -13.44 19.17 12.85
HM71 FAD N . -12.96 16.62 11.92
HM72 FAD N . -12.96 16.52 10.38
HM73 FAD N . -14.19 17.05 11.12
HM81 FAD N . -12.00 18.25 7.98
HM82 FAD N . -10.72 17.80 8.69
HM83 FAD N . -12.02 17.06 8.94
H9 FAD N . -11.32 20.28 8.98
H1'1 FAD N . -10.76 22.57 8.96
H1'2 FAD N . -10.26 23.73 9.84
H2' FAD N . -9.28 21.19 10.06
HO2' FAD N . -8.19 22.11 11.70
H3' FAD N . -7.97 23.29 8.76
HO3' FAD N . -8.63 21.00 7.77
H4' FAD N . -6.52 21.08 9.18
HO4' FAD N . -5.88 23.64 9.16
H5'1 FAD N . -6.49 21.21 6.86
H5'2 FAD N . -5.10 21.52 7.42
CL CL O . -8.44 20.68 13.79
C1 PGE P . -22.05 4.73 35.19
O1 PGE P . -22.24 4.75 36.61
C2 PGE P . -23.14 3.94 34.50
O2 PGE P . -24.00 4.80 33.78
C3 PGE P . -25.27 4.26 33.48
C4 PGE P . -26.22 5.35 33.05
O4 PGE P . -26.56 9.33 35.09
C6 PGE P . -27.53 8.29 34.97
C5 PGE P . -27.29 7.37 33.78
O3 PGE P . -26.34 6.33 34.06
H1 PGE P . -21.09 4.28 34.93
H12 PGE P . -22.06 5.75 34.77
HO1 PGE P . -21.78 5.51 36.98
H2 PGE P . -22.67 3.21 33.82
H22 PGE P . -23.70 3.37 35.27
H3 PGE P . -25.19 3.52 32.66
H32 PGE P . -25.70 3.74 34.35
H4 PGE P . -25.83 5.80 32.12
H42 PGE P . -27.20 4.90 32.82
HO4 PGE P . -26.59 9.66 36.00
H6 PGE P . -27.53 7.66 35.88
H62 PGE P . -28.54 8.71 34.86
H5 PGE P . -28.26 6.93 33.49
H52 PGE P . -26.94 7.98 32.93
O1 MES Q . -12.77 15.09 18.90
C2 MES Q . -12.82 16.20 17.99
C3 MES Q . -14.02 16.10 17.06
N4 MES Q . -13.98 14.78 16.42
C5 MES Q . -14.01 13.64 17.34
C6 MES Q . -12.81 13.81 18.27
C7 MES Q . -14.97 14.69 15.36
C8 MES Q . -14.51 13.66 14.33
S MES Q . -15.81 13.35 13.31
O1S MES Q . -15.37 12.59 12.12
O2S MES Q . -16.85 12.61 14.08
O3S MES Q . -16.41 14.65 12.89
H21 MES Q . -11.91 16.23 17.40
H22 MES Q . -12.89 17.14 18.55
H31 MES Q . -14.95 16.21 17.62
H32 MES Q . -13.99 16.89 16.30
HN4 MES Q . -13.05 14.71 16.01
H51 MES Q . -13.94 12.70 16.79
H52 MES Q . -14.94 13.64 17.90
H61 MES Q . -12.86 13.04 19.04
H62 MES Q . -11.90 13.68 17.70
H71 MES Q . -15.94 14.39 15.78
H72 MES Q . -15.10 15.66 14.88
H81 MES Q . -13.67 14.04 13.75
H82 MES Q . -14.20 12.74 14.81
#